data_9C5U
#
_entry.id   9C5U
#
_cell.length_a   1.00
_cell.length_b   1.00
_cell.length_c   1.00
_cell.angle_alpha   90.00
_cell.angle_beta   90.00
_cell.angle_gamma   90.00
#
_symmetry.space_group_name_H-M   'P 1'
#
loop_
_entity.id
_entity.type
_entity.pdbx_description
1 polymer 'Denticleless protein homolog'
2 polymer 'DNA damage-binding protein 1'
3 polymer 'DET1- and DDB1-associated protein 1'
4 non-polymer "1'-acetyl-1',4'-dihydro-3'H-spiro[cyclopentane-1,2'-quinoxalin]-3'-one"
#
loop_
_entity_poly.entity_id
_entity_poly.type
_entity_poly.pdbx_seq_one_letter_code
_entity_poly.pdbx_strand_id
1 'polypeptide(L)'
;MLFNSVLRQPQLGVLRNGWSSQYPLQSLLTGYQCSGNDEHTSYGETGVPVPPFGCTFSSAPNMEHVLAVANEEGFVRLYN
TESQSFRKKCFKEWMAHWNAVFDLAWVPGELKLVTAAGDQTAKFWDVKAGELIGTCKGHQCSLKSVAFSKFEKAVFCTGG
RDGNIMVWDTRCNKKDGFYRQVNQISGAHNTSDKQTPSKPKKKQNSKGLAPSVDFQQSVTVVLFQDENTLVSAGAVDGII
KVWDLRKNYTAYRQEPIASKSFLYPGSSTRKLGYSSLILDSTGSTLFANCTDDNIYMFNMTGLKTSPVAIFNGHQNSTFY
VKSSLSPDDQFLVSGSSDEAAYIWKVSTPWQPPTVLLGHSQEVTSVCWCPSDFTKIATCSDDNTLKIWRLNRGLEEKPGG
DKLSTVGWASQKKKESRPGLVTVTSSQSTPAKAPRAKCNPSNSSPSSAACAPSCAGDLENLYFQSHHHHHH
;
A
2 'polypeptide(L)'
;MSYNYVVTAQKPTAVNGCVTGHFTSAEDLNLLIAKNTRLEIYVVTAEGLRPVKEVGMYGKIAVMELFRPKGESKDLLFIL
TAKYNACILEYKQSGESIDIITRAHGNVQDRIGRPSETGIIGIIDPECRMIGLRLYDGLFKVIPLDRDNKELKAFNIRLE
ELHVIDVKFLYGCQAPTICFVYQDPQGRHVKTYEVSLREKEFNKGPWKQENVEAEASMVIAVPEPFGGAIIIGQESITYH
NGDKYLAIAPPIIKQSTIVCHNRVDPNGSRYLLGDMEGRLFMLLLEKEEQMDGTVTLKDLRVELLGETSIAECLTYLDNG
VVFVGSRLGDSQLVKLNVDSNEQGSYVVAMETFTNLGPIVDMCVVDLERQGQGQLVTCSGAFKEGSLRIIRNGIGIHEHA
SIDLPGIKGLWPLRSDPNRETDDTLVLSFVGQTRVLMLNGEEVEETELMGFVDDQQTFFCGNVAHQQLIQITSASVRLVS
QEPKALVSEWKEPQAKNISVASCNSSQVVVAVGRALYYLQIHPQELRQISHTEMEHEVACLDITPLGDSNGLSPLCAIGL
WTDISARILKLPSFELLHKEMLGGEIIPRSILMTTFESSHYLLCALGDGALFYFGLNIETGLLSDRKKVTLGTQPTVLRT
FRSLSTTNVFACSDRPTVIYSSNHKLVFSNVNLKEVNYMCPLNSDGYPDSLALANNSTLTIGTIDEIQKLHIRTVPLYES
PRKICYQEVSQCFGVLSSRIEVQDTSGGTTALRPSASTQALSSSVSSSKLFSSSTAPHETSFGEEVEVHNLLIIDQHTFE
VLHAHQFLQNEYALSLVSCKLGKDPNTYFIVGTAMVYPEEAEPKQGRIVVFQYSDGKLQTVAEKEVKGAVYSMVEFNGKL
LASINSTVRLYEWTTEKELRTECNHYNNIMALYLKTKGDFILVGDLMRSVLLLAYKPMEGNFEEIARDFNPNWMSAVEIL
DDDNFLGAENAFNLFVCQKDSAATTDEERQHLQEVGLFHLGEFVNVFCHGSLVMQNLGETSTPTQGSVLFGTVNGMIGLV
TSLSESWYNLLLDMQNRLNKVIKSVGKIEHSFWRSFHTERKTEPATGFIDGDLIESFLDISRPKMQEVVANLQYDDGSGM
KREATADDLIKVVEELTRIH
;
B
3 'polypeptide(L)'
;MADFLKGLPVYNKSNFSRFHADSVCKASNRRPSVYLPTREYPSEQIIVTEKTNILLRYLHQQWDKKNAAKKRDQEQVELE
GESSAPPRKVARTDSPDMHEDT
;
C
#
# COMPACT_ATOMS: atom_id res chain seq x y z
N MET A 1 7.66 -9.52 -19.83
CA MET A 1 7.37 -10.95 -19.73
C MET A 1 6.79 -11.27 -18.36
N LEU A 2 6.35 -12.52 -18.18
CA LEU A 2 5.66 -12.91 -16.96
C LEU A 2 6.59 -12.81 -15.75
N PHE A 3 7.76 -13.46 -15.83
CA PHE A 3 8.66 -13.47 -14.68
C PHE A 3 9.15 -12.08 -14.34
N ASN A 4 9.48 -11.28 -15.36
CA ASN A 4 9.95 -9.92 -15.10
C ASN A 4 8.87 -9.09 -14.43
N SER A 5 7.63 -9.23 -14.87
CA SER A 5 6.53 -8.50 -14.25
C SER A 5 6.35 -8.92 -12.80
N VAL A 6 6.39 -10.22 -12.52
CA VAL A 6 6.25 -10.70 -11.15
C VAL A 6 7.40 -10.19 -10.28
N LEU A 7 8.62 -10.22 -10.80
CA LEU A 7 9.78 -9.80 -10.04
C LEU A 7 9.74 -8.30 -9.75
N ARG A 8 9.32 -7.50 -10.74
CA ARG A 8 9.29 -6.05 -10.56
C ARG A 8 8.02 -5.55 -9.87
N GLN A 9 7.05 -6.43 -9.64
CA GLN A 9 5.84 -5.99 -8.94
C GLN A 9 6.10 -5.43 -7.54
N PRO A 10 6.88 -6.08 -6.67
CA PRO A 10 7.11 -5.50 -5.34
C PRO A 10 7.80 -4.14 -5.38
N GLN A 11 8.75 -3.94 -6.30
CA GLN A 11 9.51 -2.70 -6.30
C GLN A 11 8.70 -1.52 -6.85
N LEU A 12 7.99 -1.74 -7.96
CA LEU A 12 7.32 -0.66 -8.66
C LEU A 12 5.82 -0.65 -8.48
N GLY A 13 5.27 -1.57 -7.68
CA GLY A 13 3.84 -1.54 -7.42
C GLY A 13 3.02 -1.97 -8.63
N VAL A 14 1.82 -1.39 -8.74
CA VAL A 14 0.86 -1.77 -9.75
C VAL A 14 1.09 -0.94 -11.01
N LEU A 15 0.55 -1.42 -12.13
CA LEU A 15 0.64 -0.71 -13.40
C LEU A 15 -0.54 -1.12 -14.27
N ARG A 16 -0.80 -0.31 -15.30
CA ARG A 16 -1.90 -0.54 -16.22
C ARG A 16 -1.35 -1.13 -17.52
N ASN A 17 -1.90 -2.28 -17.92
CA ASN A 17 -1.43 -3.01 -19.10
C ASN A 17 -2.40 -2.94 -20.27
N GLY A 18 -3.50 -2.22 -20.14
CA GLY A 18 -4.51 -2.21 -21.18
C GLY A 18 -5.57 -3.28 -21.04
N TRP A 19 -5.45 -4.17 -20.07
CA TRP A 19 -6.46 -5.18 -19.77
C TRP A 19 -6.60 -5.27 -18.27
N SER A 20 -7.51 -6.14 -17.81
CA SER A 20 -7.84 -6.24 -16.39
C SER A 20 -6.94 -7.23 -15.66
N SER A 21 -5.63 -7.11 -15.80
CA SER A 21 -4.67 -7.92 -15.04
C SER A 21 -3.30 -7.29 -15.17
N GLN A 22 -2.40 -7.70 -14.29
CA GLN A 22 -1.07 -7.07 -14.21
C GLN A 22 0.02 -7.92 -14.82
N TYR A 23 -0.30 -9.06 -15.44
CA TYR A 23 0.75 -9.94 -15.92
C TYR A 23 0.49 -10.36 -17.35
N PRO A 24 1.55 -10.56 -18.14
CA PRO A 24 1.38 -11.15 -19.47
C PRO A 24 1.26 -12.66 -19.41
N LEU A 25 0.07 -13.19 -19.69
CA LEU A 25 -0.22 -14.60 -19.52
C LEU A 25 -0.17 -15.38 -20.83
N GLN A 26 0.51 -14.87 -21.85
CA GLN A 26 0.49 -15.51 -23.15
C GLN A 26 1.27 -16.82 -23.18
N SER A 27 2.16 -17.05 -22.22
CA SER A 27 3.01 -18.23 -22.21
C SER A 27 2.35 -19.44 -21.58
N LEU A 28 1.19 -19.28 -20.94
CA LEU A 28 0.50 -20.39 -20.31
C LEU A 28 -0.57 -21.03 -21.19
N LEU A 29 -0.82 -20.47 -22.37
CA LEU A 29 -1.92 -20.95 -23.20
C LEU A 29 -1.67 -22.38 -23.68
N THR A 30 -0.40 -22.75 -23.88
CA THR A 30 -0.09 -24.10 -24.34
C THR A 30 -0.37 -25.15 -23.28
N GLY A 31 -0.58 -24.74 -22.03
CA GLY A 31 -0.84 -25.68 -20.96
C GLY A 31 -2.26 -26.17 -20.83
N TYR A 32 -3.18 -25.65 -21.65
CA TYR A 32 -4.56 -26.09 -21.56
C TYR A 32 -4.71 -27.52 -22.04
N GLN A 33 -5.45 -28.32 -21.27
CA GLN A 33 -5.58 -29.74 -21.56
C GLN A 33 -6.95 -30.21 -21.11
N CYS A 34 -7.49 -31.20 -21.81
CA CYS A 34 -8.76 -31.82 -21.47
C CYS A 34 -8.52 -33.27 -21.07
N SER A 35 -8.92 -33.62 -19.86
CA SER A 35 -8.73 -34.98 -19.37
C SER A 35 -9.86 -35.88 -19.86
N GLY A 36 -9.64 -37.19 -19.74
CA GLY A 36 -10.67 -38.14 -20.15
C GLY A 36 -11.94 -37.99 -19.35
N ASN A 37 -11.83 -37.66 -18.06
CA ASN A 37 -13.00 -37.47 -17.22
C ASN A 37 -13.63 -36.09 -17.40
N ASP A 38 -13.00 -35.19 -18.14
CA ASP A 38 -13.54 -33.87 -18.40
C ASP A 38 -14.34 -33.79 -19.68
N GLU A 39 -14.44 -34.88 -20.43
CA GLU A 39 -15.20 -34.92 -21.68
C GLU A 39 -16.54 -35.59 -21.43
N HIS A 40 -17.63 -34.90 -21.77
CA HIS A 40 -18.98 -35.38 -21.55
C HIS A 40 -19.70 -35.52 -22.88
N THR A 41 -20.51 -36.56 -23.01
CA THR A 41 -21.27 -36.81 -24.22
C THR A 41 -22.76 -36.57 -23.93
N SER A 42 -23.36 -35.69 -24.70
CA SER A 42 -24.79 -35.39 -24.57
C SER A 42 -25.60 -36.43 -25.31
N TYR A 43 -26.57 -37.02 -24.63
CA TYR A 43 -27.37 -38.10 -25.17
C TYR A 43 -28.83 -37.68 -25.29
N GLY A 44 -29.47 -38.07 -26.39
CA GLY A 44 -30.87 -37.79 -26.59
C GLY A 44 -31.77 -38.79 -25.90
N GLU A 45 -33.08 -38.54 -26.02
CA GLU A 45 -34.05 -39.44 -25.42
C GLU A 45 -34.02 -40.82 -26.05
N THR A 46 -33.87 -40.87 -27.38
CA THR A 46 -33.83 -42.17 -28.06
C THR A 46 -32.60 -42.97 -27.66
N GLY A 47 -31.45 -42.31 -27.53
CA GLY A 47 -30.23 -42.99 -27.14
C GLY A 47 -29.02 -42.52 -27.92
N VAL A 48 -29.23 -42.11 -29.16
CA VAL A 48 -28.11 -41.63 -29.99
C VAL A 48 -27.60 -40.31 -29.42
N PRO A 49 -26.29 -40.04 -29.45
CA PRO A 49 -25.79 -38.76 -28.93
C PRO A 49 -26.28 -37.59 -29.78
N VAL A 50 -26.41 -36.44 -29.14
CA VAL A 50 -26.84 -35.22 -29.81
C VAL A 50 -25.82 -34.12 -29.54
N PRO A 51 -25.59 -33.22 -30.49
CA PRO A 51 -24.55 -32.20 -30.30
C PRO A 51 -25.01 -31.11 -29.36
N PRO A 52 -24.20 -30.76 -28.36
CA PRO A 52 -24.54 -29.63 -27.49
C PRO A 52 -24.49 -28.33 -28.25
N PHE A 53 -25.37 -27.41 -27.88
CA PHE A 53 -25.39 -26.07 -28.48
C PHE A 53 -25.78 -25.06 -27.42
N GLY A 54 -24.87 -24.12 -27.16
CA GLY A 54 -25.10 -23.11 -26.16
C GLY A 54 -24.63 -23.61 -24.81
N CYS A 55 -23.68 -22.91 -24.20
CA CYS A 55 -23.13 -23.35 -22.93
C CYS A 55 -22.33 -22.23 -22.29
N THR A 56 -22.69 -21.88 -21.06
CA THR A 56 -22.10 -20.76 -20.34
C THR A 56 -22.20 -21.04 -18.84
N PHE A 57 -21.43 -20.28 -18.07
CA PHE A 57 -21.33 -20.47 -16.62
C PHE A 57 -22.29 -19.54 -15.90
N SER A 58 -22.73 -19.97 -14.71
CA SER A 58 -23.65 -19.17 -13.91
C SER A 58 -22.91 -18.04 -13.20
N SER A 59 -23.68 -17.04 -12.78
CA SER A 59 -23.16 -15.91 -12.04
C SER A 59 -23.65 -15.85 -10.60
N ALA A 60 -24.40 -16.86 -10.15
CA ALA A 60 -24.92 -16.85 -8.79
C ALA A 60 -23.79 -17.01 -7.78
N PRO A 61 -23.91 -16.40 -6.60
CA PRO A 61 -22.88 -16.55 -5.58
C PRO A 61 -22.72 -18.00 -5.15
N ASN A 62 -21.47 -18.41 -4.92
CA ASN A 62 -21.12 -19.76 -4.49
C ASN A 62 -21.58 -20.82 -5.48
N MET A 63 -21.98 -20.39 -6.68
CA MET A 63 -22.41 -21.30 -7.74
C MET A 63 -21.86 -20.86 -9.10
N GLU A 64 -20.77 -20.11 -9.13
CA GLU A 64 -20.18 -19.63 -10.37
C GLU A 64 -19.45 -20.71 -11.14
N HIS A 65 -19.56 -21.97 -10.72
CA HIS A 65 -18.87 -23.07 -11.38
C HIS A 65 -19.79 -23.97 -12.16
N VAL A 66 -21.10 -23.92 -11.94
CA VAL A 66 -22.03 -24.77 -12.68
C VAL A 66 -22.15 -24.25 -14.10
N LEU A 67 -22.34 -25.18 -15.04
CA LEU A 67 -22.39 -24.86 -16.46
C LEU A 67 -23.67 -25.42 -17.05
N ALA A 68 -24.40 -24.57 -17.79
CA ALA A 68 -25.66 -24.96 -18.41
C ALA A 68 -25.42 -25.25 -19.88
N VAL A 69 -25.82 -26.45 -20.32
CA VAL A 69 -25.57 -26.91 -21.68
C VAL A 69 -26.90 -27.32 -22.30
N ALA A 70 -27.17 -26.82 -23.50
CA ALA A 70 -28.37 -27.16 -24.25
C ALA A 70 -27.99 -27.93 -25.50
N ASN A 71 -28.91 -28.76 -25.98
CA ASN A 71 -28.71 -29.53 -27.19
C ASN A 71 -29.89 -29.32 -28.14
N GLU A 72 -29.86 -30.02 -29.27
CA GLU A 72 -30.88 -29.84 -30.30
C GLU A 72 -32.19 -30.55 -29.99
N GLU A 73 -32.24 -31.34 -28.92
CA GLU A 73 -33.49 -31.97 -28.49
C GLU A 73 -34.20 -31.18 -27.40
N GLY A 74 -33.67 -30.02 -27.02
CA GLY A 74 -34.29 -29.19 -26.01
C GLY A 74 -33.87 -29.48 -24.59
N PHE A 75 -33.07 -30.51 -24.36
CA PHE A 75 -32.61 -30.82 -23.02
C PHE A 75 -31.63 -29.74 -22.53
N VAL A 76 -31.79 -29.35 -21.28
CA VAL A 76 -30.86 -28.45 -20.60
C VAL A 76 -30.26 -29.21 -19.44
N ARG A 77 -28.94 -29.29 -19.40
CA ARG A 77 -28.21 -30.04 -18.39
C ARG A 77 -27.27 -29.10 -17.66
N LEU A 78 -27.33 -29.12 -16.32
CA LEU A 78 -26.44 -28.35 -15.48
C LEU A 78 -25.37 -29.28 -14.92
N TYR A 79 -24.12 -29.04 -15.31
CA TYR A 79 -22.96 -29.78 -14.85
C TYR A 79 -22.24 -28.97 -13.77
N ASN A 80 -21.51 -29.68 -12.92
CA ASN A 80 -20.62 -29.07 -11.94
C ASN A 80 -19.19 -29.22 -12.43
N THR A 81 -18.51 -28.08 -12.66
CA THR A 81 -17.19 -28.07 -13.27
C THR A 81 -16.07 -28.15 -12.25
N GLU A 82 -16.15 -27.41 -11.14
CA GLU A 82 -15.11 -27.47 -10.13
C GLU A 82 -15.13 -28.78 -9.36
N SER A 83 -16.25 -29.50 -9.39
CA SER A 83 -16.34 -30.76 -8.67
C SER A 83 -15.35 -31.78 -9.21
N GLN A 84 -14.78 -32.57 -8.31
CA GLN A 84 -13.80 -33.60 -8.66
C GLN A 84 -14.22 -34.95 -8.10
N SER A 85 -15.52 -35.19 -8.01
CA SER A 85 -16.04 -36.45 -7.48
C SER A 85 -15.83 -37.62 -8.43
N PHE A 86 -15.39 -37.36 -9.66
CA PHE A 86 -15.12 -38.41 -10.65
C PHE A 86 -16.37 -39.26 -10.92
N ARG A 87 -17.52 -38.58 -10.99
CA ARG A 87 -18.78 -39.23 -11.32
C ARG A 87 -19.50 -38.43 -12.40
N LYS A 88 -20.76 -38.76 -12.68
CA LYS A 88 -21.56 -37.97 -13.60
C LYS A 88 -21.66 -36.54 -13.09
N LYS A 89 -21.04 -35.60 -13.81
CA LYS A 89 -21.07 -34.21 -13.39
C LYS A 89 -22.41 -33.54 -13.67
N CYS A 90 -23.28 -34.19 -14.45
CA CYS A 90 -24.58 -33.62 -14.81
C CYS A 90 -25.48 -33.65 -13.58
N PHE A 91 -25.30 -32.66 -12.72
CA PHE A 91 -26.03 -32.62 -11.46
C PHE A 91 -27.50 -32.31 -11.67
N LYS A 92 -27.89 -31.74 -12.81
CA LYS A 92 -29.30 -31.54 -13.11
C LYS A 92 -29.52 -31.69 -14.61
N GLU A 93 -30.74 -32.05 -14.99
CA GLU A 93 -31.09 -32.10 -16.40
C GLU A 93 -32.61 -32.14 -16.53
N TRP A 94 -33.14 -31.46 -17.53
CA TRP A 94 -34.57 -31.48 -17.78
C TRP A 94 -34.85 -31.06 -19.22
N MET A 95 -35.97 -31.56 -19.75
CA MET A 95 -36.41 -31.21 -21.11
C MET A 95 -37.02 -29.82 -21.05
N ALA A 96 -36.24 -28.82 -21.46
CA ALA A 96 -36.73 -27.45 -21.45
C ALA A 96 -37.76 -27.22 -22.54
N HIS A 97 -37.49 -27.73 -23.74
CA HIS A 97 -38.35 -27.54 -24.89
C HIS A 97 -38.42 -28.82 -25.70
N TRP A 98 -39.53 -29.00 -26.41
CA TRP A 98 -39.65 -30.14 -27.32
C TRP A 98 -38.76 -29.96 -28.54
N ASN A 99 -38.63 -28.72 -29.02
CA ASN A 99 -37.78 -28.43 -30.17
C ASN A 99 -36.39 -28.04 -29.69
N ALA A 100 -35.53 -27.65 -30.63
CA ALA A 100 -34.16 -27.30 -30.31
C ALA A 100 -34.10 -26.00 -29.51
N VAL A 101 -33.06 -25.90 -28.68
CA VAL A 101 -32.79 -24.70 -27.87
C VAL A 101 -31.57 -24.02 -28.46
N PHE A 102 -31.70 -22.73 -28.75
CA PHE A 102 -30.66 -21.99 -29.46
C PHE A 102 -29.83 -21.07 -28.58
N ASP A 103 -30.27 -20.79 -27.35
CA ASP A 103 -29.47 -19.95 -26.47
C ASP A 103 -29.93 -20.13 -25.03
N LEU A 104 -28.99 -19.88 -24.11
CA LEU A 104 -29.26 -19.83 -22.69
C LEU A 104 -28.70 -18.53 -22.12
N ALA A 105 -29.31 -18.05 -21.04
CA ALA A 105 -28.88 -16.79 -20.44
C ALA A 105 -29.17 -16.85 -18.94
N TRP A 106 -28.12 -17.05 -18.15
CA TRP A 106 -28.26 -17.02 -16.70
C TRP A 106 -28.66 -15.64 -16.24
N VAL A 107 -29.60 -15.58 -15.31
CA VAL A 107 -29.92 -14.29 -14.68
C VAL A 107 -28.73 -13.85 -13.84
N PRO A 108 -28.28 -12.61 -13.94
CA PRO A 108 -27.08 -12.18 -13.22
C PRO A 108 -27.28 -12.27 -11.71
N GLY A 109 -26.40 -13.01 -11.04
CA GLY A 109 -26.45 -13.13 -9.60
C GLY A 109 -27.51 -14.04 -9.05
N GLU A 110 -28.22 -14.78 -9.90
CA GLU A 110 -29.27 -15.67 -9.44
C GLU A 110 -29.15 -17.02 -10.13
N LEU A 111 -29.72 -18.04 -9.51
CA LEU A 111 -29.76 -19.38 -10.08
C LEU A 111 -31.04 -19.58 -10.91
N LYS A 112 -31.25 -18.66 -11.85
CA LYS A 112 -32.36 -18.71 -12.78
C LYS A 112 -31.83 -18.40 -14.17
N LEU A 113 -32.40 -19.07 -15.17
CA LEU A 113 -31.93 -18.88 -16.54
C LEU A 113 -33.12 -18.83 -17.49
N VAL A 114 -32.83 -18.53 -18.76
CA VAL A 114 -33.85 -18.44 -19.80
C VAL A 114 -33.37 -19.26 -21.00
N THR A 115 -34.26 -20.10 -21.51
CA THR A 115 -33.98 -20.90 -22.70
C THR A 115 -34.83 -20.40 -23.86
N ALA A 116 -34.18 -19.96 -24.92
CA ALA A 116 -34.85 -19.53 -26.15
C ALA A 116 -34.83 -20.70 -27.11
N ALA A 117 -35.99 -21.03 -27.69
CA ALA A 117 -36.08 -22.26 -28.46
C ALA A 117 -36.73 -22.02 -29.81
N GLY A 118 -36.85 -23.11 -30.58
CA GLY A 118 -37.52 -23.15 -31.86
C GLY A 118 -39.01 -23.26 -31.79
N ASP A 119 -39.59 -23.34 -30.59
CA ASP A 119 -41.03 -23.26 -30.42
C ASP A 119 -41.55 -21.85 -30.59
N GLN A 120 -40.72 -20.93 -31.10
CA GLN A 120 -41.06 -19.51 -31.18
C GLN A 120 -41.30 -18.91 -29.81
N THR A 121 -40.67 -19.48 -28.78
CA THR A 121 -40.89 -19.06 -27.40
C THR A 121 -39.57 -19.10 -26.62
N ALA A 122 -39.56 -18.34 -25.53
CA ALA A 122 -38.54 -18.44 -24.50
C ALA A 122 -39.19 -18.93 -23.22
N LYS A 123 -38.41 -19.59 -22.37
CA LYS A 123 -38.92 -20.12 -21.11
C LYS A 123 -38.00 -19.70 -19.97
N PHE A 124 -38.61 -19.19 -18.90
CA PHE A 124 -37.89 -18.76 -17.70
C PHE A 124 -37.85 -19.92 -16.72
N TRP A 125 -36.66 -20.47 -16.49
CA TRP A 125 -36.48 -21.62 -15.62
C TRP A 125 -35.85 -21.20 -14.31
N ASP A 126 -36.52 -21.52 -13.20
CA ASP A 126 -35.99 -21.35 -11.85
C ASP A 126 -35.26 -22.64 -11.50
N VAL A 127 -33.93 -22.58 -11.54
CA VAL A 127 -33.13 -23.80 -11.41
C VAL A 127 -33.25 -24.40 -10.02
N LYS A 128 -33.12 -23.58 -8.98
CA LYS A 128 -33.11 -24.10 -7.61
C LYS A 128 -34.43 -24.77 -7.25
N ALA A 129 -35.55 -24.16 -7.66
CA ALA A 129 -36.86 -24.73 -7.40
C ALA A 129 -37.26 -25.78 -8.43
N GLY A 130 -36.56 -25.87 -9.54
CA GLY A 130 -36.91 -26.84 -10.58
C GLY A 130 -38.29 -26.63 -11.16
N GLU A 131 -38.69 -25.37 -11.35
CA GLU A 131 -40.02 -25.04 -11.85
C GLU A 131 -39.90 -23.97 -12.92
N LEU A 132 -40.91 -23.93 -13.80
CA LEU A 132 -40.95 -22.96 -14.90
C LEU A 132 -41.64 -21.71 -14.39
N ILE A 133 -40.92 -20.58 -14.41
CA ILE A 133 -41.50 -19.32 -13.95
C ILE A 133 -42.54 -18.82 -14.95
N GLY A 134 -42.23 -18.86 -16.23
CA GLY A 134 -43.16 -18.37 -17.23
C GLY A 134 -42.63 -18.61 -18.63
N THR A 135 -43.45 -18.24 -19.61
CA THR A 135 -43.13 -18.42 -21.01
C THR A 135 -43.28 -17.08 -21.73
N CYS A 136 -42.21 -16.64 -22.39
CA CYS A 136 -42.23 -15.44 -23.22
C CYS A 136 -42.64 -15.84 -24.63
N LYS A 137 -43.77 -15.30 -25.08
CA LYS A 137 -44.35 -15.63 -26.38
C LYS A 137 -44.62 -14.33 -27.14
N GLY A 138 -44.55 -14.42 -28.46
CA GLY A 138 -44.69 -13.26 -29.32
C GLY A 138 -43.76 -13.30 -30.50
N HIS A 139 -42.60 -13.93 -30.35
CA HIS A 139 -41.78 -14.27 -31.50
C HIS A 139 -42.54 -15.27 -32.37
N GLN A 140 -42.38 -15.16 -33.69
CA GLN A 140 -43.20 -15.91 -34.61
C GLN A 140 -42.39 -16.84 -35.51
N CYS A 141 -41.05 -16.79 -35.45
CA CYS A 141 -40.32 -17.75 -36.26
C CYS A 141 -39.44 -18.71 -35.46
N SER A 142 -38.40 -18.20 -34.83
CA SER A 142 -37.48 -19.01 -34.05
C SER A 142 -36.54 -18.11 -33.26
N LEU A 143 -36.52 -18.23 -31.94
CA LEU A 143 -35.59 -17.43 -31.16
C LEU A 143 -34.15 -17.89 -31.41
N LYS A 144 -33.27 -16.93 -31.68
CA LYS A 144 -31.88 -17.22 -31.98
C LYS A 144 -30.91 -16.80 -30.87
N SER A 145 -31.26 -15.82 -30.05
CA SER A 145 -30.38 -15.38 -28.99
C SER A 145 -31.19 -14.74 -27.88
N VAL A 146 -30.66 -14.80 -26.66
CA VAL A 146 -31.27 -14.17 -25.49
C VAL A 146 -30.15 -13.56 -24.66
N ALA A 147 -30.39 -12.33 -24.18
CA ALA A 147 -29.36 -11.58 -23.48
C ALA A 147 -29.93 -10.90 -22.24
N PHE A 148 -29.17 -10.98 -21.15
CA PHE A 148 -29.42 -10.25 -19.91
C PHE A 148 -28.32 -9.22 -19.71
N SER A 149 -28.71 -8.04 -19.25
CA SER A 149 -27.72 -7.05 -18.84
C SER A 149 -27.15 -7.42 -17.47
N LYS A 150 -25.85 -7.15 -17.30
CA LYS A 150 -25.23 -7.40 -16.00
C LYS A 150 -25.74 -6.47 -14.92
N PHE A 151 -26.36 -5.34 -15.31
CA PHE A 151 -26.77 -4.31 -14.37
C PHE A 151 -28.23 -4.44 -13.96
N GLU A 152 -28.96 -5.42 -14.49
CA GLU A 152 -30.36 -5.62 -14.12
C GLU A 152 -30.70 -7.08 -14.32
N LYS A 153 -31.65 -7.57 -13.51
CA LYS A 153 -32.02 -8.98 -13.54
C LYS A 153 -33.49 -9.20 -13.84
N ALA A 154 -34.19 -8.20 -14.38
CA ALA A 154 -35.61 -8.31 -14.66
C ALA A 154 -35.97 -8.07 -16.12
N VAL A 155 -35.09 -7.47 -16.91
CA VAL A 155 -35.36 -7.17 -18.31
C VAL A 155 -34.34 -7.93 -19.16
N PHE A 156 -34.83 -8.68 -20.13
CA PHE A 156 -33.96 -9.41 -21.05
C PHE A 156 -34.48 -9.28 -22.48
N CYS A 157 -33.57 -9.37 -23.43
CA CYS A 157 -33.88 -9.20 -24.84
C CYS A 157 -33.72 -10.51 -25.59
N THR A 158 -34.67 -10.81 -26.48
CA THR A 158 -34.63 -12.01 -27.30
C THR A 158 -34.64 -11.61 -28.77
N GLY A 159 -33.66 -12.11 -29.51
CA GLY A 159 -33.61 -11.90 -30.95
C GLY A 159 -33.92 -13.18 -31.69
N GLY A 160 -34.82 -13.12 -32.66
CA GLY A 160 -35.32 -14.30 -33.32
C GLY A 160 -35.13 -14.24 -34.82
N ARG A 161 -35.54 -15.34 -35.47
CA ARG A 161 -35.42 -15.46 -36.92
C ARG A 161 -36.37 -14.53 -37.66
N ASP A 162 -37.48 -14.13 -37.04
CA ASP A 162 -38.45 -13.26 -37.69
C ASP A 162 -37.91 -11.87 -37.97
N GLY A 163 -36.76 -11.52 -37.41
CA GLY A 163 -36.20 -10.19 -37.57
C GLY A 163 -36.61 -9.20 -36.50
N ASN A 164 -37.12 -9.68 -35.37
CA ASN A 164 -37.59 -8.82 -34.29
C ASN A 164 -36.69 -8.98 -33.07
N ILE A 165 -36.47 -7.87 -32.38
CA ILE A 165 -35.81 -7.87 -31.08
C ILE A 165 -36.86 -7.54 -30.04
N MET A 166 -37.16 -8.50 -29.16
CA MET A 166 -38.30 -8.41 -28.27
C MET A 166 -37.78 -8.26 -26.85
N VAL A 167 -38.16 -7.18 -26.18
CA VAL A 167 -37.66 -6.84 -24.85
C VAL A 167 -38.74 -7.20 -23.85
N TRP A 168 -38.43 -8.15 -22.96
CA TRP A 168 -39.35 -8.66 -21.96
C TRP A 168 -38.92 -8.21 -20.58
N ASP A 169 -39.90 -7.85 -19.75
CA ASP A 169 -39.68 -7.50 -18.35
C ASP A 169 -40.43 -8.50 -17.48
N THR A 170 -39.71 -9.12 -16.55
CA THR A 170 -40.35 -10.09 -15.67
C THR A 170 -41.24 -9.42 -14.63
N ARG A 171 -41.03 -8.13 -14.38
CA ARG A 171 -41.86 -7.43 -13.40
C ARG A 171 -43.28 -7.21 -13.92
N CYS A 172 -43.43 -7.04 -15.24
CA CYS A 172 -44.74 -6.83 -15.81
C CYS A 172 -45.61 -8.06 -15.64
N ASN A 173 -46.92 -7.83 -15.45
CA ASN A 173 -47.84 -8.92 -15.19
C ASN A 173 -48.00 -9.81 -16.41
N LYS A 174 -48.18 -11.10 -16.18
CA LYS A 174 -48.46 -12.08 -17.22
C LYS A 174 -49.93 -12.45 -17.18
N LYS A 175 -50.62 -12.32 -18.31
CA LYS A 175 -52.07 -12.51 -18.34
C LYS A 175 -52.45 -13.93 -17.96
N ASP A 176 -51.77 -14.93 -18.53
CA ASP A 176 -52.07 -16.33 -18.27
C ASP A 176 -50.78 -17.12 -18.06
N GLY A 177 -49.83 -16.52 -17.36
CA GLY A 177 -48.51 -17.10 -17.23
C GLY A 177 -47.60 -16.85 -18.41
N PHE A 178 -48.09 -16.16 -19.44
CA PHE A 178 -47.32 -15.86 -20.63
C PHE A 178 -46.88 -14.40 -20.58
N TYR A 179 -45.57 -14.17 -20.58
CA TYR A 179 -45.06 -12.81 -20.54
C TYR A 179 -45.36 -12.09 -21.84
N ARG A 180 -45.78 -10.83 -21.73
CA ARG A 180 -45.99 -9.97 -22.88
C ARG A 180 -44.85 -8.95 -22.94
N GLN A 181 -44.42 -8.66 -24.16
CA GLN A 181 -43.23 -7.83 -24.34
C GLN A 181 -43.42 -6.43 -23.77
N VAL A 182 -42.34 -5.87 -23.24
CA VAL A 182 -42.36 -4.46 -22.86
C VAL A 182 -41.84 -3.57 -23.98
N ASN A 183 -41.08 -4.12 -24.93
CA ASN A 183 -40.65 -3.34 -26.09
C ASN A 183 -40.44 -4.28 -27.26
N GLN A 184 -40.42 -3.71 -28.47
CA GLN A 184 -40.24 -4.51 -29.66
C GLN A 184 -39.64 -3.67 -30.78
N ILE A 185 -38.59 -4.19 -31.41
CA ILE A 185 -37.98 -3.59 -32.59
C ILE A 185 -38.24 -4.54 -33.75
N SER A 186 -39.02 -4.08 -34.73
CA SER A 186 -39.43 -4.90 -35.85
C SER A 186 -38.56 -4.59 -37.06
N GLY A 187 -38.11 -5.64 -37.75
CA GLY A 187 -37.25 -5.44 -38.90
C GLY A 187 -35.94 -4.76 -38.56
N ALA A 188 -35.29 -5.19 -37.48
CA ALA A 188 -34.06 -4.55 -37.05
C ALA A 188 -32.96 -4.68 -38.10
N HIS A 189 -32.81 -5.85 -38.69
CA HIS A 189 -31.77 -6.12 -39.67
C HIS A 189 -32.43 -6.52 -40.99
N ASN A 190 -32.72 -5.52 -41.81
CA ASN A 190 -33.37 -5.71 -43.10
C ASN A 190 -32.48 -5.13 -44.20
N THR A 191 -32.26 -5.92 -45.25
CA THR A 191 -31.50 -5.46 -46.40
C THR A 191 -32.48 -4.83 -47.40
N SER A 192 -32.46 -3.50 -47.47
CA SER A 192 -33.39 -2.80 -48.36
C SER A 192 -33.09 -3.11 -49.82
N ASP A 193 -31.82 -3.15 -50.20
CA ASP A 193 -31.39 -3.40 -51.57
C ASP A 193 -32.04 -2.41 -52.55
N ASP A 214 -37.55 -17.82 -47.00
CA ASP A 214 -37.35 -16.91 -48.13
C ASP A 214 -36.87 -15.55 -47.64
N PHE A 215 -37.75 -14.84 -46.93
CA PHE A 215 -37.42 -13.54 -46.35
C PHE A 215 -36.24 -13.69 -45.40
N GLN A 216 -36.46 -14.41 -44.30
CA GLN A 216 -35.42 -14.83 -43.36
C GLN A 216 -34.38 -13.76 -43.06
N GLN A 217 -34.79 -12.49 -42.96
CA GLN A 217 -33.89 -11.42 -42.57
C GLN A 217 -33.78 -11.43 -41.05
N SER A 218 -33.07 -12.44 -40.55
CA SER A 218 -33.02 -12.75 -39.13
C SER A 218 -31.91 -11.97 -38.44
N VAL A 219 -32.12 -11.74 -37.14
CA VAL A 219 -31.07 -11.24 -36.26
C VAL A 219 -30.45 -12.46 -35.59
N THR A 220 -29.12 -12.52 -35.56
CA THR A 220 -28.47 -13.72 -35.05
C THR A 220 -28.12 -13.59 -33.57
N VAL A 221 -27.54 -12.46 -33.16
CA VAL A 221 -27.05 -12.29 -31.80
C VAL A 221 -27.50 -10.94 -31.27
N VAL A 222 -27.98 -10.95 -30.03
CA VAL A 222 -28.42 -9.77 -29.30
C VAL A 222 -27.68 -9.74 -27.97
N LEU A 223 -27.17 -8.57 -27.59
CA LEU A 223 -26.31 -8.45 -26.44
C LEU A 223 -26.57 -7.12 -25.74
N PHE A 224 -26.26 -7.07 -24.45
CA PHE A 224 -26.51 -5.89 -23.63
C PHE A 224 -25.19 -5.22 -23.26
N GLN A 225 -25.14 -3.90 -23.46
CA GLN A 225 -24.00 -3.10 -22.98
C GLN A 225 -24.34 -2.35 -21.71
N ASP A 226 -25.56 -1.84 -21.61
CA ASP A 226 -26.06 -1.17 -20.42
C ASP A 226 -27.47 -1.64 -20.11
N GLU A 227 -28.14 -0.97 -19.18
CA GLU A 227 -29.56 -1.27 -18.95
C GLU A 227 -30.46 -0.59 -19.97
N ASN A 228 -29.90 0.27 -20.82
CA ASN A 228 -30.67 0.95 -21.85
C ASN A 228 -30.08 0.81 -23.25
N THR A 229 -28.88 0.27 -23.39
CA THR A 229 -28.19 0.17 -24.67
C THR A 229 -28.08 -1.30 -25.07
N LEU A 230 -28.44 -1.62 -26.30
CA LEU A 230 -28.41 -2.98 -26.81
C LEU A 230 -27.65 -3.03 -28.13
N VAL A 231 -26.84 -4.07 -28.31
CA VAL A 231 -26.06 -4.27 -29.52
C VAL A 231 -26.59 -5.52 -30.22
N SER A 232 -26.97 -5.36 -31.48
CA SER A 232 -27.56 -6.46 -32.24
C SER A 232 -26.82 -6.65 -33.56
N ALA A 233 -26.78 -7.89 -34.01
CA ALA A 233 -26.19 -8.21 -35.30
C ALA A 233 -27.13 -9.10 -36.09
N GLY A 234 -27.12 -8.93 -37.42
CA GLY A 234 -27.99 -9.67 -38.30
C GLY A 234 -27.31 -10.85 -38.95
N ALA A 235 -28.03 -11.48 -39.88
CA ALA A 235 -27.53 -12.63 -40.60
C ALA A 235 -27.07 -12.32 -42.01
N VAL A 236 -27.63 -11.30 -42.66
CA VAL A 236 -27.24 -10.94 -44.02
C VAL A 236 -26.99 -9.44 -44.10
N ASP A 237 -27.43 -8.70 -43.07
CA ASP A 237 -27.31 -7.24 -43.10
C ASP A 237 -25.84 -6.81 -43.13
N GLY A 238 -25.01 -7.41 -42.30
CA GLY A 238 -23.61 -7.03 -42.22
C GLY A 238 -23.32 -5.78 -41.42
N ILE A 239 -24.33 -5.20 -40.78
CA ILE A 239 -24.18 -3.98 -39.99
C ILE A 239 -24.53 -4.29 -38.54
N ILE A 240 -23.66 -3.90 -37.63
CA ILE A 240 -23.91 -4.08 -36.20
C ILE A 240 -24.58 -2.83 -35.67
N LYS A 241 -25.78 -2.97 -35.12
CA LYS A 241 -26.60 -1.82 -34.76
C LYS A 241 -26.72 -1.71 -33.25
N VAL A 242 -26.85 -0.46 -32.78
CA VAL A 242 -26.99 -0.17 -31.36
C VAL A 242 -28.31 0.56 -31.15
N TRP A 243 -29.12 0.05 -30.23
CA TRP A 243 -30.45 0.57 -29.96
C TRP A 243 -30.53 1.09 -28.53
N ASP A 244 -31.15 2.27 -28.38
CA ASP A 244 -31.42 2.82 -27.06
C ASP A 244 -32.78 2.32 -26.60
N LEU A 245 -32.78 1.43 -25.62
CA LEU A 245 -34.01 0.80 -25.16
C LEU A 245 -34.93 1.76 -24.41
N ARG A 246 -34.44 2.95 -24.04
CA ARG A 246 -35.32 3.95 -23.45
C ARG A 246 -36.36 4.42 -24.46
N LYS A 247 -35.97 4.52 -25.73
CA LYS A 247 -36.92 4.84 -26.78
C LYS A 247 -37.89 3.69 -27.00
N ASN A 248 -39.09 4.02 -27.48
CA ASN A 248 -40.14 3.05 -27.74
C ASN A 248 -40.16 2.76 -29.24
N TYR A 249 -39.70 1.57 -29.62
CA TYR A 249 -39.65 1.17 -31.02
C TYR A 249 -40.91 0.44 -31.48
N THR A 250 -41.82 0.10 -30.56
CA THR A 250 -43.03 -0.63 -30.95
C THR A 250 -43.91 0.20 -31.88
N ALA A 251 -44.08 1.49 -31.56
CA ALA A 251 -44.93 2.35 -32.37
C ALA A 251 -44.31 2.69 -33.71
N TYR A 252 -43.04 2.34 -33.92
CA TYR A 252 -42.34 2.69 -35.16
C TYR A 252 -42.82 1.83 -36.32
N ARG A 253 -43.83 2.30 -37.05
CA ARG A 253 -44.26 1.60 -38.25
C ARG A 253 -43.16 1.57 -39.30
N GLN A 254 -42.43 2.67 -39.43
CA GLN A 254 -41.30 2.72 -40.35
C GLN A 254 -40.13 1.93 -39.78
N GLU A 255 -39.11 1.73 -40.61
CA GLU A 255 -37.94 0.97 -40.19
C GLU A 255 -37.20 1.73 -39.09
N PRO A 256 -36.90 1.09 -37.97
CA PRO A 256 -36.19 1.79 -36.88
C PRO A 256 -34.77 2.15 -37.28
N ILE A 257 -34.27 3.21 -36.67
CA ILE A 257 -32.94 3.73 -36.94
C ILE A 257 -32.09 3.54 -35.69
N ALA A 258 -30.95 2.87 -35.83
CA ALA A 258 -30.08 2.63 -34.70
C ALA A 258 -29.35 3.89 -34.29
N SER A 259 -29.06 3.99 -32.98
CA SER A 259 -28.27 5.13 -32.49
C SER A 259 -26.86 5.11 -33.08
N LYS A 260 -26.24 3.94 -33.13
CA LYS A 260 -24.93 3.77 -33.74
C LYS A 260 -24.96 2.56 -34.65
N SER A 261 -24.13 2.58 -35.68
CA SER A 261 -24.06 1.47 -36.62
C SER A 261 -22.62 1.28 -37.08
N PHE A 262 -22.12 0.07 -36.92
CA PHE A 262 -20.82 -0.33 -37.44
C PHE A 262 -21.04 -1.06 -38.76
N LEU A 263 -20.65 -0.42 -39.85
CA LEU A 263 -20.80 -1.03 -41.17
C LEU A 263 -19.81 -2.17 -41.34
N TYR A 264 -20.03 -2.97 -42.37
CA TYR A 264 -19.19 -4.15 -42.58
C TYR A 264 -17.80 -3.72 -43.02
N PRO A 265 -16.76 -4.01 -42.24
CA PRO A 265 -15.40 -3.64 -42.65
C PRO A 265 -14.69 -4.75 -43.41
N GLY A 266 -15.06 -4.99 -44.65
CA GLY A 266 -14.42 -6.05 -45.40
C GLY A 266 -14.66 -5.88 -46.89
N SER A 267 -13.88 -6.64 -47.66
CA SER A 267 -13.95 -6.62 -49.11
C SER A 267 -14.87 -7.70 -49.67
N SER A 268 -15.42 -8.58 -48.82
CA SER A 268 -16.29 -9.63 -49.29
C SER A 268 -17.62 -9.05 -49.75
N THR A 269 -18.10 -9.51 -50.90
CA THR A 269 -19.35 -9.01 -51.48
C THR A 269 -20.54 -9.92 -51.24
N ARG A 270 -20.39 -10.96 -50.41
CA ARG A 270 -21.48 -11.88 -50.13
C ARG A 270 -22.46 -11.24 -49.16
N LYS A 271 -23.49 -11.98 -48.78
CA LYS A 271 -24.46 -11.52 -47.79
C LYS A 271 -23.87 -11.79 -46.41
N LEU A 272 -22.99 -10.89 -45.98
CA LEU A 272 -22.23 -11.11 -44.76
C LEU A 272 -23.10 -10.93 -43.53
N GLY A 273 -22.85 -11.76 -42.52
CA GLY A 273 -23.56 -11.66 -41.26
C GLY A 273 -22.66 -12.04 -40.11
N TYR A 274 -23.07 -11.65 -38.92
CA TYR A 274 -22.29 -11.87 -37.71
C TYR A 274 -22.95 -12.96 -36.87
N SER A 275 -22.13 -13.93 -36.43
CA SER A 275 -22.64 -15.07 -35.69
C SER A 275 -22.52 -14.91 -34.18
N SER A 276 -21.81 -13.89 -33.70
CA SER A 276 -21.62 -13.73 -32.26
C SER A 276 -21.08 -12.34 -31.96
N LEU A 277 -21.60 -11.74 -30.90
CA LEU A 277 -21.08 -10.49 -30.34
C LEU A 277 -20.65 -10.74 -28.90
N ILE A 278 -19.53 -10.15 -28.51
CA ILE A 278 -18.99 -10.32 -27.17
C ILE A 278 -18.46 -8.98 -26.69
N LEU A 279 -18.77 -8.63 -25.44
CA LEU A 279 -18.26 -7.43 -24.80
C LEU A 279 -17.32 -7.80 -23.68
N ASP A 280 -16.25 -7.03 -23.52
CA ASP A 280 -15.33 -7.25 -22.43
C ASP A 280 -15.94 -6.78 -21.11
N SER A 281 -15.18 -6.94 -20.03
CA SER A 281 -15.69 -6.57 -18.71
C SER A 281 -16.02 -5.09 -18.63
N THR A 282 -15.17 -4.24 -19.20
CA THR A 282 -15.44 -2.80 -19.21
C THR A 282 -16.65 -2.47 -20.08
N GLY A 283 -16.83 -3.19 -21.17
CA GLY A 283 -17.91 -2.93 -22.10
C GLY A 283 -17.57 -1.98 -23.22
N SER A 284 -16.36 -1.42 -23.23
CA SER A 284 -15.99 -0.46 -24.27
C SER A 284 -15.66 -1.16 -25.59
N THR A 285 -15.14 -2.38 -25.51
CA THR A 285 -14.63 -3.09 -26.68
C THR A 285 -15.61 -4.21 -27.06
N LEU A 286 -15.93 -4.29 -28.35
CA LEU A 286 -16.87 -5.27 -28.87
C LEU A 286 -16.19 -6.15 -29.91
N PHE A 287 -16.27 -7.46 -29.73
CA PHE A 287 -15.71 -8.43 -30.66
C PHE A 287 -16.88 -9.09 -31.40
N ALA A 288 -16.82 -9.06 -32.73
CA ALA A 288 -17.88 -9.58 -33.57
C ALA A 288 -17.31 -10.66 -34.48
N ASN A 289 -17.85 -11.88 -34.39
CA ASN A 289 -17.50 -12.92 -35.34
C ASN A 289 -18.29 -12.71 -36.62
N CYS A 290 -17.61 -12.79 -37.76
CA CYS A 290 -18.23 -12.57 -39.05
C CYS A 290 -18.13 -13.84 -39.89
N THR A 291 -19.08 -14.00 -40.80
CA THR A 291 -19.15 -15.19 -41.65
C THR A 291 -17.95 -15.32 -42.58
N ASP A 292 -17.22 -14.24 -42.84
CA ASP A 292 -16.09 -14.28 -43.77
C ASP A 292 -14.81 -14.70 -43.06
N ASP A 293 -14.95 -15.44 -41.95
CA ASP A 293 -13.83 -16.01 -41.21
C ASP A 293 -12.95 -14.92 -40.58
N ASN A 294 -13.59 -13.89 -40.01
CA ASN A 294 -12.89 -12.82 -39.34
C ASN A 294 -13.56 -12.52 -38.01
N ILE A 295 -12.80 -11.90 -37.11
CA ILE A 295 -13.33 -11.38 -35.87
C ILE A 295 -12.91 -9.92 -35.77
N TYR A 296 -13.88 -9.02 -35.78
CA TYR A 296 -13.62 -7.59 -35.80
C TYR A 296 -13.81 -7.01 -34.41
N MET A 297 -12.81 -6.29 -33.93
CA MET A 297 -12.83 -5.67 -32.61
C MET A 297 -12.99 -4.16 -32.80
N PHE A 298 -14.13 -3.64 -32.32
CA PHE A 298 -14.48 -2.23 -32.39
C PHE A 298 -14.46 -1.64 -30.99
N ASN A 299 -14.40 -0.31 -30.94
CA ASN A 299 -14.50 0.45 -29.70
C ASN A 299 -15.86 1.12 -29.62
N MET A 300 -16.57 0.90 -28.52
CA MET A 300 -17.94 1.39 -28.36
C MET A 300 -18.01 2.73 -27.63
N THR A 301 -16.89 3.30 -27.23
CA THR A 301 -16.88 4.56 -26.50
C THR A 301 -16.44 5.75 -27.34
N GLY A 302 -15.48 5.56 -28.25
CA GLY A 302 -14.95 6.64 -29.05
C GLY A 302 -15.76 6.91 -30.30
N LEU A 303 -15.19 7.74 -31.17
CA LEU A 303 -15.79 8.08 -32.44
C LEU A 303 -15.31 7.21 -33.60
N LYS A 304 -14.48 6.22 -33.31
CA LYS A 304 -13.90 5.36 -34.34
C LYS A 304 -14.85 4.20 -34.62
N THR A 305 -15.56 4.26 -35.73
CA THR A 305 -16.46 3.20 -36.15
C THR A 305 -15.75 2.12 -36.96
N SER A 306 -14.51 2.34 -37.36
CA SER A 306 -13.73 1.31 -38.04
C SER A 306 -13.23 0.29 -37.01
N PRO A 307 -12.95 -0.94 -37.45
CA PRO A 307 -12.52 -1.97 -36.49
C PRO A 307 -11.16 -1.63 -35.90
N VAL A 308 -11.07 -1.73 -34.57
CA VAL A 308 -9.79 -1.51 -33.90
C VAL A 308 -8.81 -2.64 -34.23
N ALA A 309 -9.30 -3.87 -34.31
CA ALA A 309 -8.43 -4.99 -34.61
C ALA A 309 -9.17 -6.04 -35.43
N ILE A 310 -8.40 -6.90 -36.09
CA ILE A 310 -8.94 -8.01 -36.86
C ILE A 310 -8.19 -9.28 -36.47
N PHE A 311 -8.94 -10.33 -36.12
CA PHE A 311 -8.38 -11.63 -35.79
C PHE A 311 -8.84 -12.63 -36.83
N ASN A 312 -7.91 -13.46 -37.32
CA ASN A 312 -8.23 -14.44 -38.33
C ASN A 312 -7.33 -15.65 -38.19
N GLY A 313 -7.76 -16.76 -38.79
CA GLY A 313 -7.04 -18.01 -38.71
C GLY A 313 -7.99 -19.18 -38.55
N HIS A 314 -9.24 -18.88 -38.20
CA HIS A 314 -10.27 -19.88 -38.00
C HIS A 314 -11.20 -19.91 -39.21
N GLN A 315 -12.27 -20.68 -39.12
CA GLN A 315 -13.25 -20.80 -40.19
C GLN A 315 -14.65 -20.64 -39.59
N ASN A 316 -15.24 -19.46 -39.77
CA ASN A 316 -16.59 -19.20 -39.29
C ASN A 316 -17.61 -19.43 -40.39
N SER A 317 -17.69 -20.69 -40.84
CA SER A 317 -18.55 -21.03 -41.96
C SER A 317 -20.03 -20.91 -41.60
N THR A 318 -20.41 -21.45 -40.45
CA THR A 318 -21.81 -21.47 -40.03
C THR A 318 -22.05 -20.43 -38.94
N PHE A 319 -23.33 -20.19 -38.66
CA PHE A 319 -23.74 -19.21 -37.66
C PHE A 319 -23.67 -19.77 -36.25
N TYR A 320 -23.31 -21.04 -36.09
CA TYR A 320 -23.23 -21.68 -34.78
C TYR A 320 -21.91 -21.38 -34.08
N VAL A 321 -20.92 -20.86 -34.78
CA VAL A 321 -19.62 -20.56 -34.19
C VAL A 321 -19.74 -19.33 -33.31
N LYS A 322 -19.28 -19.46 -32.06
CA LYS A 322 -19.37 -18.37 -31.09
C LYS A 322 -18.04 -18.23 -30.37
N SER A 323 -17.82 -17.04 -29.79
CA SER A 323 -16.57 -16.71 -29.14
C SER A 323 -16.83 -16.21 -27.72
N SER A 324 -15.73 -16.05 -26.97
CA SER A 324 -15.78 -15.60 -25.59
C SER A 324 -14.45 -14.95 -25.24
N LEU A 325 -14.45 -14.24 -24.12
CA LEU A 325 -13.27 -13.51 -23.67
C LEU A 325 -12.81 -14.04 -22.31
N SER A 326 -11.52 -13.91 -22.06
CA SER A 326 -10.96 -14.30 -20.78
C SER A 326 -11.47 -13.39 -19.67
N PRO A 327 -11.46 -13.87 -18.42
CA PRO A 327 -11.97 -13.02 -17.32
C PRO A 327 -11.26 -11.69 -17.20
N ASP A 328 -9.99 -11.60 -17.58
CA ASP A 328 -9.25 -10.35 -17.54
C ASP A 328 -9.22 -9.62 -18.87
N ASP A 329 -10.01 -10.07 -19.85
CA ASP A 329 -10.10 -9.50 -21.19
C ASP A 329 -8.79 -9.60 -21.95
N GLN A 330 -7.85 -10.43 -21.49
CA GLN A 330 -6.56 -10.53 -22.16
C GLN A 330 -6.65 -11.31 -23.45
N PHE A 331 -7.38 -12.43 -23.45
CA PHE A 331 -7.41 -13.35 -24.58
C PHE A 331 -8.83 -13.54 -25.08
N LEU A 332 -8.95 -13.84 -26.36
CA LEU A 332 -10.22 -14.12 -27.01
C LEU A 332 -10.17 -15.53 -27.58
N VAL A 333 -11.15 -16.36 -27.22
CA VAL A 333 -11.25 -17.73 -27.68
C VAL A 333 -12.46 -17.85 -28.59
N SER A 334 -12.27 -18.49 -29.74
CA SER A 334 -13.35 -18.63 -30.71
C SER A 334 -13.36 -20.03 -31.31
N GLY A 335 -14.56 -20.55 -31.51
CA GLY A 335 -14.70 -21.82 -32.21
C GLY A 335 -14.50 -21.67 -33.70
N SER A 336 -14.56 -22.79 -34.40
CA SER A 336 -14.38 -22.79 -35.85
C SER A 336 -14.89 -24.10 -36.42
N SER A 337 -15.06 -24.10 -37.74
CA SER A 337 -15.33 -25.32 -38.50
C SER A 337 -14.06 -26.09 -38.81
N ASP A 338 -12.90 -25.56 -38.42
CA ASP A 338 -11.61 -26.23 -38.55
C ASP A 338 -11.52 -27.41 -37.60
N GLU A 339 -12.49 -27.56 -36.69
CA GLU A 339 -12.53 -28.55 -35.62
C GLU A 339 -11.50 -28.24 -34.54
N ALA A 340 -11.38 -26.96 -34.20
CA ALA A 340 -10.46 -26.52 -33.16
C ALA A 340 -10.91 -25.16 -32.65
N ALA A 341 -10.43 -24.81 -31.46
CA ALA A 341 -10.69 -23.53 -30.84
C ALA A 341 -9.43 -22.68 -30.87
N TYR A 342 -9.56 -21.44 -31.30
CA TYR A 342 -8.42 -20.54 -31.49
C TYR A 342 -8.40 -19.48 -30.40
N ILE A 343 -7.24 -19.27 -29.79
CA ILE A 343 -7.05 -18.28 -28.75
C ILE A 343 -6.07 -17.23 -29.28
N TRP A 344 -6.52 -15.98 -29.32
CA TRP A 344 -5.68 -14.85 -29.72
C TRP A 344 -5.49 -13.92 -28.54
N LYS A 345 -4.28 -13.44 -28.36
CA LYS A 345 -4.06 -12.34 -27.42
C LYS A 345 -4.61 -11.06 -28.03
N VAL A 346 -5.48 -10.37 -27.28
CA VAL A 346 -6.15 -9.19 -27.82
C VAL A 346 -5.14 -8.09 -28.14
N SER A 347 -4.14 -7.91 -27.28
CA SER A 347 -3.17 -6.85 -27.48
C SER A 347 -2.34 -7.06 -28.75
N THR A 348 -2.12 -8.31 -29.15
CA THR A 348 -1.28 -8.65 -30.30
C THR A 348 -2.07 -9.54 -31.25
N PRO A 349 -2.95 -8.96 -32.07
CA PRO A 349 -3.69 -9.78 -33.05
C PRO A 349 -2.79 -10.43 -34.09
N TRP A 350 -1.61 -9.86 -34.35
CA TRP A 350 -0.75 -10.37 -35.41
C TRP A 350 -0.12 -11.70 -35.05
N GLN A 351 0.00 -12.01 -33.76
CA GLN A 351 0.64 -13.24 -33.34
C GLN A 351 -0.21 -14.45 -33.72
N PRO A 352 0.42 -15.57 -34.05
CA PRO A 352 -0.33 -16.79 -34.35
C PRO A 352 -1.15 -17.25 -33.16
N PRO A 353 -2.35 -17.78 -33.38
CA PRO A 353 -3.20 -18.19 -32.26
C PRO A 353 -2.76 -19.52 -31.67
N THR A 354 -3.34 -19.83 -30.51
CA THR A 354 -3.15 -21.12 -29.87
C THR A 354 -4.35 -22.00 -30.17
N VAL A 355 -4.10 -23.22 -30.61
CA VAL A 355 -5.12 -24.13 -31.13
C VAL A 355 -5.39 -25.20 -30.09
N LEU A 356 -6.66 -25.37 -29.73
CA LEU A 356 -7.08 -26.38 -28.77
C LEU A 356 -7.59 -27.62 -29.52
N LEU A 357 -6.64 -28.42 -29.99
CA LEU A 357 -6.97 -29.59 -30.78
C LEU A 357 -7.57 -30.68 -29.90
N GLY A 358 -8.36 -31.56 -30.53
CA GLY A 358 -8.95 -32.67 -29.83
C GLY A 358 -10.39 -32.96 -30.23
N HIS A 359 -11.13 -31.94 -30.62
CA HIS A 359 -12.50 -32.15 -31.09
C HIS A 359 -12.49 -32.81 -32.46
N SER A 360 -13.42 -33.74 -32.66
CA SER A 360 -13.52 -34.48 -33.91
C SER A 360 -14.44 -33.81 -34.93
N GLN A 361 -15.15 -32.75 -34.55
CA GLN A 361 -16.04 -32.05 -35.45
C GLN A 361 -15.96 -30.56 -35.16
N GLU A 362 -16.86 -29.79 -35.77
CA GLU A 362 -16.82 -28.34 -35.64
C GLU A 362 -17.01 -27.92 -34.18
N VAL A 363 -16.14 -27.03 -33.71
CA VAL A 363 -16.26 -26.47 -32.37
C VAL A 363 -17.30 -25.36 -32.43
N THR A 364 -18.43 -25.58 -31.77
CA THR A 364 -19.58 -24.70 -31.94
C THR A 364 -19.53 -23.52 -30.97
N SER A 365 -19.53 -23.80 -29.67
CA SER A 365 -19.57 -22.75 -28.65
C SER A 365 -18.35 -22.85 -27.75
N VAL A 366 -17.86 -21.70 -27.31
CA VAL A 366 -16.77 -21.64 -26.34
C VAL A 366 -17.18 -20.71 -25.21
N CYS A 367 -16.60 -20.94 -24.04
CA CYS A 367 -16.91 -20.12 -22.87
C CYS A 367 -15.71 -20.16 -21.94
N TRP A 368 -14.98 -19.05 -21.86
CA TRP A 368 -14.00 -18.86 -20.80
C TRP A 368 -14.72 -18.56 -19.49
N CYS A 369 -14.34 -19.26 -18.44
CA CYS A 369 -15.04 -19.11 -17.17
C CYS A 369 -14.78 -17.71 -16.61
N PRO A 370 -15.83 -16.91 -16.39
CA PRO A 370 -15.60 -15.56 -15.86
C PRO A 370 -14.94 -15.55 -14.48
N SER A 371 -15.16 -16.57 -13.68
CA SER A 371 -14.59 -16.66 -12.34
C SER A 371 -13.39 -17.58 -12.27
N ASP A 372 -12.86 -18.02 -13.42
CA ASP A 372 -11.71 -18.92 -13.42
C ASP A 372 -10.98 -18.79 -14.75
N PHE A 373 -9.79 -18.23 -14.72
CA PHE A 373 -8.94 -18.18 -15.91
C PHE A 373 -8.52 -19.57 -16.36
N THR A 374 -8.56 -20.55 -15.46
CA THR A 374 -8.08 -21.90 -15.71
C THR A 374 -9.03 -22.74 -16.56
N LYS A 375 -10.33 -22.48 -16.52
CA LYS A 375 -11.33 -23.35 -17.11
C LYS A 375 -11.87 -22.74 -18.40
N ILE A 376 -11.91 -23.54 -19.47
CA ILE A 376 -12.56 -23.17 -20.72
C ILE A 376 -13.47 -24.31 -21.14
N ALA A 377 -14.75 -24.01 -21.35
CA ALA A 377 -15.72 -25.01 -21.76
C ALA A 377 -16.00 -24.86 -23.25
N THR A 378 -15.71 -25.91 -24.02
CA THR A 378 -15.97 -25.92 -25.45
C THR A 378 -16.99 -27.00 -25.79
N CYS A 379 -18.08 -26.60 -26.42
CA CYS A 379 -19.19 -27.47 -26.77
C CYS A 379 -19.24 -27.62 -28.29
N SER A 380 -18.97 -28.82 -28.79
CA SER A 380 -18.71 -29.01 -30.21
C SER A 380 -19.82 -29.82 -30.86
N ASP A 381 -19.64 -30.10 -32.16
CA ASP A 381 -20.62 -30.82 -32.96
C ASP A 381 -20.34 -32.32 -33.03
N ASP A 382 -19.26 -32.80 -32.39
CA ASP A 382 -19.04 -34.23 -32.25
C ASP A 382 -19.67 -34.79 -30.99
N ASN A 383 -20.75 -34.17 -30.53
CA ASN A 383 -21.50 -34.60 -29.34
C ASN A 383 -20.62 -34.61 -28.10
N THR A 384 -19.78 -33.59 -27.96
CA THR A 384 -18.86 -33.52 -26.83
C THR A 384 -18.81 -32.12 -26.23
N LEU A 385 -18.90 -32.09 -24.91
CA LEU A 385 -18.53 -30.94 -24.10
C LEU A 385 -17.18 -31.24 -23.46
N LYS A 386 -16.20 -30.38 -23.70
CA LYS A 386 -14.85 -30.56 -23.18
C LYS A 386 -14.52 -29.41 -22.26
N ILE A 387 -14.08 -29.74 -21.05
CA ILE A 387 -13.62 -28.76 -20.07
C ILE A 387 -12.10 -28.79 -20.07
N TRP A 388 -11.49 -27.70 -20.51
CA TRP A 388 -10.04 -27.58 -20.60
C TRP A 388 -9.55 -26.86 -19.37
N ARG A 389 -8.63 -27.50 -18.65
CA ARG A 389 -8.06 -26.97 -17.42
C ARG A 389 -6.58 -26.70 -17.63
N LEU A 390 -6.12 -25.54 -17.18
CA LEU A 390 -4.74 -25.14 -17.34
C LEU A 390 -3.86 -25.98 -16.42
N ASN A 391 -3.21 -27.00 -16.98
CA ASN A 391 -2.28 -27.85 -16.24
C ASN A 391 -0.86 -27.36 -16.52
N ARG A 392 -0.19 -26.87 -15.49
CA ARG A 392 1.17 -26.34 -15.61
C ARG A 392 2.15 -27.42 -15.17
N GLY A 393 3.07 -27.78 -16.07
CA GLY A 393 4.04 -28.80 -15.77
C GLY A 393 3.63 -30.17 -16.29
N LEU A 394 4.31 -30.66 -17.32
CA LEU A 394 3.99 -31.94 -17.92
C LEU A 394 4.71 -33.11 -17.25
N GLU A 395 5.61 -32.84 -16.32
CA GLU A 395 6.31 -33.88 -15.57
C GLU A 395 5.67 -34.00 -14.19
N GLU A 396 5.06 -35.16 -13.93
CA GLU A 396 4.35 -35.37 -12.67
C GLU A 396 4.59 -36.82 -12.23
N LYS A 397 3.98 -37.15 -11.09
CA LYS A 397 4.06 -38.51 -10.58
C LYS A 397 3.28 -39.46 -11.48
N PRO A 398 3.59 -40.75 -11.45
CA PRO A 398 2.95 -41.69 -12.38
C PRO A 398 1.43 -41.73 -12.22
N GLY A 399 0.78 -42.35 -13.19
CA GLY A 399 -0.67 -42.45 -13.24
C GLY A 399 -1.26 -41.68 -14.41
N GLY A 400 -1.56 -42.39 -15.49
CA GLY A 400 -2.12 -41.78 -16.68
C GLY A 400 -1.05 -41.18 -17.58
N ASP A 401 -0.98 -41.66 -18.82
CA ASP A 401 0.01 -41.14 -19.76
C ASP A 401 -0.65 -40.49 -20.98
N LYS A 402 -1.53 -41.22 -21.64
CA LYS A 402 -2.16 -40.77 -22.88
C LYS A 402 -3.69 -40.79 -22.83
N LEU A 403 -4.28 -41.80 -22.19
CA LEU A 403 -5.73 -41.84 -22.08
C LEU A 403 -6.26 -40.69 -21.23
N SER A 404 -5.46 -40.23 -20.27
CA SER A 404 -5.88 -39.17 -19.37
C SER A 404 -5.91 -37.80 -20.04
N THR A 405 -5.69 -37.77 -21.35
CA THR A 405 -5.81 -36.54 -22.12
C THR A 405 -6.56 -36.82 -23.41
N VAL A 406 -7.46 -35.91 -23.79
CA VAL A 406 -8.18 -36.01 -25.04
C VAL A 406 -8.01 -34.77 -25.91
N GLY A 407 -7.57 -33.65 -25.36
CA GLY A 407 -7.28 -32.47 -26.14
C GLY A 407 -6.01 -31.82 -25.65
N TRP A 408 -5.39 -31.06 -26.54
CA TRP A 408 -4.11 -30.43 -26.23
C TRP A 408 -4.00 -29.09 -26.93
N ALA A 409 -3.24 -28.19 -26.32
CA ALA A 409 -3.02 -26.85 -26.84
C ALA A 409 -1.68 -26.80 -27.56
N SER A 410 -1.69 -26.33 -28.80
CA SER A 410 -0.47 -26.24 -29.60
C SER A 410 -0.45 -24.91 -30.34
N GLN A 411 0.75 -24.39 -30.55
CA GLN A 411 0.88 -23.16 -31.33
C GLN A 411 0.52 -23.43 -32.79
N LYS A 412 -0.24 -22.51 -33.37
CA LYS A 412 -0.66 -22.66 -34.76
C LYS A 412 0.53 -22.56 -35.70
N LYS A 413 0.51 -23.36 -36.77
CA LYS A 413 1.56 -23.37 -37.77
C LYS A 413 1.79 -21.98 -38.37
N MET B 1 -14.52 -17.34 13.83
CA MET B 1 -13.81 -16.30 14.57
C MET B 1 -12.90 -15.50 13.65
N SER B 2 -13.49 -14.68 12.79
CA SER B 2 -12.75 -13.83 11.84
C SER B 2 -13.22 -12.40 12.03
N TYR B 3 -12.61 -11.70 12.99
CA TYR B 3 -12.84 -10.29 13.21
C TYR B 3 -11.51 -9.62 13.47
N ASN B 4 -11.09 -8.74 12.57
CA ASN B 4 -9.74 -8.22 12.58
C ASN B 4 -9.74 -6.71 12.78
N TYR B 5 -8.61 -6.21 13.25
CA TYR B 5 -8.42 -4.79 13.56
C TYR B 5 -7.17 -4.31 12.83
N VAL B 6 -7.36 -3.44 11.84
CA VAL B 6 -6.27 -2.96 10.99
C VAL B 6 -6.00 -1.51 11.34
N VAL B 7 -4.79 -1.22 11.79
CA VAL B 7 -4.40 0.13 12.16
C VAL B 7 -2.99 0.41 11.66
N THR B 8 -2.79 1.58 11.06
CA THR B 8 -1.50 1.93 10.47
C THR B 8 -0.58 2.46 11.56
N ALA B 9 0.51 1.71 11.84
CA ALA B 9 1.51 2.18 12.79
C ALA B 9 2.34 3.31 12.19
N GLN B 10 2.77 3.15 10.95
CA GLN B 10 3.52 4.18 10.24
C GLN B 10 2.76 4.58 8.99
N LYS B 11 2.54 5.88 8.84
CA LYS B 11 1.78 6.40 7.71
C LYS B 11 2.63 6.32 6.44
N PRO B 12 1.98 6.29 5.27
CA PRO B 12 2.74 6.19 4.02
C PRO B 12 3.68 7.37 3.84
N THR B 13 4.84 7.09 3.23
CA THR B 13 5.88 8.10 3.05
C THR B 13 6.24 8.36 1.59
N ALA B 14 5.95 7.43 0.69
CA ALA B 14 6.26 7.65 -0.72
C ALA B 14 5.40 8.76 -1.29
N VAL B 15 6.00 9.61 -2.11
CA VAL B 15 5.37 10.82 -2.62
C VAL B 15 4.87 10.54 -4.03
N ASN B 16 3.58 10.80 -4.28
CA ASN B 16 3.01 10.68 -5.61
C ASN B 16 2.24 11.92 -6.05
N GLY B 17 1.51 12.58 -5.15
CA GLY B 17 0.83 13.81 -5.49
C GLY B 17 1.65 15.00 -5.02
N CYS B 18 1.58 16.08 -5.79
CA CYS B 18 2.64 17.06 -5.63
C CYS B 18 2.36 18.39 -6.33
N VAL B 19 2.29 19.49 -5.56
CA VAL B 19 2.03 20.81 -6.13
C VAL B 19 2.65 21.89 -5.25
N THR B 20 2.72 23.10 -5.80
CA THR B 20 3.10 24.30 -5.06
C THR B 20 2.21 25.45 -5.50
N GLY B 21 1.95 26.37 -4.58
CA GLY B 21 1.09 27.49 -4.89
C GLY B 21 0.77 28.28 -3.64
N HIS B 22 -0.21 29.18 -3.78
CA HIS B 22 -0.70 30.01 -2.69
C HIS B 22 -2.00 29.43 -2.16
N PHE B 23 -1.90 28.37 -1.38
CA PHE B 23 -3.10 27.68 -0.89
C PHE B 23 -3.59 28.25 0.43
N THR B 24 -2.71 28.31 1.44
CA THR B 24 -3.13 28.76 2.76
C THR B 24 -3.59 30.22 2.72
N SER B 25 -2.88 31.07 1.99
CA SER B 25 -3.28 32.46 1.83
C SER B 25 -2.73 32.94 0.49
N ALA B 26 -2.92 34.23 0.21
CA ALA B 26 -2.48 34.82 -1.04
C ALA B 26 -1.06 35.38 -0.97
N GLU B 27 -0.38 35.23 0.16
CA GLU B 27 0.96 35.80 0.34
C GLU B 27 2.03 34.76 0.65
N ASP B 28 1.69 33.65 1.30
CA ASP B 28 2.67 32.66 1.71
C ASP B 28 2.71 31.53 0.70
N LEU B 29 3.91 31.25 0.18
CA LEU B 29 4.09 30.14 -0.75
C LEU B 29 3.89 28.82 -0.02
N ASN B 30 3.18 27.90 -0.67
CA ASN B 30 2.86 26.61 -0.08
C ASN B 30 3.43 25.48 -0.92
N LEU B 31 3.74 24.38 -0.24
CA LEU B 31 4.09 23.12 -0.87
C LEU B 31 3.11 22.06 -0.37
N LEU B 32 2.35 21.47 -1.29
CA LEU B 32 1.38 20.45 -0.94
C LEU B 32 1.87 19.10 -1.45
N ILE B 33 2.03 18.16 -0.52
CA ILE B 33 2.57 16.84 -0.82
C ILE B 33 1.53 15.80 -0.45
N ALA B 34 1.20 14.93 -1.40
CA ALA B 34 0.24 13.86 -1.20
C ALA B 34 0.96 12.52 -1.26
N LYS B 35 0.88 11.77 -0.15
CA LYS B 35 1.47 10.44 -0.06
C LYS B 35 0.30 9.47 0.11
N ASN B 36 -0.13 8.88 -1.00
CA ASN B 36 -1.27 7.99 -1.05
C ASN B 36 -2.52 8.67 -0.51
N THR B 37 -2.91 8.35 0.72
CA THR B 37 -4.12 8.90 1.33
C THR B 37 -3.86 10.11 2.20
N ARG B 38 -2.63 10.61 2.25
CA ARG B 38 -2.25 11.70 3.14
C ARG B 38 -1.91 12.93 2.33
N LEU B 39 -2.40 14.08 2.77
CA LEU B 39 -2.08 15.37 2.16
C LEU B 39 -1.52 16.31 3.21
N GLU B 40 -0.31 16.80 3.00
CA GLU B 40 0.37 17.68 3.94
C GLU B 40 0.65 19.01 3.28
N ILE B 41 0.38 20.10 4.02
CA ILE B 41 0.56 21.46 3.55
C ILE B 41 1.71 22.08 4.32
N TYR B 42 2.69 22.63 3.60
CA TYR B 42 3.84 23.29 4.20
C TYR B 42 3.88 24.73 3.74
N VAL B 43 4.17 25.64 4.67
CA VAL B 43 4.37 27.05 4.36
C VAL B 43 5.86 27.28 4.24
N VAL B 44 6.30 27.75 3.06
CA VAL B 44 7.70 28.06 2.87
C VAL B 44 8.04 29.30 3.68
N THR B 45 8.81 29.12 4.75
CA THR B 45 9.17 30.19 5.67
C THR B 45 10.68 30.33 5.69
N ALA B 46 11.15 31.31 6.46
CA ALA B 46 12.58 31.60 6.51
C ALA B 46 13.36 30.41 7.04
N GLU B 47 12.86 29.77 8.09
CA GLU B 47 13.55 28.61 8.64
C GLU B 47 13.58 27.44 7.65
N GLY B 48 12.51 27.30 6.86
CA GLY B 48 12.44 26.22 5.89
C GLY B 48 11.00 25.85 5.56
N LEU B 49 10.69 24.56 5.64
CA LEU B 49 9.33 24.07 5.43
C LEU B 49 8.66 23.89 6.78
N ARG B 50 7.62 24.67 7.03
CA ARG B 50 6.92 24.63 8.31
C ARG B 50 5.65 23.82 8.17
N PRO B 51 5.52 22.69 8.88
CA PRO B 51 4.27 21.93 8.82
C PRO B 51 3.10 22.78 9.28
N VAL B 52 1.97 22.64 8.58
CA VAL B 52 0.80 23.47 8.84
C VAL B 52 -0.42 22.61 9.10
N LYS B 53 -0.71 21.69 8.19
CA LYS B 53 -1.89 20.84 8.35
C LYS B 53 -1.69 19.56 7.55
N GLU B 54 -2.00 18.43 8.19
CA GLU B 54 -1.97 17.12 7.56
C GLU B 54 -3.36 16.51 7.63
N VAL B 55 -3.89 16.09 6.48
CA VAL B 55 -5.24 15.56 6.39
C VAL B 55 -5.17 14.19 5.72
N GLY B 56 -6.22 13.39 5.96
CA GLY B 56 -6.30 12.08 5.35
C GLY B 56 -7.47 11.93 4.40
N MET B 57 -7.18 11.80 3.11
CA MET B 57 -8.22 11.50 2.14
C MET B 57 -8.77 10.11 2.36
N TYR B 58 -10.06 9.93 2.06
CA TYR B 58 -10.67 8.60 2.03
C TYR B 58 -10.48 7.99 0.63
N GLY B 59 -9.23 7.98 0.19
CA GLY B 59 -8.89 7.45 -1.11
C GLY B 59 -7.45 7.74 -1.44
N LYS B 60 -6.99 7.13 -2.52
CA LYS B 60 -5.62 7.30 -3.00
C LYS B 60 -5.59 8.46 -3.98
N ILE B 61 -4.86 9.52 -3.63
CA ILE B 61 -4.79 10.70 -4.47
C ILE B 61 -4.08 10.36 -5.77
N ALA B 62 -4.76 10.59 -6.90
CA ALA B 62 -4.19 10.38 -8.22
C ALA B 62 -3.95 11.68 -8.97
N VAL B 63 -4.79 12.68 -8.77
CA VAL B 63 -4.66 13.98 -9.42
C VAL B 63 -4.81 15.05 -8.35
N MET B 64 -3.82 15.94 -8.26
CA MET B 64 -3.91 17.11 -7.41
C MET B 64 -3.40 18.32 -8.18
N GLU B 65 -4.22 19.35 -8.29
CA GLU B 65 -3.86 20.58 -8.99
C GLU B 65 -4.34 21.77 -8.19
N LEU B 66 -3.59 22.86 -8.28
CA LEU B 66 -3.93 24.13 -7.63
C LEU B 66 -4.36 25.13 -8.69
N PHE B 67 -5.57 25.65 -8.56
CA PHE B 67 -6.10 26.63 -9.49
C PHE B 67 -6.77 27.76 -8.73
N ARG B 68 -6.72 28.95 -9.31
CA ARG B 68 -7.36 30.14 -8.73
C ARG B 68 -8.43 30.67 -9.67
N PRO B 69 -9.70 30.37 -9.44
CA PRO B 69 -10.76 30.97 -10.25
C PRO B 69 -10.81 32.48 -10.03
N LYS B 70 -11.33 33.18 -11.03
CA LYS B 70 -11.42 34.64 -10.96
C LYS B 70 -12.27 35.04 -9.77
N GLY B 71 -11.75 35.98 -8.97
CA GLY B 71 -12.45 36.45 -7.80
C GLY B 71 -11.89 35.89 -6.50
N GLU B 72 -11.51 34.61 -6.51
CA GLU B 72 -10.98 33.99 -5.31
C GLU B 72 -9.63 34.59 -4.94
N SER B 73 -9.45 34.87 -3.65
CA SER B 73 -8.21 35.49 -3.19
C SER B 73 -7.07 34.48 -3.15
N LYS B 74 -7.36 33.23 -2.78
CA LYS B 74 -6.34 32.20 -2.67
C LYS B 74 -6.75 30.98 -3.49
N ASP B 75 -5.75 30.18 -3.84
CA ASP B 75 -5.97 29.04 -4.71
C ASP B 75 -6.87 27.99 -4.05
N LEU B 76 -7.73 27.38 -4.85
CA LEU B 76 -8.45 26.19 -4.44
C LEU B 76 -7.70 24.95 -4.91
N LEU B 77 -8.03 23.81 -4.33
CA LEU B 77 -7.31 22.57 -4.60
C LEU B 77 -8.27 21.54 -5.19
N PHE B 78 -7.88 20.94 -6.30
CA PHE B 78 -8.66 19.88 -6.93
C PHE B 78 -7.99 18.56 -6.65
N ILE B 79 -8.69 17.65 -5.96
CA ILE B 79 -8.16 16.35 -5.59
C ILE B 79 -9.09 15.28 -6.16
N LEU B 80 -8.52 14.35 -6.92
CA LEU B 80 -9.23 13.19 -7.42
C LEU B 80 -8.60 11.95 -6.83
N THR B 81 -9.43 11.01 -6.40
CA THR B 81 -8.95 9.78 -5.80
C THR B 81 -8.97 8.65 -6.83
N ALA B 82 -8.30 7.55 -6.49
CA ALA B 82 -8.25 6.40 -7.38
C ALA B 82 -9.61 5.76 -7.60
N LYS B 83 -10.58 6.05 -6.74
CA LYS B 83 -11.96 5.64 -6.94
C LYS B 83 -12.78 6.70 -7.65
N TYR B 84 -12.12 7.70 -8.25
CA TYR B 84 -12.76 8.75 -9.03
C TYR B 84 -13.68 9.61 -8.18
N ASN B 85 -13.21 10.02 -7.00
CA ASN B 85 -13.96 10.89 -6.09
C ASN B 85 -13.38 12.30 -6.20
N ALA B 86 -13.87 13.06 -7.17
CA ALA B 86 -13.37 14.41 -7.37
C ALA B 86 -13.89 15.34 -6.28
N CYS B 87 -13.04 16.26 -5.84
CA CYS B 87 -13.42 17.21 -4.81
C CYS B 87 -12.60 18.48 -4.97
N ILE B 88 -13.19 19.59 -4.54
CA ILE B 88 -12.56 20.91 -4.54
C ILE B 88 -12.50 21.39 -3.09
N LEU B 89 -11.29 21.72 -2.63
CA LEU B 89 -11.04 22.04 -1.24
C LEU B 89 -10.51 23.47 -1.13
N GLU B 90 -10.96 24.16 -0.08
CA GLU B 90 -10.51 25.51 0.22
C GLU B 90 -10.00 25.56 1.65
N TYR B 91 -8.82 26.15 1.84
CA TYR B 91 -8.18 26.25 3.14
C TYR B 91 -8.82 27.42 3.90
N LYS B 92 -9.49 27.10 5.01
CA LYS B 92 -10.20 28.10 5.80
C LYS B 92 -9.66 28.12 7.22
N GLN B 93 -9.02 29.23 7.59
CA GLN B 93 -8.44 29.40 8.91
C GLN B 93 -9.36 30.25 9.77
N SER B 94 -9.65 29.78 10.97
CA SER B 94 -10.54 30.48 11.91
C SER B 94 -9.78 31.17 13.02
N GLY B 95 -8.61 31.72 12.71
CA GLY B 95 -7.78 32.35 13.72
C GLY B 95 -6.86 31.37 14.41
N GLU B 96 -7.44 30.43 15.16
CA GLU B 96 -6.67 29.37 15.81
C GLU B 96 -7.02 28.00 15.25
N SER B 97 -8.30 27.65 15.20
CA SER B 97 -8.69 26.38 14.60
C SER B 97 -8.41 26.40 13.10
N ILE B 98 -7.86 25.30 12.59
CA ILE B 98 -7.42 25.21 11.22
C ILE B 98 -8.23 24.12 10.53
N ASP B 99 -8.95 24.48 9.47
CA ASP B 99 -9.78 23.55 8.72
C ASP B 99 -9.58 23.78 7.23
N ILE B 100 -9.85 22.75 6.44
CA ILE B 100 -10.01 22.87 5.00
C ILE B 100 -11.36 22.29 4.62
N ILE B 101 -12.13 23.04 3.85
CA ILE B 101 -13.52 22.72 3.58
C ILE B 101 -13.67 22.25 2.14
N THR B 102 -14.70 21.45 1.90
CA THR B 102 -15.00 20.93 0.56
C THR B 102 -16.10 21.79 -0.04
N ARG B 103 -15.73 22.59 -1.04
CA ARG B 103 -16.69 23.46 -1.72
C ARG B 103 -17.49 22.73 -2.79
N ALA B 104 -17.07 21.54 -3.19
CA ALA B 104 -17.76 20.74 -4.19
C ALA B 104 -17.19 19.33 -4.24
N HIS B 105 -18.04 18.33 -4.47
CA HIS B 105 -17.58 16.96 -4.49
C HIS B 105 -18.47 16.14 -5.41
N GLY B 106 -17.94 15.00 -5.85
CA GLY B 106 -18.73 14.09 -6.67
C GLY B 106 -17.94 12.94 -7.27
N ASN B 107 -18.62 11.82 -7.50
CA ASN B 107 -18.01 10.71 -8.21
C ASN B 107 -18.07 10.96 -9.70
N VAL B 108 -16.95 10.71 -10.39
CA VAL B 108 -16.84 10.93 -11.82
C VAL B 108 -16.61 9.64 -12.59
N GLN B 109 -16.76 8.48 -11.94
CA GLN B 109 -16.57 7.21 -12.63
C GLN B 109 -17.72 6.96 -13.60
N ASP B 110 -17.41 6.23 -14.66
CA ASP B 110 -18.40 5.84 -15.66
C ASP B 110 -18.55 4.33 -15.66
N ARG B 111 -19.80 3.88 -15.82
CA ARG B 111 -20.07 2.45 -15.82
C ARG B 111 -19.52 1.76 -17.06
N ILE B 112 -19.31 2.50 -18.15
CA ILE B 112 -18.74 1.97 -19.38
C ILE B 112 -17.46 2.73 -19.70
N GLY B 113 -16.39 2.00 -19.94
CA GLY B 113 -15.12 2.59 -20.29
C GLY B 113 -13.92 1.85 -19.73
N ARG B 114 -12.95 1.58 -20.59
CA ARG B 114 -11.73 0.91 -20.15
C ARG B 114 -10.76 1.93 -19.58
N PRO B 115 -10.27 1.75 -18.35
CA PRO B 115 -9.30 2.69 -17.80
C PRO B 115 -8.07 2.79 -18.69
N SER B 116 -7.57 4.02 -18.84
CA SER B 116 -6.49 4.27 -19.78
C SER B 116 -5.19 3.63 -19.31
N GLU B 117 -4.35 3.27 -20.28
CA GLU B 117 -3.08 2.62 -19.97
C GLU B 117 -2.13 3.57 -19.26
N THR B 118 -2.11 4.84 -19.67
CA THR B 118 -1.19 5.84 -19.11
C THR B 118 -1.73 6.46 -17.82
N GLY B 119 -2.71 5.81 -17.18
CA GLY B 119 -3.20 6.27 -15.90
C GLY B 119 -4.13 7.46 -16.00
N ILE B 120 -4.54 7.95 -14.83
CA ILE B 120 -5.44 9.08 -14.76
C ILE B 120 -4.68 10.37 -15.04
N ILE B 121 -5.24 11.21 -15.90
CA ILE B 121 -4.67 12.52 -16.22
C ILE B 121 -5.71 13.57 -15.88
N GLY B 122 -5.33 14.53 -15.05
CA GLY B 122 -6.20 15.63 -14.67
C GLY B 122 -5.54 16.98 -14.89
N ILE B 123 -6.21 17.86 -15.62
CA ILE B 123 -5.65 19.15 -16.00
C ILE B 123 -6.70 20.23 -15.77
N ILE B 124 -6.22 21.47 -15.59
CA ILE B 124 -7.06 22.62 -15.33
C ILE B 124 -6.80 23.66 -16.42
N ASP B 125 -7.86 24.30 -16.89
CA ASP B 125 -7.72 25.36 -17.88
C ASP B 125 -6.93 26.51 -17.27
N PRO B 126 -5.99 27.11 -18.01
CA PRO B 126 -5.25 28.25 -17.46
C PRO B 126 -6.13 29.40 -17.02
N GLU B 127 -7.28 29.60 -17.67
CA GLU B 127 -8.26 30.58 -17.22
C GLU B 127 -9.26 30.01 -16.23
N CYS B 128 -9.07 28.76 -15.80
CA CYS B 128 -9.93 28.10 -14.82
C CYS B 128 -11.37 28.03 -15.29
N ARG B 129 -11.58 27.83 -16.59
CA ARG B 129 -12.92 27.70 -17.12
C ARG B 129 -13.47 26.30 -16.96
N MET B 130 -12.60 25.28 -16.93
CA MET B 130 -13.06 23.90 -16.86
C MET B 130 -11.93 23.02 -16.33
N ILE B 131 -12.31 21.79 -15.97
CA ILE B 131 -11.36 20.76 -15.56
C ILE B 131 -11.48 19.61 -16.54
N GLY B 132 -10.35 19.17 -17.09
CA GLY B 132 -10.31 18.08 -18.04
C GLY B 132 -9.72 16.83 -17.39
N LEU B 133 -10.34 15.68 -17.67
CA LEU B 133 -9.88 14.40 -17.16
C LEU B 133 -9.85 13.39 -18.29
N ARG B 134 -8.82 12.56 -18.28
CA ARG B 134 -8.69 11.43 -19.20
C ARG B 134 -8.70 10.15 -18.37
N LEU B 135 -9.91 9.65 -18.09
CA LEU B 135 -10.04 8.46 -17.25
C LEU B 135 -10.08 7.20 -18.10
N TYR B 136 -10.82 7.23 -19.20
CA TYR B 136 -11.08 6.04 -20.01
C TYR B 136 -10.70 6.30 -21.46
N ASP B 137 -10.43 5.22 -22.18
CA ASP B 137 -10.05 5.34 -23.58
C ASP B 137 -11.23 5.78 -24.44
N GLY B 138 -10.98 6.74 -25.34
CA GLY B 138 -11.98 7.21 -26.25
C GLY B 138 -12.87 8.31 -25.71
N LEU B 139 -12.71 8.71 -24.46
CA LEU B 139 -13.55 9.75 -23.87
C LEU B 139 -12.69 10.77 -23.13
N PHE B 140 -13.21 11.99 -23.03
CA PHE B 140 -12.59 13.08 -22.31
C PHE B 140 -13.65 13.73 -21.44
N LYS B 141 -13.47 13.66 -20.12
CA LYS B 141 -14.45 14.20 -19.18
C LYS B 141 -14.16 15.66 -18.93
N VAL B 142 -15.19 16.50 -19.04
CA VAL B 142 -15.06 17.94 -18.83
C VAL B 142 -16.01 18.35 -17.72
N ILE B 143 -15.46 19.00 -16.69
CA ILE B 143 -16.22 19.54 -15.57
C ILE B 143 -16.25 21.06 -15.73
N PRO B 144 -17.40 21.67 -16.00
CA PRO B 144 -17.47 23.13 -15.95
C PRO B 144 -17.17 23.63 -14.54
N LEU B 145 -16.48 24.76 -14.48
CA LEU B 145 -15.99 25.29 -13.21
C LEU B 145 -16.80 26.49 -12.72
N ASP B 146 -18.09 26.52 -13.05
CA ASP B 146 -18.96 27.57 -12.52
C ASP B 146 -19.23 27.34 -11.04
N ARG B 147 -19.53 28.43 -10.34
CA ARG B 147 -19.81 28.33 -8.91
C ARG B 147 -21.11 27.57 -8.63
N ASP B 148 -21.99 27.47 -9.62
CA ASP B 148 -23.23 26.70 -9.43
C ASP B 148 -22.91 25.22 -9.30
N ASN B 149 -21.82 24.76 -9.92
CA ASN B 149 -21.47 23.35 -9.93
C ASN B 149 -20.95 22.89 -8.57
N LYS B 150 -21.81 22.87 -7.57
CA LYS B 150 -21.45 22.34 -6.26
C LYS B 150 -21.42 20.82 -6.24
N GLU B 151 -22.03 20.17 -7.22
CA GLU B 151 -22.08 18.72 -7.30
C GLU B 151 -21.08 18.14 -8.30
N LEU B 152 -20.29 18.99 -8.96
CA LEU B 152 -19.35 18.56 -9.99
C LEU B 152 -20.03 17.69 -11.05
N LYS B 153 -20.98 18.26 -11.76
CA LYS B 153 -21.63 17.60 -12.89
C LYS B 153 -20.77 17.78 -14.13
N ALA B 154 -20.36 16.66 -14.73
CA ALA B 154 -19.44 16.68 -15.87
C ALA B 154 -20.13 16.09 -17.08
N PHE B 155 -19.55 16.35 -18.24
CA PHE B 155 -20.02 15.76 -19.48
C PHE B 155 -18.84 15.15 -20.24
N ASN B 156 -19.13 14.07 -20.95
CA ASN B 156 -18.12 13.27 -21.63
C ASN B 156 -18.13 13.62 -23.11
N ILE B 157 -16.94 13.87 -23.66
CA ILE B 157 -16.77 14.19 -25.07
C ILE B 157 -16.06 13.01 -25.73
N ARG B 158 -16.63 12.52 -26.82
CA ARG B 158 -16.08 11.38 -27.54
C ARG B 158 -15.08 11.85 -28.58
N LEU B 159 -13.89 11.26 -28.59
CA LEU B 159 -12.85 11.62 -29.54
C LEU B 159 -12.35 10.37 -30.25
N GLU B 160 -11.92 10.55 -31.50
CA GLU B 160 -11.50 9.42 -32.32
C GLU B 160 -10.25 8.76 -31.76
N GLU B 161 -9.31 9.55 -31.25
CA GLU B 161 -8.04 9.05 -30.76
C GLU B 161 -8.27 8.30 -29.45
N LEU B 162 -8.31 6.96 -29.53
CA LEU B 162 -8.60 6.17 -28.34
C LEU B 162 -7.40 6.12 -27.39
N HIS B 163 -6.20 5.96 -27.94
CA HIS B 163 -4.98 5.83 -27.14
C HIS B 163 -4.32 7.21 -27.04
N VAL B 164 -4.46 7.85 -25.88
CA VAL B 164 -3.87 9.17 -25.63
C VAL B 164 -2.78 9.01 -24.58
N ILE B 165 -1.60 9.54 -24.88
CA ILE B 165 -0.46 9.41 -23.97
C ILE B 165 -0.47 10.48 -22.89
N ASP B 166 -0.56 11.75 -23.29
CA ASP B 166 -0.60 12.85 -22.34
C ASP B 166 -1.30 14.03 -22.98
N VAL B 167 -2.09 14.75 -22.19
CA VAL B 167 -2.87 15.89 -22.67
C VAL B 167 -2.65 17.07 -21.74
N LYS B 168 -2.48 18.25 -22.32
CA LYS B 168 -2.25 19.47 -21.56
C LYS B 168 -3.12 20.58 -22.11
N PHE B 169 -3.43 21.55 -21.26
CA PHE B 169 -4.18 22.74 -21.65
C PHE B 169 -3.21 23.84 -22.06
N LEU B 170 -3.39 24.38 -23.25
CA LEU B 170 -2.45 25.34 -23.80
C LEU B 170 -2.66 26.73 -23.23
N TYR B 171 -1.64 27.57 -23.35
CA TYR B 171 -1.66 28.95 -22.88
C TYR B 171 -1.83 29.89 -24.06
N GLY B 172 -2.44 31.05 -23.78
CA GLY B 172 -2.59 32.08 -24.79
C GLY B 172 -3.67 31.85 -25.82
N CYS B 173 -4.55 30.87 -25.61
CA CYS B 173 -5.63 30.57 -26.54
C CYS B 173 -6.93 31.16 -26.02
N GLN B 174 -7.67 31.83 -26.90
CA GLN B 174 -8.94 32.43 -26.52
C GLN B 174 -9.92 31.37 -26.03
N ALA B 175 -10.29 30.45 -26.91
CA ALA B 175 -11.07 29.30 -26.47
C ALA B 175 -10.15 28.28 -25.81
N PRO B 176 -10.65 27.54 -24.82
CA PRO B 176 -9.83 26.51 -24.18
C PRO B 176 -9.35 25.49 -25.19
N THR B 177 -8.08 25.12 -25.08
CA THR B 177 -7.43 24.26 -26.07
C THR B 177 -6.65 23.16 -25.35
N ILE B 178 -6.75 21.94 -25.87
CA ILE B 178 -5.99 20.80 -25.37
C ILE B 178 -5.05 20.35 -26.46
N CYS B 179 -3.78 20.12 -26.08
CA CYS B 179 -2.77 19.57 -26.98
C CYS B 179 -2.31 18.24 -26.41
N PHE B 180 -2.47 17.17 -27.18
CA PHE B 180 -2.22 15.84 -26.65
C PHE B 180 -1.45 15.01 -27.66
N VAL B 181 -0.70 14.04 -27.14
CA VAL B 181 0.03 13.07 -27.94
C VAL B 181 -0.72 11.76 -27.91
N TYR B 182 -1.08 11.25 -29.08
CA TYR B 182 -1.84 10.02 -29.20
C TYR B 182 -1.08 9.03 -30.08
N GLN B 183 -1.39 7.74 -29.87
CA GLN B 183 -0.74 6.65 -30.56
C GLN B 183 -1.74 5.93 -31.45
N ASP B 184 -1.37 5.70 -32.70
CA ASP B 184 -2.19 4.97 -33.66
C ASP B 184 -1.27 4.04 -34.44
N PRO B 185 -1.81 3.18 -35.32
CA PRO B 185 -0.91 2.34 -36.13
C PRO B 185 0.10 3.13 -36.94
N GLN B 186 -0.22 4.35 -37.34
CA GLN B 186 0.72 5.17 -38.08
C GLN B 186 1.87 5.67 -37.22
N GLY B 187 1.80 5.53 -35.90
CA GLY B 187 2.86 5.97 -35.03
C GLY B 187 2.36 6.78 -33.84
N ARG B 188 3.02 7.91 -33.57
CA ARG B 188 2.60 8.84 -32.53
C ARG B 188 2.45 10.23 -33.15
N HIS B 189 1.39 10.93 -32.77
CA HIS B 189 1.11 12.24 -33.32
C HIS B 189 0.71 13.19 -32.19
N VAL B 190 0.85 14.48 -32.47
CA VAL B 190 0.41 15.53 -31.55
C VAL B 190 -0.74 16.28 -32.20
N LYS B 191 -1.84 16.42 -31.49
CA LYS B 191 -3.05 17.02 -32.03
C LYS B 191 -3.65 17.99 -31.03
N THR B 192 -4.32 19.01 -31.56
CA THR B 192 -4.94 20.05 -30.74
C THR B 192 -6.43 20.10 -31.00
N TYR B 193 -7.19 20.28 -29.93
CA TYR B 193 -8.64 20.44 -30.00
C TYR B 193 -9.05 21.65 -29.18
N GLU B 194 -10.21 22.21 -29.52
CA GLU B 194 -10.80 23.32 -28.78
C GLU B 194 -12.07 22.84 -28.11
N VAL B 195 -12.13 22.98 -26.80
CA VAL B 195 -13.27 22.48 -26.02
C VAL B 195 -14.35 23.55 -26.01
N SER B 196 -15.56 23.17 -26.44
CA SER B 196 -16.71 24.05 -26.46
C SER B 196 -17.70 23.56 -25.40
N LEU B 197 -17.86 24.35 -24.33
CA LEU B 197 -18.82 24.01 -23.28
C LEU B 197 -20.25 24.19 -23.76
N ARG B 198 -20.52 25.26 -24.51
CA ARG B 198 -21.86 25.47 -25.06
C ARG B 198 -22.24 24.35 -26.02
N GLU B 199 -21.31 23.97 -26.90
CA GLU B 199 -21.53 22.85 -27.81
C GLU B 199 -21.16 21.50 -27.19
N LYS B 200 -20.45 21.51 -26.05
CA LYS B 200 -20.03 20.29 -25.38
C LYS B 200 -19.26 19.37 -26.32
N GLU B 201 -18.33 19.94 -27.08
CA GLU B 201 -17.68 19.15 -28.12
C GLU B 201 -16.28 19.67 -28.40
N PHE B 202 -15.63 19.02 -29.36
CA PHE B 202 -14.29 19.40 -29.79
C PHE B 202 -14.35 20.04 -31.18
N ASN B 203 -13.75 21.22 -31.30
CA ASN B 203 -13.69 21.94 -32.57
C ASN B 203 -12.40 21.60 -33.30
N LYS B 204 -12.07 22.35 -34.35
CA LYS B 204 -10.96 22.03 -35.23
C LYS B 204 -9.62 21.97 -34.50
N GLY B 205 -9.19 23.09 -33.92
CA GLY B 205 -7.89 23.15 -33.29
C GLY B 205 -7.03 24.25 -33.87
N PRO B 206 -6.28 24.95 -33.01
CA PRO B 206 -5.49 26.09 -33.49
C PRO B 206 -4.45 25.73 -34.54
N TRP B 207 -3.81 24.57 -34.44
CA TRP B 207 -2.75 24.22 -35.38
C TRP B 207 -2.85 22.73 -35.71
N LYS B 208 -2.13 22.35 -36.76
CA LYS B 208 -2.25 21.04 -37.39
C LYS B 208 -1.75 19.91 -36.50
N GLN B 209 -1.83 18.68 -36.99
CA GLN B 209 -1.30 17.52 -36.30
C GLN B 209 -0.01 17.08 -36.99
N GLU B 210 1.04 16.90 -36.20
CA GLU B 210 2.36 16.58 -36.73
C GLU B 210 2.83 15.24 -36.17
N ASN B 211 3.62 14.53 -36.97
CA ASN B 211 4.17 13.23 -36.57
C ASN B 211 5.39 13.47 -35.68
N VAL B 212 5.36 12.91 -34.47
CA VAL B 212 6.43 13.08 -33.51
C VAL B 212 7.18 11.76 -33.34
N GLU B 213 8.25 11.77 -32.55
CA GLU B 213 9.04 10.58 -32.31
C GLU B 213 8.17 9.47 -31.72
N ALA B 214 8.55 8.23 -32.02
CA ALA B 214 7.76 7.07 -31.64
C ALA B 214 7.68 6.86 -30.13
N GLU B 215 8.51 7.54 -29.34
CA GLU B 215 8.51 7.37 -27.90
C GLU B 215 8.20 8.67 -27.16
N ALA B 216 7.42 9.57 -27.76
CA ALA B 216 7.00 10.78 -27.07
C ALA B 216 6.23 10.40 -25.81
N SER B 217 6.56 11.05 -24.69
CA SER B 217 6.04 10.66 -23.40
C SER B 217 5.05 11.64 -22.81
N MET B 218 5.42 12.92 -22.68
CA MET B 218 4.56 13.86 -21.99
C MET B 218 4.75 15.26 -22.57
N VAL B 219 3.76 16.12 -22.28
CA VAL B 219 3.62 17.41 -22.93
C VAL B 219 3.75 18.50 -21.87
N ILE B 220 4.43 19.58 -22.23
CA ILE B 220 4.55 20.77 -21.38
C ILE B 220 3.88 21.92 -22.11
N ALA B 221 2.98 22.61 -21.41
CA ALA B 221 2.29 23.78 -21.96
C ALA B 221 3.09 25.02 -21.61
N VAL B 222 3.80 25.56 -22.59
CA VAL B 222 4.61 26.76 -22.36
C VAL B 222 3.70 27.95 -22.12
N PRO B 223 4.06 28.89 -21.24
CA PRO B 223 3.17 30.02 -20.95
C PRO B 223 3.05 31.03 -22.08
N GLU B 224 2.38 32.15 -21.79
CA GLU B 224 1.97 33.10 -22.82
C GLU B 224 3.14 33.62 -23.67
N PRO B 225 4.26 34.09 -23.10
CA PRO B 225 5.27 34.72 -23.97
C PRO B 225 5.74 33.85 -25.12
N PHE B 226 5.87 32.54 -24.92
CA PHE B 226 6.26 31.65 -26.02
C PHE B 226 5.05 31.01 -26.68
N GLY B 227 4.18 30.38 -25.88
CA GLY B 227 3.07 29.64 -26.42
C GLY B 227 3.50 28.28 -26.92
N GLY B 228 2.53 27.55 -27.46
CA GLY B 228 2.81 26.24 -28.00
C GLY B 228 3.00 25.19 -26.92
N ALA B 229 3.63 24.09 -27.32
CA ALA B 229 3.86 22.97 -26.42
C ALA B 229 5.23 22.37 -26.68
N ILE B 230 5.74 21.69 -25.65
CA ILE B 230 7.01 20.97 -25.70
C ILE B 230 6.72 19.49 -25.52
N ILE B 231 7.15 18.69 -26.49
CA ILE B 231 7.03 17.23 -26.43
C ILE B 231 8.43 16.67 -26.23
N ILE B 232 8.64 16.03 -25.07
CA ILE B 232 9.96 15.51 -24.70
C ILE B 232 9.86 13.99 -24.71
N GLY B 233 10.26 13.37 -25.82
CA GLY B 233 10.30 11.93 -25.90
C GLY B 233 11.68 11.41 -25.56
N GLN B 234 11.89 10.13 -25.84
CA GLN B 234 13.23 9.58 -25.73
C GLN B 234 14.13 10.20 -26.79
N GLU B 235 15.31 10.63 -26.37
CA GLU B 235 16.38 11.14 -27.23
C GLU B 235 15.94 12.30 -28.14
N SER B 236 14.79 12.92 -27.85
CA SER B 236 14.34 14.02 -28.68
C SER B 236 13.47 14.97 -27.86
N ILE B 237 13.65 16.27 -28.12
CA ILE B 237 12.81 17.32 -27.56
C ILE B 237 12.33 18.19 -28.71
N THR B 238 11.02 18.40 -28.79
CA THR B 238 10.44 19.19 -29.87
C THR B 238 9.54 20.28 -29.29
N TYR B 239 9.48 21.40 -30.00
CA TYR B 239 8.63 22.52 -29.64
C TYR B 239 7.73 22.83 -30.83
N HIS B 240 6.42 22.81 -30.60
CA HIS B 240 5.43 23.06 -31.64
C HIS B 240 4.57 24.26 -31.27
N ASN B 241 4.46 25.20 -32.20
CA ASN B 241 3.54 26.33 -32.02
C ASN B 241 3.19 26.85 -33.42
N GLY B 242 2.02 26.44 -33.92
CA GLY B 242 1.65 26.84 -35.28
C GLY B 242 2.66 26.32 -36.28
N ASP B 243 3.19 27.23 -37.09
CA ASP B 243 4.22 26.86 -38.06
C ASP B 243 5.60 26.74 -37.42
N LYS B 244 5.76 27.25 -36.20
CA LYS B 244 7.05 27.19 -35.52
C LYS B 244 7.32 25.77 -35.02
N TYR B 245 8.46 25.20 -35.45
CA TYR B 245 8.83 23.85 -35.05
C TYR B 245 10.33 23.84 -34.74
N LEU B 246 10.66 23.45 -33.52
CA LEU B 246 12.04 23.32 -33.08
C LEU B 246 12.29 21.88 -32.66
N ALA B 247 13.49 21.36 -32.92
CA ALA B 247 13.83 20.00 -32.57
C ALA B 247 15.28 19.89 -32.17
N ILE B 248 15.54 19.19 -31.06
CA ILE B 248 16.89 18.88 -30.61
C ILE B 248 16.95 17.42 -30.21
N ALA B 249 18.14 16.83 -30.31
CA ALA B 249 18.38 15.44 -29.91
C ALA B 249 19.65 15.37 -29.09
N PRO B 250 19.63 15.86 -27.86
CA PRO B 250 20.84 15.87 -27.02
C PRO B 250 21.29 14.46 -26.70
N PRO B 251 22.59 14.21 -26.68
CA PRO B 251 23.08 12.86 -26.34
C PRO B 251 22.83 12.48 -24.88
N ILE B 252 22.76 13.46 -23.98
CA ILE B 252 22.65 13.16 -22.56
C ILE B 252 21.30 12.54 -22.24
N ILE B 253 20.24 13.02 -22.90
CA ILE B 253 18.88 12.60 -22.55
C ILE B 253 18.67 11.13 -22.90
N LYS B 254 19.29 10.66 -23.98
CA LYS B 254 18.99 9.34 -24.52
C LYS B 254 19.32 8.21 -23.54
N GLN B 255 20.11 8.48 -22.51
CA GLN B 255 20.50 7.42 -21.57
C GLN B 255 19.28 6.85 -20.85
N SER B 256 18.37 7.71 -20.39
CA SER B 256 17.19 7.26 -19.68
C SER B 256 16.06 8.25 -19.90
N THR B 257 14.83 7.76 -19.72
CA THR B 257 13.65 8.55 -20.05
C THR B 257 13.40 9.65 -19.02
N ILE B 258 12.86 10.77 -19.49
CA ILE B 258 12.47 11.87 -18.62
C ILE B 258 11.10 11.55 -18.03
N VAL B 259 11.00 11.63 -16.71
CA VAL B 259 9.79 11.22 -16.00
C VAL B 259 8.95 12.41 -15.56
N CYS B 260 9.57 13.40 -14.92
CA CYS B 260 8.84 14.52 -14.34
C CYS B 260 9.42 15.84 -14.84
N HIS B 261 8.59 16.88 -14.81
CA HIS B 261 8.99 18.20 -15.25
C HIS B 261 8.40 19.25 -14.33
N ASN B 262 9.01 20.43 -14.34
CA ASN B 262 8.51 21.56 -13.57
C ASN B 262 8.95 22.85 -14.24
N ARG B 263 8.22 23.92 -13.95
CA ARG B 263 8.47 25.24 -14.52
C ARG B 263 9.18 26.10 -13.49
N VAL B 264 10.36 26.60 -13.84
CA VAL B 264 11.12 27.45 -12.93
C VAL B 264 10.73 28.92 -13.08
N ASP B 265 10.80 29.45 -14.29
CA ASP B 265 10.42 30.83 -14.52
C ASP B 265 8.96 30.92 -14.95
N PRO B 266 8.20 31.88 -14.41
CA PRO B 266 6.79 32.00 -14.80
C PRO B 266 6.58 32.23 -16.29
N ASN B 267 7.54 32.86 -16.97
CA ASN B 267 7.43 33.07 -18.40
C ASN B 267 7.81 31.84 -19.22
N GLY B 268 8.33 30.80 -18.58
CA GLY B 268 8.63 29.55 -19.26
C GLY B 268 10.01 29.44 -19.85
N SER B 269 10.94 30.32 -19.47
CA SER B 269 12.29 30.26 -20.03
C SER B 269 13.02 28.99 -19.60
N ARG B 270 12.86 28.59 -18.34
CA ARG B 270 13.62 27.49 -17.77
C ARG B 270 12.68 26.42 -17.23
N TYR B 271 13.06 25.16 -17.43
CA TYR B 271 12.32 24.03 -16.91
C TYR B 271 13.27 23.06 -16.23
N LEU B 272 12.75 22.33 -15.25
CA LEU B 272 13.49 21.26 -14.58
C LEU B 272 12.94 19.92 -15.05
N LEU B 273 13.83 19.01 -15.42
CA LEU B 273 13.44 17.69 -15.93
C LEU B 273 14.04 16.61 -15.05
N GLY B 274 13.19 15.69 -14.58
CA GLY B 274 13.64 14.55 -13.82
C GLY B 274 14.08 13.41 -14.72
N ASP B 275 14.37 12.28 -14.09
CA ASP B 275 14.85 11.12 -14.82
C ASP B 275 14.67 9.87 -13.98
N MET B 276 14.70 8.72 -14.65
CA MET B 276 14.61 7.45 -13.95
C MET B 276 15.89 7.15 -13.16
N GLU B 277 17.04 7.58 -13.66
CA GLU B 277 18.30 7.38 -12.97
C GLU B 277 18.53 8.38 -11.84
N GLY B 278 17.64 9.35 -11.68
CA GLY B 278 17.77 10.33 -10.63
C GLY B 278 18.48 11.61 -11.04
N ARG B 279 19.07 11.66 -12.23
CA ARG B 279 19.73 12.87 -12.68
C ARG B 279 18.72 13.97 -12.97
N LEU B 280 19.12 15.21 -12.68
CA LEU B 280 18.29 16.39 -12.82
C LEU B 280 18.85 17.26 -13.93
N PHE B 281 18.01 17.56 -14.92
CA PHE B 281 18.36 18.37 -16.08
C PHE B 281 17.63 19.71 -16.00
N MET B 282 18.18 20.70 -16.70
CA MET B 282 17.53 21.98 -16.91
C MET B 282 17.40 22.25 -18.40
N LEU B 283 16.20 22.58 -18.84
CA LEU B 283 15.90 22.87 -20.23
C LEU B 283 15.70 24.36 -20.40
N LEU B 284 16.43 24.95 -21.34
CA LEU B 284 16.41 26.39 -21.58
C LEU B 284 15.62 26.69 -22.84
N LEU B 285 14.71 27.66 -22.75
CA LEU B 285 13.92 28.11 -23.90
C LEU B 285 14.43 29.50 -24.29
N GLU B 286 15.44 29.51 -25.16
CA GLU B 286 16.03 30.77 -25.59
C GLU B 286 15.04 31.57 -26.42
N LYS B 287 14.98 32.88 -26.17
CA LYS B 287 14.00 33.76 -26.79
C LYS B 287 14.69 34.83 -27.61
N GLU B 288 13.97 35.37 -28.59
CA GLU B 288 14.43 36.49 -29.39
C GLU B 288 13.23 37.30 -29.85
N GLU B 289 13.40 38.61 -29.89
CA GLU B 289 12.33 39.53 -30.27
C GLU B 289 12.47 39.89 -31.74
N GLN B 290 11.32 39.99 -32.42
CA GLN B 290 11.34 40.42 -33.85
C GLN B 290 11.16 41.94 -33.87
N MET B 291 12.27 42.69 -33.91
CA MET B 291 12.21 44.18 -33.86
C MET B 291 11.45 44.59 -32.58
N ASP B 292 10.12 44.67 -32.65
CA ASP B 292 9.30 45.01 -31.45
C ASP B 292 7.99 44.22 -31.50
N GLY B 293 7.39 43.95 -30.33
CA GLY B 293 6.09 43.25 -30.28
C GLY B 293 6.27 41.79 -29.91
N THR B 294 5.78 40.88 -30.76
CA THR B 294 5.85 39.45 -30.47
C THR B 294 7.30 39.01 -30.24
N VAL B 295 7.45 38.05 -29.34
CA VAL B 295 8.73 37.40 -29.07
C VAL B 295 8.58 35.92 -29.44
N THR B 296 9.66 35.31 -29.93
CA THR B 296 9.61 33.96 -30.45
C THR B 296 10.77 33.14 -29.91
N LEU B 297 10.55 31.83 -29.81
CA LEU B 297 11.61 30.91 -29.41
C LEU B 297 12.69 30.87 -30.49
N LYS B 298 13.95 30.81 -30.06
CA LYS B 298 15.09 30.77 -30.95
C LYS B 298 15.79 29.43 -30.99
N ASP B 299 15.97 28.79 -29.84
CA ASP B 299 16.65 27.50 -29.77
C ASP B 299 16.26 26.82 -28.46
N LEU B 300 16.42 25.51 -28.44
CA LEU B 300 16.17 24.70 -27.25
C LEU B 300 17.48 24.10 -26.78
N ARG B 301 17.79 24.28 -25.50
CA ARG B 301 19.01 23.76 -24.91
C ARG B 301 18.68 23.06 -23.60
N VAL B 302 19.32 21.92 -23.36
CA VAL B 302 19.18 21.18 -22.11
C VAL B 302 20.55 21.06 -21.48
N GLU B 303 20.59 21.19 -20.15
CA GLU B 303 21.83 21.10 -19.39
C GLU B 303 21.65 20.16 -18.21
N LEU B 304 22.68 19.38 -17.92
CA LEU B 304 22.66 18.42 -16.81
C LEU B 304 23.01 19.18 -15.54
N LEU B 305 21.98 19.51 -14.74
CA LEU B 305 22.22 20.22 -13.51
C LEU B 305 22.97 19.36 -12.50
N GLY B 306 22.60 18.10 -12.38
CA GLY B 306 23.30 17.24 -11.44
C GLY B 306 22.60 15.92 -11.24
N GLU B 307 22.82 15.33 -10.07
CA GLU B 307 22.23 14.05 -9.70
C GLU B 307 21.46 14.19 -8.40
N THR B 308 20.21 13.73 -8.41
CA THR B 308 19.36 13.72 -7.22
C THR B 308 18.83 12.31 -7.01
N SER B 309 17.96 12.18 -6.01
CA SER B 309 17.26 10.92 -5.80
C SER B 309 16.28 10.69 -6.93
N ILE B 310 15.95 9.41 -7.17
CA ILE B 310 14.99 9.05 -8.22
C ILE B 310 13.70 9.81 -7.96
N ALA B 311 13.34 10.70 -8.89
CA ALA B 311 12.36 11.74 -8.63
C ALA B 311 11.02 11.41 -9.27
N GLU B 312 9.98 11.37 -8.44
CA GLU B 312 8.61 11.47 -8.93
C GLU B 312 8.18 12.92 -9.09
N CYS B 313 8.95 13.85 -8.50
CA CYS B 313 8.66 15.27 -8.54
C CYS B 313 9.93 16.11 -8.62
N LEU B 314 9.86 17.14 -9.46
CA LEU B 314 10.68 18.32 -9.34
C LEU B 314 9.75 19.49 -9.06
N THR B 315 10.07 20.30 -8.05
CA THR B 315 9.21 21.43 -7.73
C THR B 315 10.08 22.58 -7.24
N TYR B 316 10.29 23.58 -8.08
CA TYR B 316 11.06 24.75 -7.66
C TYR B 316 10.22 25.62 -6.75
N LEU B 317 10.62 25.72 -5.47
CA LEU B 317 9.83 26.53 -4.54
C LEU B 317 10.19 28.00 -4.69
N ASP B 318 11.42 28.36 -4.34
CA ASP B 318 11.96 29.71 -4.52
C ASP B 318 13.40 29.75 -4.03
N ASN B 319 14.08 30.85 -4.36
CA ASN B 319 15.44 31.12 -3.90
C ASN B 319 16.40 30.00 -4.30
N GLY B 320 16.20 29.45 -5.50
CA GLY B 320 17.07 28.39 -5.96
C GLY B 320 16.94 27.08 -5.21
N VAL B 321 15.79 26.81 -4.62
CA VAL B 321 15.56 25.61 -3.83
C VAL B 321 14.49 24.78 -4.54
N VAL B 322 14.78 23.49 -4.72
CA VAL B 322 13.90 22.56 -5.43
C VAL B 322 13.58 21.41 -4.49
N PHE B 323 12.29 21.10 -4.36
CA PHE B 323 11.84 19.89 -3.70
C PHE B 323 11.81 18.75 -4.70
N VAL B 324 12.54 17.68 -4.38
CA VAL B 324 12.58 16.48 -5.21
C VAL B 324 11.75 15.41 -4.52
N GLY B 325 10.64 15.05 -5.13
CA GLY B 325 9.73 14.07 -4.57
C GLY B 325 10.04 12.66 -5.04
N SER B 326 10.52 11.81 -4.14
CA SER B 326 10.98 10.48 -4.50
C SER B 326 9.98 9.44 -4.01
N ARG B 327 9.65 8.51 -4.91
CA ARG B 327 8.81 7.36 -4.57
C ARG B 327 9.61 6.11 -4.25
N LEU B 328 10.82 6.00 -4.80
CA LEU B 328 11.69 4.85 -4.57
C LEU B 328 12.78 5.14 -3.54
N GLY B 329 12.73 6.29 -2.88
CA GLY B 329 13.75 6.64 -1.91
C GLY B 329 13.34 7.86 -1.12
N ASP B 330 14.28 8.36 -0.34
CA ASP B 330 14.02 9.52 0.51
C ASP B 330 13.80 10.76 -0.35
N SER B 331 12.79 11.56 0.03
CA SER B 331 12.59 12.82 -0.65
C SER B 331 13.69 13.81 -0.28
N GLN B 332 13.88 14.82 -1.11
CA GLN B 332 14.98 15.76 -0.91
C GLN B 332 14.50 17.20 -1.04
N LEU B 333 15.25 18.08 -0.40
CA LEU B 333 15.18 19.52 -0.62
C LEU B 333 16.59 19.97 -0.97
N VAL B 334 16.81 20.34 -2.23
CA VAL B 334 18.14 20.60 -2.75
C VAL B 334 18.21 22.05 -3.22
N LYS B 335 19.44 22.51 -3.46
CA LYS B 335 19.71 23.88 -3.89
C LYS B 335 20.50 23.86 -5.18
N LEU B 336 20.13 24.72 -6.12
CA LEU B 336 20.83 24.85 -7.40
C LEU B 336 21.83 25.99 -7.28
N ASN B 337 23.09 25.64 -7.04
CA ASN B 337 24.13 26.65 -6.96
C ASN B 337 24.42 27.24 -8.33
N VAL B 338 24.87 28.50 -8.34
CA VAL B 338 25.14 29.18 -9.60
C VAL B 338 26.42 28.63 -10.23
N ASP B 339 27.30 28.04 -9.42
CA ASP B 339 28.54 27.46 -9.91
C ASP B 339 28.69 26.04 -9.39
N SER B 340 29.38 25.21 -10.16
CA SER B 340 29.54 23.81 -9.81
C SER B 340 30.68 23.64 -8.80
N ASN B 341 30.94 22.39 -8.44
CA ASN B 341 31.98 22.05 -7.48
C ASN B 341 32.92 21.01 -8.04
N GLU B 342 33.77 20.42 -7.20
CA GLU B 342 34.55 19.27 -7.60
C GLU B 342 33.61 18.16 -8.05
N GLN B 343 33.96 17.50 -9.17
CA GLN B 343 33.04 16.58 -9.83
C GLN B 343 31.76 17.34 -10.16
N GLY B 344 31.87 18.32 -11.05
CA GLY B 344 30.89 19.37 -11.25
C GLY B 344 29.43 18.99 -11.21
N SER B 345 28.72 19.52 -10.22
CA SER B 345 27.29 19.32 -10.04
C SER B 345 26.72 20.56 -9.35
N TYR B 346 25.70 21.14 -9.95
CA TYR B 346 25.08 22.36 -9.43
C TYR B 346 24.03 22.08 -8.36
N VAL B 347 23.79 20.82 -8.04
CA VAL B 347 22.76 20.43 -7.07
C VAL B 347 23.47 20.00 -5.79
N VAL B 348 23.12 20.65 -4.68
CA VAL B 348 23.61 20.28 -3.36
C VAL B 348 22.40 20.02 -2.47
N ALA B 349 22.39 18.88 -1.79
CA ALA B 349 21.26 18.51 -0.95
C ALA B 349 21.28 19.32 0.35
N MET B 350 20.13 19.89 0.69
CA MET B 350 19.96 20.63 1.93
C MET B 350 19.26 19.82 3.00
N GLU B 351 18.17 19.14 2.65
CA GLU B 351 17.38 18.39 3.61
C GLU B 351 16.96 17.06 2.98
N THR B 352 16.83 16.04 3.82
CA THR B 352 16.37 14.73 3.38
C THR B 352 15.17 14.32 4.24
N PHE B 353 14.06 13.99 3.58
CA PHE B 353 12.86 13.50 4.24
C PHE B 353 12.81 11.98 4.09
N THR B 354 12.70 11.29 5.22
CA THR B 354 12.77 9.83 5.21
C THR B 354 11.55 9.23 4.55
N ASN B 355 11.79 8.29 3.64
CA ASN B 355 10.74 7.53 2.98
C ASN B 355 11.11 6.06 3.04
N LEU B 356 10.22 5.25 3.62
CA LEU B 356 10.46 3.82 3.69
C LEU B 356 10.35 3.14 2.34
N GLY B 357 9.81 3.83 1.34
CA GLY B 357 9.82 3.35 -0.02
C GLY B 357 9.11 2.02 -0.19
N PRO B 358 9.45 1.28 -1.24
CA PRO B 358 8.90 -0.06 -1.39
C PRO B 358 9.50 -1.03 -0.40
N ILE B 359 8.72 -1.44 0.60
CA ILE B 359 9.19 -2.39 1.60
C ILE B 359 9.10 -3.78 1.00
N VAL B 360 10.17 -4.21 0.35
CA VAL B 360 10.15 -5.51 -0.36
C VAL B 360 10.06 -6.65 0.64
N ASP B 361 10.83 -6.58 1.72
CA ASP B 361 10.80 -7.60 2.76
C ASP B 361 11.17 -6.96 4.08
N MET B 362 10.74 -7.58 5.18
CA MET B 362 11.05 -7.08 6.51
C MET B 362 11.00 -8.22 7.50
N CYS B 363 11.65 -8.01 8.64
CA CYS B 363 11.68 -8.99 9.71
C CYS B 363 11.63 -8.30 11.06
N VAL B 364 11.04 -8.98 12.04
CA VAL B 364 10.96 -8.49 13.41
C VAL B 364 12.01 -9.25 14.23
N VAL B 365 12.95 -8.52 14.79
CA VAL B 365 14.09 -9.10 15.49
C VAL B 365 14.24 -8.42 16.85
N ASP B 366 14.63 -9.21 17.85
CA ASP B 366 14.93 -8.68 19.18
C ASP B 366 16.44 -8.71 19.36
N LEU B 367 17.09 -7.65 18.87
CA LEU B 367 18.55 -7.57 18.96
C LEU B 367 19.01 -7.45 20.40
N GLU B 368 18.34 -6.61 21.19
CA GLU B 368 18.71 -6.43 22.59
C GLU B 368 18.30 -7.62 23.45
N ARG B 369 17.38 -8.46 22.95
CA ARG B 369 16.89 -9.64 23.68
C ARG B 369 16.25 -9.23 25.00
N GLN B 370 15.56 -8.10 25.01
CA GLN B 370 14.87 -7.62 26.21
C GLN B 370 13.40 -8.04 26.20
N GLY B 371 12.75 -7.97 25.05
CA GLY B 371 11.35 -8.32 24.93
C GLY B 371 10.57 -7.44 23.99
N GLN B 372 11.16 -6.30 23.61
CA GLN B 372 10.54 -5.38 22.66
C GLN B 372 11.19 -5.55 21.30
N GLY B 373 10.37 -5.84 20.29
CA GLY B 373 10.87 -6.11 18.96
C GLY B 373 11.28 -4.87 18.20
N GLN B 374 12.03 -5.09 17.14
CA GLN B 374 12.45 -4.05 16.21
C GLN B 374 12.21 -4.53 14.79
N LEU B 375 11.94 -3.60 13.89
CA LEU B 375 11.59 -3.90 12.52
C LEU B 375 12.75 -3.52 11.60
N VAL B 376 13.30 -4.51 10.90
CA VAL B 376 14.36 -4.29 9.93
C VAL B 376 13.80 -4.60 8.55
N THR B 377 13.74 -3.59 7.69
CA THR B 377 13.06 -3.70 6.41
C THR B 377 14.02 -3.48 5.26
N CYS B 378 13.79 -4.19 4.17
CA CYS B 378 14.46 -3.92 2.90
C CYS B 378 13.66 -2.83 2.18
N SER B 379 14.29 -1.67 2.00
CA SER B 379 13.59 -0.49 1.52
C SER B 379 14.29 0.08 0.31
N GLY B 380 13.53 0.80 -0.51
CA GLY B 380 14.08 1.47 -1.67
C GLY B 380 14.36 0.52 -2.82
N ALA B 381 14.85 1.11 -3.91
CA ALA B 381 15.23 0.34 -5.08
C ALA B 381 16.31 1.08 -5.84
N PHE B 382 17.07 0.33 -6.63
CA PHE B 382 18.15 0.87 -7.48
C PHE B 382 19.15 1.57 -6.56
N LYS B 383 19.57 2.80 -6.86
CA LYS B 383 20.58 3.46 -6.05
C LYS B 383 20.03 3.96 -4.71
N GLU B 384 18.71 3.86 -4.49
CA GLU B 384 18.10 4.33 -3.26
C GLU B 384 17.83 3.23 -2.26
N GLY B 385 18.34 2.01 -2.50
CA GLY B 385 18.11 0.93 -1.57
C GLY B 385 18.76 1.19 -0.23
N SER B 386 18.09 0.76 0.83
CA SER B 386 18.57 0.97 2.19
C SER B 386 18.12 -0.20 3.06
N LEU B 387 18.40 -0.11 4.36
CA LEU B 387 18.09 -1.17 5.30
C LEU B 387 17.48 -0.60 6.57
N ARG B 388 16.45 0.22 6.42
CA ARG B 388 15.89 0.96 7.55
C ARG B 388 15.48 0.04 8.69
N ILE B 389 15.80 0.47 9.91
CA ILE B 389 15.45 -0.24 11.13
C ILE B 389 14.49 0.66 11.90
N ILE B 390 13.30 0.12 12.20
CA ILE B 390 12.23 0.88 12.85
C ILE B 390 12.09 0.37 14.26
N ARG B 391 12.17 1.29 15.23
CA ARG B 391 12.10 0.93 16.64
C ARG B 391 11.13 1.86 17.36
N ASN B 392 10.32 1.29 18.24
CA ASN B 392 9.36 2.07 19.01
C ASN B 392 10.02 2.56 20.30
N GLY B 393 10.14 3.87 20.45
CA GLY B 393 10.75 4.43 21.63
C GLY B 393 10.71 5.95 21.57
N ILE B 394 11.16 6.56 22.67
CA ILE B 394 11.18 8.01 22.77
C ILE B 394 12.61 8.51 22.89
N GLY B 406 36.77 16.86 32.33
CA GLY B 406 35.59 16.07 32.65
C GLY B 406 34.44 16.89 33.17
N ILE B 407 33.30 16.81 32.48
CA ILE B 407 32.10 17.57 32.83
C ILE B 407 31.10 16.59 33.45
N LYS B 408 30.66 16.91 34.67
CA LYS B 408 29.79 16.01 35.41
C LYS B 408 29.20 16.77 36.59
N GLY B 409 27.92 16.52 36.86
CA GLY B 409 27.23 17.15 37.98
C GLY B 409 25.72 17.05 37.83
N LEU B 410 25.03 17.15 38.96
CA LEU B 410 23.57 17.07 39.02
C LEU B 410 23.07 18.08 40.04
N TRP B 411 22.30 19.08 39.58
CA TRP B 411 21.72 20.07 40.49
C TRP B 411 20.70 20.94 39.77
N PRO B 412 19.64 21.38 40.45
CA PRO B 412 18.73 22.40 39.90
C PRO B 412 19.25 23.80 40.14
N LEU B 413 20.30 24.17 39.40
CA LEU B 413 20.99 25.43 39.59
C LEU B 413 20.11 26.57 39.07
N ARG B 414 19.38 27.22 39.97
CA ARG B 414 18.49 28.32 39.60
C ARG B 414 19.28 29.63 39.55
N SER B 415 20.06 29.77 38.48
CA SER B 415 20.78 31.01 38.24
C SER B 415 19.81 32.15 37.97
N ASP B 416 18.73 31.86 37.25
CA ASP B 416 17.68 32.84 37.00
C ASP B 416 16.47 32.51 37.85
N PRO B 417 16.08 33.37 38.80
CA PRO B 417 14.95 33.04 39.68
C PRO B 417 13.64 32.81 38.94
N ASN B 418 13.40 33.51 37.83
CA ASN B 418 12.17 33.37 37.07
C ASN B 418 12.39 32.75 35.69
N ARG B 419 13.44 33.16 34.98
CA ARG B 419 13.71 32.57 33.67
C ARG B 419 14.10 31.10 33.80
N GLU B 420 14.77 30.75 34.90
CA GLU B 420 15.14 29.36 35.22
C GLU B 420 16.12 28.87 34.15
N THR B 421 15.88 27.71 33.53
CA THR B 421 16.82 27.06 32.60
C THR B 421 18.17 26.94 33.30
N ASP B 422 19.29 27.20 32.62
CA ASP B 422 20.60 27.10 33.25
C ASP B 422 21.62 27.76 32.33
N ASP B 423 22.46 28.63 32.90
CA ASP B 423 23.52 29.30 32.15
C ASP B 423 24.90 28.75 32.51
N THR B 424 25.26 28.76 33.79
CA THR B 424 26.58 28.34 34.24
C THR B 424 26.46 27.06 35.08
N LEU B 425 27.43 26.18 34.95
CA LEU B 425 27.44 24.90 35.63
C LEU B 425 28.79 24.68 36.33
N VAL B 426 28.94 23.48 36.89
CA VAL B 426 30.17 23.07 37.56
C VAL B 426 30.55 21.69 37.04
N LEU B 427 31.75 21.59 36.45
CA LEU B 427 32.25 20.29 36.04
C LEU B 427 32.82 19.56 37.25
N SER B 428 33.00 18.24 37.10
CA SER B 428 33.54 17.45 38.19
C SER B 428 34.15 16.17 37.65
N PHE B 429 35.27 15.79 38.26
CA PHE B 429 35.90 14.49 38.01
C PHE B 429 35.38 13.50 39.05
N VAL B 430 35.95 12.31 39.18
CA VAL B 430 35.56 11.37 40.22
C VAL B 430 36.38 11.72 41.46
N GLY B 431 35.80 12.51 42.36
CA GLY B 431 36.50 12.98 43.53
C GLY B 431 36.98 14.42 43.47
N GLN B 432 36.76 15.11 42.34
CA GLN B 432 37.16 16.50 42.19
C GLN B 432 36.06 17.27 41.48
N THR B 433 36.00 18.58 41.72
CA THR B 433 35.02 19.44 41.07
C THR B 433 35.63 20.82 40.84
N ARG B 434 35.00 21.57 39.92
CA ARG B 434 35.46 22.90 39.55
C ARG B 434 34.37 23.59 38.76
N VAL B 435 34.04 24.83 39.16
CA VAL B 435 32.99 25.58 38.47
C VAL B 435 33.43 25.86 37.04
N LEU B 436 32.56 25.55 36.08
CA LEU B 436 32.85 25.73 34.67
C LEU B 436 32.16 26.99 34.17
N MET B 437 32.91 27.83 33.44
CA MET B 437 32.40 29.13 32.99
C MET B 437 31.65 28.94 31.67
N LEU B 438 30.40 28.47 31.79
CA LEU B 438 29.52 28.33 30.64
C LEU B 438 28.83 29.67 30.41
N ASN B 439 29.47 30.52 29.61
CA ASN B 439 28.91 31.83 29.27
C ASN B 439 27.96 31.66 28.08
N GLY B 440 26.88 30.93 28.33
CA GLY B 440 25.93 30.61 27.29
C GLY B 440 26.33 29.41 26.46
N GLU B 441 26.73 29.65 25.22
CA GLU B 441 27.11 28.58 24.31
C GLU B 441 28.61 28.28 24.33
N GLU B 442 29.41 29.04 25.09
CA GLU B 442 30.84 28.88 25.10
C GLU B 442 31.33 28.62 26.52
N VAL B 443 32.45 27.90 26.62
CA VAL B 443 33.04 27.53 27.89
C VAL B 443 34.52 27.90 27.90
N GLU B 444 35.06 28.08 29.10
CA GLU B 444 36.47 28.37 29.29
C GLU B 444 37.00 27.52 30.44
N GLU B 445 38.28 27.16 30.36
CA GLU B 445 38.94 26.35 31.37
C GLU B 445 40.11 27.15 31.95
N THR B 446 39.84 27.95 32.97
CA THR B 446 40.85 28.74 33.65
C THR B 446 40.76 28.49 35.15
N GLU B 447 41.89 28.09 35.74
CA GLU B 447 41.92 27.80 37.17
C GLU B 447 41.73 29.07 37.98
N LEU B 448 41.06 28.94 39.12
CA LEU B 448 40.80 30.04 40.03
C LEU B 448 41.58 29.81 41.32
N MET B 449 42.31 30.85 41.75
CA MET B 449 43.15 30.73 42.94
C MET B 449 42.30 30.47 44.18
N GLY B 450 41.19 31.18 44.32
CA GLY B 450 40.40 31.11 45.53
C GLY B 450 39.64 29.82 45.75
N PHE B 451 39.53 28.98 44.74
CA PHE B 451 38.82 27.72 44.86
C PHE B 451 39.77 26.56 45.11
N VAL B 452 39.21 25.44 45.54
CA VAL B 452 39.93 24.19 45.75
C VAL B 452 39.30 23.14 44.84
N ASP B 453 40.14 22.49 44.03
CA ASP B 453 39.67 21.53 43.04
C ASP B 453 39.96 20.08 43.43
N ASP B 454 40.19 19.81 44.71
CA ASP B 454 40.54 18.47 45.15
C ASP B 454 39.35 17.66 45.66
N GLN B 455 38.16 18.25 45.75
CA GLN B 455 36.97 17.56 46.23
C GLN B 455 35.86 17.68 45.20
N GLN B 456 34.89 16.78 45.30
CA GLN B 456 33.79 16.68 44.33
C GLN B 456 32.48 17.06 44.97
N THR B 457 31.55 17.55 44.15
CA THR B 457 30.20 17.88 44.59
C THR B 457 29.20 17.16 43.69
N PHE B 458 28.22 16.48 44.30
CA PHE B 458 27.25 15.70 43.56
C PHE B 458 25.89 16.37 43.46
N PHE B 459 25.49 17.15 44.46
CA PHE B 459 24.20 17.83 44.45
C PHE B 459 24.36 19.24 45.00
N CYS B 460 23.70 20.18 44.36
CA CYS B 460 23.70 21.58 44.78
C CYS B 460 22.33 22.17 44.53
N GLY B 461 22.20 23.47 44.80
CA GLY B 461 20.95 24.17 44.57
C GLY B 461 21.11 25.65 44.85
N ASN B 462 20.13 26.42 44.39
CA ASN B 462 20.12 27.86 44.55
C ASN B 462 18.81 28.27 45.20
N VAL B 463 18.90 29.21 46.15
CA VAL B 463 17.73 29.60 46.94
C VAL B 463 17.22 30.96 46.51
N ALA B 464 18.04 31.99 46.68
CA ALA B 464 17.64 33.36 46.35
C ALA B 464 18.89 34.21 46.16
N HIS B 465 18.73 35.31 45.42
CA HIS B 465 19.82 36.25 45.14
C HIS B 465 21.01 35.56 44.46
N GLN B 466 20.73 34.45 43.77
CA GLN B 466 21.76 33.66 43.10
C GLN B 466 22.86 33.25 44.09
N GLN B 467 22.45 32.82 45.28
CA GLN B 467 23.38 32.51 46.37
C GLN B 467 23.88 31.08 46.22
N LEU B 468 24.81 30.90 45.28
CA LEU B 468 25.47 29.61 45.10
C LEU B 468 26.69 29.52 46.01
N ILE B 469 26.77 28.42 46.77
CA ILE B 469 27.85 28.22 47.73
C ILE B 469 28.61 26.96 47.35
N GLN B 470 29.94 27.06 47.27
CA GLN B 470 30.76 25.89 47.01
C GLN B 470 30.66 24.91 48.17
N ILE B 471 30.55 23.63 47.82
CA ILE B 471 30.34 22.56 48.80
C ILE B 471 31.54 21.64 48.77
N THR B 472 32.16 21.43 49.93
CA THR B 472 33.27 20.49 50.06
C THR B 472 33.26 19.94 51.48
N SER B 473 33.97 18.82 51.66
CA SER B 473 33.92 18.09 52.93
C SER B 473 34.50 18.91 54.06
N ALA B 474 35.61 19.61 53.82
CA ALA B 474 36.31 20.29 54.90
C ALA B 474 35.47 21.40 55.52
N SER B 475 34.96 22.31 54.70
CA SER B 475 34.23 23.47 55.21
C SER B 475 33.46 24.17 54.08
N VAL B 476 32.95 25.36 54.36
CA VAL B 476 32.25 26.17 53.36
C VAL B 476 33.14 27.36 53.01
N ARG B 477 33.52 27.46 51.75
CA ARG B 477 34.33 28.55 51.24
C ARG B 477 33.75 29.01 49.91
N LEU B 478 33.75 30.31 49.66
CA LEU B 478 33.10 30.89 48.51
C LEU B 478 33.95 31.99 47.88
N VAL B 479 34.31 31.80 46.61
CA VAL B 479 34.88 32.86 45.79
C VAL B 479 34.10 32.91 44.48
N SER B 480 33.05 33.73 44.44
CA SER B 480 32.14 33.77 43.30
C SER B 480 31.88 35.21 42.88
N GLN B 481 30.96 35.40 41.93
CA GLN B 481 30.67 36.72 41.40
C GLN B 481 29.24 37.16 41.72
N GLU B 482 28.24 36.30 41.53
CA GLU B 482 26.88 36.68 41.91
C GLU B 482 26.62 36.54 43.41
N PRO B 483 26.86 35.39 44.06
CA PRO B 483 26.56 35.29 45.50
C PRO B 483 27.45 36.17 46.35
N LYS B 484 28.77 35.99 46.20
CA LYS B 484 29.81 36.74 46.92
C LYS B 484 29.58 36.74 48.44
N ALA B 485 28.78 35.79 48.94
CA ALA B 485 28.49 35.70 50.36
C ALA B 485 27.96 34.31 50.67
N LEU B 486 28.35 33.79 51.83
CA LEU B 486 27.92 32.48 52.30
C LEU B 486 26.67 32.59 53.17
N VAL B 487 25.60 33.16 52.62
CA VAL B 487 24.39 33.37 53.41
C VAL B 487 23.74 32.05 53.78
N SER B 488 23.58 31.15 52.81
CA SER B 488 23.00 29.83 53.07
C SER B 488 24.11 28.86 53.48
N GLU B 489 24.57 29.04 54.72
CA GLU B 489 25.70 28.27 55.24
C GLU B 489 25.23 26.87 55.63
N TRP B 490 25.70 25.87 54.91
CA TRP B 490 25.42 24.48 55.26
C TRP B 490 26.39 24.01 56.35
N LYS B 491 25.84 23.47 57.43
CA LYS B 491 26.63 23.12 58.59
C LYS B 491 27.51 21.90 58.31
N GLU B 492 28.53 21.73 59.16
CA GLU B 492 29.51 20.66 59.03
C GLU B 492 29.63 19.91 60.35
N PRO B 493 28.67 19.01 60.64
CA PRO B 493 28.77 18.24 61.89
C PRO B 493 29.94 17.27 61.93
N GLN B 494 30.12 16.47 60.88
CA GLN B 494 31.18 15.46 60.89
C GLN B 494 31.89 15.37 59.54
N ALA B 495 31.69 16.35 58.68
CA ALA B 495 32.39 16.44 57.39
C ALA B 495 32.19 15.20 56.54
N LYS B 496 30.95 14.94 56.12
CA LYS B 496 30.62 13.78 55.32
C LYS B 496 30.39 14.21 53.87
N ASN B 497 30.50 13.24 52.96
CA ASN B 497 30.29 13.52 51.54
C ASN B 497 28.80 13.59 51.23
N ILE B 498 28.50 14.02 50.00
CA ILE B 498 27.13 14.10 49.52
C ILE B 498 26.71 12.74 48.98
N SER B 499 26.12 11.91 49.83
CA SER B 499 25.61 10.60 49.44
C SER B 499 24.19 10.45 49.97
N VAL B 500 23.36 9.72 49.21
CA VAL B 500 21.95 9.48 49.49
C VAL B 500 21.26 10.70 50.08
N ALA B 501 21.53 11.87 49.49
CA ALA B 501 20.97 13.13 49.96
C ALA B 501 20.21 13.80 48.83
N SER B 502 19.09 14.43 49.18
CA SER B 502 18.25 15.13 48.23
C SER B 502 18.05 16.56 48.69
N CYS B 503 18.31 17.52 47.79
CA CYS B 503 18.13 18.93 48.08
C CYS B 503 17.41 19.59 46.91
N ASN B 504 16.60 20.61 47.21
CA ASN B 504 15.82 21.32 46.22
C ASN B 504 16.26 22.79 46.19
N SER B 505 15.50 23.59 45.43
CA SER B 505 15.82 25.02 45.33
C SER B 505 15.62 25.73 46.66
N SER B 506 14.57 25.37 47.40
CA SER B 506 14.22 26.09 48.62
C SER B 506 15.33 25.97 49.67
N GLN B 507 15.89 24.78 49.85
CA GLN B 507 16.90 24.53 50.86
C GLN B 507 18.05 23.73 50.27
N VAL B 508 19.27 24.07 50.67
CA VAL B 508 20.46 23.35 50.23
C VAL B 508 20.97 22.52 51.41
N VAL B 509 20.52 21.27 51.49
CA VAL B 509 20.84 20.38 52.59
C VAL B 509 21.38 19.07 52.03
N VAL B 510 22.52 18.63 52.56
CA VAL B 510 23.11 17.35 52.21
C VAL B 510 23.30 16.54 53.49
N ALA B 511 23.28 15.22 53.33
CA ALA B 511 23.33 14.29 54.46
C ALA B 511 24.77 14.22 54.96
N VAL B 512 25.03 14.89 56.09
CA VAL B 512 26.35 14.93 56.69
C VAL B 512 26.21 14.66 58.19
N GLY B 513 27.04 13.77 58.71
CA GLY B 513 27.09 13.52 60.13
C GLY B 513 25.87 12.77 60.67
N ARG B 514 25.80 12.71 61.99
CA ARG B 514 24.70 12.06 62.68
C ARG B 514 24.03 12.95 63.73
N ALA B 515 24.75 13.82 64.41
CA ALA B 515 24.16 14.79 65.33
C ALA B 515 23.50 15.86 64.48
N LEU B 516 22.27 15.61 64.07
CA LEU B 516 21.59 16.42 63.06
C LEU B 516 20.39 17.12 63.65
N TYR B 517 20.30 18.42 63.41
CA TYR B 517 19.07 19.19 63.59
C TYR B 517 18.67 19.76 62.25
N TYR B 518 17.43 20.22 62.16
CA TYR B 518 16.91 20.68 60.87
C TYR B 518 17.77 21.81 60.32
N LEU B 519 18.16 21.68 59.05
CA LEU B 519 19.07 22.61 58.40
C LEU B 519 18.24 23.56 57.53
N GLN B 520 17.93 24.72 58.11
CA GLN B 520 17.24 25.80 57.40
C GLN B 520 17.97 27.12 57.63
N ILE B 521 19.27 27.13 57.41
CA ILE B 521 20.07 28.33 57.66
C ILE B 521 19.99 29.23 56.44
N HIS B 522 18.94 30.06 56.41
CA HIS B 522 18.68 31.04 55.38
C HIS B 522 18.08 32.28 56.04
N PRO B 523 18.17 33.45 55.39
CA PRO B 523 17.77 34.69 56.06
C PRO B 523 16.32 34.68 56.53
N GLN B 524 16.12 35.18 57.75
CA GLN B 524 14.80 35.51 58.29
C GLN B 524 13.89 34.29 58.45
N GLU B 525 14.51 33.12 58.64
CA GLU B 525 13.75 31.93 59.07
C GLU B 525 14.69 30.81 59.48
N LEU B 526 14.27 30.00 60.47
CA LEU B 526 15.02 28.84 60.92
C LEU B 526 14.03 27.77 61.36
N ARG B 527 13.71 26.85 60.45
CA ARG B 527 12.76 25.80 60.73
C ARG B 527 13.40 24.66 61.51
N GLN B 528 12.59 23.99 62.33
CA GLN B 528 13.06 22.90 63.18
C GLN B 528 12.10 21.71 63.09
N ILE B 529 11.74 21.33 61.85
CA ILE B 529 10.84 20.20 61.64
C ILE B 529 11.47 18.92 62.16
N SER B 530 12.74 18.69 61.84
CA SER B 530 13.46 17.51 62.29
C SER B 530 14.19 17.86 63.58
N HIS B 531 13.55 17.61 64.72
CA HIS B 531 14.11 17.93 66.02
C HIS B 531 14.45 16.70 66.86
N THR B 532 13.68 15.63 66.74
CA THR B 532 13.97 14.42 67.50
C THR B 532 15.26 13.77 67.00
N GLU B 533 16.02 13.19 67.93
CA GLU B 533 17.24 12.49 67.57
C GLU B 533 16.92 11.32 66.65
N MET B 534 17.68 11.20 65.56
CA MET B 534 17.43 10.17 64.56
C MET B 534 18.80 9.66 64.09
N GLU B 535 19.09 8.39 64.41
CA GLU B 535 20.38 7.82 64.04
C GLU B 535 20.42 7.44 62.56
N HIS B 536 19.30 6.96 62.03
CA HIS B 536 19.29 6.48 60.65
C HIS B 536 19.48 7.64 59.67
N GLU B 537 20.21 7.37 58.59
CA GLU B 537 20.47 8.36 57.56
C GLU B 537 19.35 8.29 56.52
N VAL B 538 18.44 9.26 56.58
CA VAL B 538 17.29 9.29 55.68
C VAL B 538 17.75 9.72 54.29
N ALA B 539 17.31 8.99 53.27
CA ALA B 539 17.68 9.32 51.89
C ALA B 539 17.11 10.68 51.50
N CYS B 540 15.86 10.95 51.85
CA CYS B 540 15.19 12.20 51.51
C CYS B 540 14.68 12.88 52.78
N LEU B 541 14.97 14.17 52.90
CA LEU B 541 14.51 14.99 54.01
C LEU B 541 13.94 16.29 53.44
N ASP B 542 13.15 16.15 52.37
CA ASP B 542 12.59 17.29 51.66
C ASP B 542 11.12 16.98 51.36
N ILE B 543 10.50 17.81 50.51
CA ILE B 543 9.10 17.68 50.19
C ILE B 543 8.95 17.62 48.67
N THR B 544 7.85 16.99 48.24
CA THR B 544 7.55 16.86 46.81
C THR B 544 6.51 17.89 46.42
N PRO B 545 6.86 18.89 45.60
CA PRO B 545 5.87 19.90 45.22
C PRO B 545 4.79 19.31 44.33
N LEU B 546 3.59 19.88 44.44
CA LEU B 546 2.45 19.52 43.60
C LEU B 546 2.28 20.63 42.57
N GLY B 547 2.91 20.47 41.41
CA GLY B 547 2.85 21.47 40.37
C GLY B 547 4.04 22.41 40.38
N ASP B 548 3.78 23.72 40.27
CA ASP B 548 4.83 24.72 40.24
C ASP B 548 5.05 25.40 41.60
N SER B 549 4.39 24.92 42.66
CA SER B 549 4.53 25.53 43.96
C SER B 549 5.93 25.26 44.53
N ASN B 550 6.48 26.25 45.24
CA ASN B 550 7.77 26.14 45.88
C ASN B 550 7.63 26.46 47.36
N GLY B 551 8.05 25.52 48.21
CA GLY B 551 7.99 25.70 49.65
C GLY B 551 6.63 25.50 50.28
N LEU B 552 5.64 25.06 49.51
CA LEU B 552 4.28 24.84 50.01
C LEU B 552 3.90 23.39 49.72
N SER B 553 4.24 22.51 50.65
CA SER B 553 3.92 21.10 50.51
C SER B 553 2.48 20.85 50.97
N PRO B 554 1.62 20.29 50.12
CA PRO B 554 0.26 19.93 50.58
C PRO B 554 0.28 18.93 51.72
N LEU B 555 1.24 18.01 51.74
CA LEU B 555 1.39 17.04 52.81
C LEU B 555 2.86 16.71 53.00
N CYS B 556 3.22 16.36 54.23
CA CYS B 556 4.59 15.97 54.57
C CYS B 556 4.77 14.46 54.65
N ALA B 557 3.77 13.69 54.22
CA ALA B 557 3.82 12.24 54.31
C ALA B 557 4.60 11.67 53.11
N ILE B 558 5.65 10.91 53.40
CA ILE B 558 6.44 10.26 52.36
C ILE B 558 6.56 8.75 52.59
N GLY B 559 6.11 8.24 53.74
CA GLY B 559 6.25 6.83 54.03
C GLY B 559 7.57 6.51 54.71
N LEU B 560 7.69 5.25 55.11
CA LEU B 560 8.88 4.75 55.78
C LEU B 560 9.59 3.75 54.88
N TRP B 561 10.89 3.97 54.66
CA TRP B 561 11.65 3.11 53.75
C TRP B 561 11.83 1.70 54.32
N THR B 562 11.69 1.54 55.64
CA THR B 562 11.99 0.26 56.27
C THR B 562 11.02 -0.84 55.83
N ASP B 563 9.73 -0.52 55.75
CA ASP B 563 8.71 -1.53 55.48
C ASP B 563 7.90 -1.29 54.22
N ILE B 564 7.69 -0.04 53.82
CA ILE B 564 6.87 0.30 52.66
C ILE B 564 5.48 -0.31 52.83
N SER B 565 4.84 -0.01 53.95
CA SER B 565 3.48 -0.47 54.17
C SER B 565 2.50 0.27 53.24
N ALA B 566 1.47 -0.46 52.80
CA ALA B 566 0.51 0.12 51.87
C ALA B 566 -0.22 1.30 52.51
N ARG B 567 -0.65 1.15 53.76
CA ARG B 567 -1.31 2.24 54.46
C ARG B 567 -0.34 3.39 54.65
N ILE B 568 -0.79 4.60 54.30
CA ILE B 568 0.06 5.78 54.26
C ILE B 568 -0.05 6.51 55.59
N LEU B 569 1.09 6.89 56.15
CA LEU B 569 1.17 7.54 57.45
C LEU B 569 1.67 8.96 57.28
N LYS B 570 0.99 9.91 57.93
CA LYS B 570 1.43 11.29 57.91
C LYS B 570 2.63 11.47 58.84
N LEU B 571 3.57 12.31 58.42
CA LEU B 571 4.81 12.48 59.19
C LEU B 571 4.57 12.95 60.62
N PRO B 572 3.71 13.94 60.91
CA PRO B 572 3.54 14.35 62.32
C PRO B 572 3.07 13.22 63.24
N SER B 573 2.20 12.33 62.75
CA SER B 573 1.70 11.26 63.60
C SER B 573 2.78 10.23 63.90
N PHE B 574 3.51 9.80 62.87
CA PHE B 574 4.64 8.88 63.01
C PHE B 574 4.26 7.60 63.74
N GLU B 575 3.09 7.06 63.41
CA GLU B 575 2.62 5.79 63.94
C GLU B 575 2.38 4.81 62.79
N LEU B 576 3.00 3.64 62.87
CA LEU B 576 2.84 2.65 61.81
C LEU B 576 1.41 2.10 61.81
N LEU B 577 0.78 2.12 60.63
CA LEU B 577 -0.59 1.68 60.48
C LEU B 577 -0.60 0.16 60.27
N HIS B 578 -1.74 -0.39 59.86
CA HIS B 578 -1.87 -1.83 59.67
C HIS B 578 -0.88 -2.33 58.63
N LYS B 579 -0.26 -3.47 58.92
CA LYS B 579 0.74 -4.04 58.03
C LYS B 579 0.09 -4.55 56.75
N GLU B 580 0.78 -4.32 55.62
CA GLU B 580 0.39 -4.84 54.32
C GLU B 580 1.65 -5.31 53.60
N MET B 581 1.98 -6.60 53.78
CA MET B 581 3.19 -7.15 53.20
C MET B 581 3.07 -7.19 51.67
N LEU B 582 4.17 -6.85 51.00
CA LEU B 582 4.24 -6.86 49.55
C LEU B 582 5.25 -7.90 49.10
N GLY B 583 5.07 -8.38 47.86
CA GLY B 583 5.96 -9.40 47.34
C GLY B 583 7.41 -8.95 47.29
N GLY B 584 7.64 -7.69 46.97
CA GLY B 584 8.98 -7.15 46.93
C GLY B 584 9.49 -6.75 48.30
N GLU B 585 9.89 -7.73 49.11
CA GLU B 585 10.37 -7.45 50.46
C GLU B 585 11.59 -6.53 50.43
N ILE B 586 12.44 -6.68 49.42
CA ILE B 586 13.56 -5.76 49.24
C ILE B 586 13.02 -4.36 49.01
N ILE B 587 13.61 -3.38 49.69
CA ILE B 587 13.07 -2.02 49.66
C ILE B 587 13.18 -1.45 48.25
N PRO B 588 12.22 -0.67 47.79
CA PRO B 588 12.37 0.01 46.49
C PRO B 588 13.58 0.92 46.49
N ARG B 589 14.27 0.96 45.35
CA ARG B 589 15.55 1.64 45.27
C ARG B 589 15.41 3.14 45.47
N SER B 590 14.37 3.74 44.89
CA SER B 590 14.16 5.18 45.01
C SER B 590 12.68 5.48 44.79
N ILE B 591 12.04 6.08 45.78
CA ILE B 591 10.63 6.44 45.72
C ILE B 591 10.53 7.96 45.65
N LEU B 592 10.05 8.47 44.52
CA LEU B 592 9.88 9.90 44.33
C LEU B 592 8.53 10.16 43.69
N MET B 593 7.78 11.11 44.25
CA MET B 593 6.49 11.47 43.69
C MET B 593 6.69 12.28 42.42
N THR B 594 5.98 11.90 41.35
CA THR B 594 6.02 12.62 40.08
C THR B 594 4.61 13.10 39.76
N THR B 595 4.49 14.39 39.44
CA THR B 595 3.21 15.00 39.13
C THR B 595 3.06 15.14 37.62
N PHE B 596 2.08 14.44 37.06
CA PHE B 596 1.80 14.51 35.63
C PHE B 596 1.01 15.77 35.31
N GLU B 597 0.36 15.81 34.14
CA GLU B 597 -0.42 16.97 33.75
C GLU B 597 -1.37 17.42 34.86
N SER B 598 -2.11 16.48 35.45
CA SER B 598 -2.95 16.80 36.60
C SER B 598 -2.96 15.67 37.62
N SER B 599 -2.16 14.63 37.37
CA SER B 599 -2.18 13.42 38.19
C SER B 599 -0.82 13.20 38.83
N HIS B 600 -0.83 12.89 40.12
CA HIS B 600 0.38 12.48 40.84
C HIS B 600 0.13 11.11 41.47
N TYR B 601 1.12 10.23 41.38
CA TYR B 601 0.98 8.86 41.85
C TYR B 601 2.17 8.45 42.69
N LEU B 602 1.94 7.52 43.59
CA LEU B 602 3.00 6.94 44.41
C LEU B 602 3.56 5.71 43.69
N LEU B 603 4.81 5.80 43.26
CA LEU B 603 5.46 4.73 42.52
C LEU B 603 6.67 4.22 43.29
N CYS B 604 6.78 2.90 43.42
CA CYS B 604 7.93 2.26 44.03
C CYS B 604 8.82 1.70 42.92
N ALA B 605 10.04 2.23 42.83
CA ALA B 605 10.97 1.84 41.78
C ALA B 605 11.92 0.74 42.27
N LEU B 606 11.34 -0.45 42.45
CA LEU B 606 12.12 -1.62 42.86
C LEU B 606 12.87 -2.14 41.64
N GLY B 607 14.20 -2.07 41.68
CA GLY B 607 14.99 -2.38 40.51
C GLY B 607 14.87 -3.82 40.07
N ASP B 608 14.98 -4.77 41.01
CA ASP B 608 14.96 -6.18 40.65
C ASP B 608 13.60 -6.60 40.09
N GLY B 609 12.52 -6.10 40.69
CA GLY B 609 11.19 -6.44 40.23
C GLY B 609 10.17 -6.08 41.29
N ALA B 610 8.92 -6.46 41.02
CA ALA B 610 7.78 -6.17 41.89
C ALA B 610 7.62 -4.66 42.11
N LEU B 611 7.47 -3.92 41.01
CA LEU B 611 7.21 -2.49 41.10
C LEU B 611 5.81 -2.26 41.64
N PHE B 612 5.66 -1.22 42.46
CA PHE B 612 4.41 -0.92 43.13
C PHE B 612 4.00 0.52 42.83
N TYR B 613 2.76 0.69 42.36
CA TYR B 613 2.20 1.99 42.06
C TYR B 613 0.95 2.23 42.90
N PHE B 614 0.78 3.46 43.38
CA PHE B 614 -0.35 3.79 44.22
C PHE B 614 -0.80 5.22 43.93
N GLY B 615 -2.03 5.52 44.30
CA GLY B 615 -2.58 6.86 44.18
C GLY B 615 -2.65 7.53 45.55
N LEU B 616 -2.24 8.79 45.59
CA LEU B 616 -2.13 9.53 46.84
C LEU B 616 -3.38 10.39 47.02
N ASN B 617 -4.22 10.02 47.98
CA ASN B 617 -5.36 10.84 48.34
C ASN B 617 -5.02 11.75 49.52
N ILE B 618 -6.01 12.55 49.92
CA ILE B 618 -5.79 13.52 50.99
C ILE B 618 -5.65 12.81 52.33
N GLU B 619 -4.92 13.44 53.25
CA GLU B 619 -4.72 12.96 54.61
C GLU B 619 -4.17 11.54 54.63
N THR B 620 -4.98 10.59 55.11
CA THR B 620 -4.53 9.21 55.19
C THR B 620 -4.24 8.63 53.80
N GLY B 621 -5.13 8.88 52.84
CA GLY B 621 -4.90 8.46 51.47
C GLY B 621 -5.31 7.04 51.14
N LEU B 622 -5.61 6.22 52.14
CA LEU B 622 -5.97 4.82 51.96
C LEU B 622 -5.05 4.10 50.97
N LEU B 623 -5.61 3.59 49.88
CA LEU B 623 -4.84 2.86 48.89
C LEU B 623 -5.52 2.92 47.53
N SER B 624 -4.76 2.60 46.49
CA SER B 624 -5.28 2.58 45.13
C SER B 624 -4.85 1.31 44.41
N ASP B 625 -5.07 1.25 43.10
CA ASP B 625 -4.75 0.06 42.33
C ASP B 625 -3.24 -0.11 42.19
N ARG B 626 -2.81 -1.34 41.93
CA ARG B 626 -1.41 -1.70 41.80
C ARG B 626 -1.14 -2.19 40.38
N LYS B 627 0.10 -1.99 39.92
CA LYS B 627 0.51 -2.38 38.57
C LYS B 627 1.85 -3.11 38.62
N LYS B 628 2.07 -3.98 37.64
CA LYS B 628 3.25 -4.83 37.57
C LYS B 628 3.89 -4.70 36.20
N VAL B 629 5.13 -4.19 36.18
CA VAL B 629 5.98 -4.19 34.98
C VAL B 629 7.41 -4.51 35.40
N THR B 630 7.98 -5.56 34.82
CA THR B 630 9.33 -5.98 35.17
C THR B 630 10.37 -5.04 34.56
N LEU B 631 11.56 -5.03 35.18
CA LEU B 631 12.69 -4.23 34.71
C LEU B 631 13.95 -5.07 34.81
N GLY B 632 15.07 -4.47 34.41
CA GLY B 632 16.34 -5.17 34.47
C GLY B 632 16.90 -5.25 35.88
N THR B 633 17.94 -6.06 36.04
CA THR B 633 18.58 -6.27 37.33
C THR B 633 19.59 -5.14 37.59
N GLN B 634 19.05 -3.93 37.65
CA GLN B 634 19.83 -2.73 37.88
C GLN B 634 19.07 -1.80 38.81
N PRO B 635 19.76 -1.09 39.70
CA PRO B 635 19.08 -0.11 40.55
C PRO B 635 18.33 0.91 39.72
N THR B 636 17.12 1.25 40.18
CA THR B 636 16.23 2.17 39.48
C THR B 636 16.02 3.42 40.32
N VAL B 637 16.25 4.58 39.71
CA VAL B 637 16.09 5.87 40.37
C VAL B 637 14.96 6.63 39.69
N LEU B 638 13.98 7.04 40.48
CA LEU B 638 12.85 7.83 39.97
C LEU B 638 13.30 9.30 39.91
N ARG B 639 13.34 9.85 38.70
CA ARG B 639 13.81 11.22 38.47
C ARG B 639 12.73 11.99 37.72
N THR B 640 11.94 12.76 38.47
CA THR B 640 10.95 13.63 37.85
C THR B 640 11.65 14.80 37.15
N PHE B 641 11.30 15.04 35.90
CA PHE B 641 11.92 16.08 35.09
C PHE B 641 10.87 17.12 34.70
N ARG B 642 11.23 18.39 34.88
CA ARG B 642 10.32 19.52 34.63
C ARG B 642 10.74 20.17 33.31
N SER B 643 10.17 19.69 32.21
CA SER B 643 10.48 20.28 30.90
C SER B 643 9.25 20.40 30.00
N LEU B 644 8.05 20.14 30.50
CA LEU B 644 6.85 20.16 29.67
C LEU B 644 5.64 20.33 30.59
N SER B 645 4.47 20.48 29.97
CA SER B 645 3.22 20.54 30.74
C SER B 645 2.99 19.28 31.55
N THR B 646 3.58 18.16 31.13
CA THR B 646 3.53 16.92 31.88
C THR B 646 4.89 16.65 32.51
N THR B 647 4.97 16.79 33.83
CA THR B 647 6.21 16.62 34.57
C THR B 647 6.36 15.14 34.93
N ASN B 648 6.72 14.34 33.92
CA ASN B 648 6.80 12.90 34.08
C ASN B 648 8.07 12.52 34.84
N VAL B 649 8.29 11.22 35.00
CA VAL B 649 9.43 10.70 35.73
C VAL B 649 10.36 9.99 34.76
N PHE B 650 11.62 9.84 35.16
CA PHE B 650 12.65 9.19 34.36
C PHE B 650 13.21 8.01 35.15
N ALA B 651 13.06 6.81 34.62
CA ALA B 651 13.60 5.62 35.26
C ALA B 651 15.11 5.51 34.98
N CYS B 652 15.76 4.62 35.71
CA CYS B 652 17.21 4.45 35.60
C CYS B 652 17.61 2.98 35.59
N SER B 653 16.75 2.10 35.07
CA SER B 653 17.04 0.67 35.01
C SER B 653 17.87 0.36 33.77
N ASP B 654 18.02 -0.92 33.45
CA ASP B 654 18.75 -1.31 32.25
C ASP B 654 18.05 -0.79 31.00
N ARG B 655 16.72 -0.84 30.99
CA ARG B 655 15.90 -0.26 29.91
C ARG B 655 14.97 0.75 30.57
N PRO B 656 15.44 1.99 30.77
CA PRO B 656 14.64 2.97 31.50
C PRO B 656 13.32 3.25 30.82
N THR B 657 12.28 3.44 31.64
CA THR B 657 10.94 3.74 31.16
C THR B 657 10.58 5.17 31.54
N VAL B 658 10.31 5.99 30.54
CA VAL B 658 9.82 7.36 30.76
C VAL B 658 8.31 7.27 30.68
N ILE B 659 7.68 7.01 31.82
CA ILE B 659 6.25 6.77 31.84
C ILE B 659 5.50 8.05 31.49
N TYR B 660 4.47 7.92 30.65
CA TYR B 660 3.68 9.04 30.18
C TYR B 660 2.24 8.87 30.66
N SER B 661 1.57 9.97 30.93
CA SER B 661 0.28 9.91 31.58
C SER B 661 -0.87 9.85 30.57
N SER B 662 -1.90 9.10 30.94
CA SER B 662 -3.18 9.09 30.24
C SER B 662 -4.26 9.36 31.28
N ASN B 663 -5.53 9.11 30.94
CA ASN B 663 -6.61 9.41 31.87
C ASN B 663 -6.38 8.74 33.23
N HIS B 664 -6.13 7.43 33.24
CA HIS B 664 -5.71 6.78 34.48
C HIS B 664 -4.71 5.66 34.24
N LYS B 665 -4.28 5.46 33.00
CA LYS B 665 -3.37 4.38 32.65
C LYS B 665 -2.08 4.97 32.09
N LEU B 666 -1.00 4.89 32.88
CA LEU B 666 0.28 5.39 32.43
C LEU B 666 0.98 4.35 31.55
N VAL B 667 1.64 4.84 30.50
CA VAL B 667 2.26 4.00 29.48
C VAL B 667 3.77 4.05 29.69
N PHE B 668 4.41 2.88 29.57
CA PHE B 668 5.85 2.75 29.81
C PHE B 668 6.62 2.91 28.51
N SER B 669 6.81 4.18 28.13
CA SER B 669 7.59 4.49 26.93
C SER B 669 9.06 4.16 27.16
N ASN B 670 9.69 3.59 26.13
CA ASN B 670 11.11 3.23 26.20
C ASN B 670 11.98 4.39 25.77
N VAL B 671 13.17 4.49 26.37
CA VAL B 671 14.13 5.50 25.95
C VAL B 671 14.77 5.06 24.63
N ASN B 672 15.27 6.04 23.88
CA ASN B 672 15.84 5.78 22.56
C ASN B 672 17.33 5.47 22.61
N LEU B 673 17.96 5.54 23.77
CA LEU B 673 19.38 5.26 23.91
C LEU B 673 19.58 3.86 24.48
N LYS B 674 20.83 3.49 24.79
CA LYS B 674 21.14 2.15 25.23
C LYS B 674 20.85 1.98 26.72
N GLU B 675 21.55 2.72 27.57
CA GLU B 675 21.30 2.69 29.01
C GLU B 675 22.11 3.78 29.70
N VAL B 676 21.53 4.35 30.76
CA VAL B 676 22.20 5.31 31.62
C VAL B 676 21.87 4.97 33.07
N ASN B 677 22.64 5.55 33.99
CA ASN B 677 22.47 5.29 35.41
C ASN B 677 21.98 6.49 36.19
N TYR B 678 22.72 7.60 36.16
CA TYR B 678 22.37 8.82 36.92
C TYR B 678 22.58 10.01 35.98
N MET B 679 21.49 10.53 35.44
CA MET B 679 21.54 11.62 34.48
C MET B 679 20.63 12.75 34.88
N CYS B 680 21.06 13.98 34.61
CA CYS B 680 20.26 15.17 34.87
C CYS B 680 19.85 15.80 33.55
N PRO B 681 18.61 15.64 33.11
CA PRO B 681 18.20 16.21 31.82
C PRO B 681 18.18 17.74 31.86
N LEU B 682 18.41 18.33 30.70
CA LEU B 682 18.36 19.78 30.52
C LEU B 682 17.04 20.17 29.88
N ASN B 683 16.45 21.26 30.38
CA ASN B 683 15.14 21.70 29.93
C ASN B 683 15.22 22.69 28.77
N SER B 684 16.26 22.63 27.95
CA SER B 684 16.40 23.51 26.81
C SER B 684 15.24 23.32 25.84
N ASP B 685 14.41 24.36 25.67
CA ASP B 685 13.24 24.24 24.81
C ASP B 685 13.63 24.17 23.33
N GLY B 686 14.84 24.65 22.99
CA GLY B 686 15.27 24.57 21.61
C GLY B 686 15.44 23.15 21.11
N TYR B 687 16.04 22.29 21.94
CA TYR B 687 16.23 20.87 21.60
C TYR B 687 16.32 20.06 22.88
N PRO B 688 15.18 19.71 23.48
CA PRO B 688 15.22 18.85 24.68
C PRO B 688 15.80 17.48 24.42
N ASP B 689 15.77 17.00 23.18
CA ASP B 689 16.30 15.67 22.89
C ASP B 689 17.82 15.65 22.96
N SER B 690 18.48 16.65 22.38
CA SER B 690 19.94 16.73 22.35
C SER B 690 20.39 17.65 23.47
N LEU B 691 21.14 17.10 24.42
CA LEU B 691 21.57 17.86 25.60
C LEU B 691 23.04 17.62 25.90
N ALA B 692 23.50 18.09 27.06
CA ALA B 692 24.87 17.89 27.50
C ALA B 692 24.98 16.70 28.45
N LEU B 693 24.18 15.66 28.24
CA LEU B 693 24.20 14.51 29.14
C LEU B 693 25.49 13.72 29.00
N ALA B 694 26.03 13.30 30.15
CA ALA B 694 27.21 12.44 30.20
C ALA B 694 26.79 10.99 30.27
N ASN B 695 27.72 10.12 30.65
CA ASN B 695 27.41 8.73 30.99
C ASN B 695 28.20 8.39 32.25
N ASN B 696 28.21 7.11 32.63
CA ASN B 696 29.01 6.68 33.77
C ASN B 696 30.50 6.93 33.53
N SER B 697 30.97 6.65 32.31
CA SER B 697 32.34 6.92 31.93
C SER B 697 32.49 7.65 30.60
N THR B 698 31.42 7.76 29.80
CA THR B 698 31.46 8.43 28.52
C THR B 698 30.52 9.62 28.51
N LEU B 699 30.30 10.23 27.34
CA LEU B 699 29.37 11.35 27.20
C LEU B 699 28.33 10.97 26.16
N THR B 700 27.18 10.46 26.62
CA THR B 700 26.07 10.09 25.75
C THR B 700 25.05 11.22 25.74
N ILE B 701 24.87 11.83 24.57
CA ILE B 701 23.97 12.99 24.46
C ILE B 701 22.54 12.58 24.80
N GLY B 702 22.09 11.45 24.26
CA GLY B 702 20.73 10.97 24.52
C GLY B 702 20.41 9.69 23.79
N GLN B 708 7.74 11.70 18.93
CA GLN B 708 8.41 10.77 18.02
C GLN B 708 8.21 9.34 18.47
N LYS B 709 7.06 8.76 18.10
CA LYS B 709 6.74 7.40 18.51
C LYS B 709 7.70 6.39 17.91
N LEU B 710 8.03 6.55 16.63
CA LEU B 710 8.87 5.61 15.91
C LEU B 710 10.17 6.28 15.51
N HIS B 711 11.27 5.52 15.60
CA HIS B 711 12.59 5.97 15.19
C HIS B 711 13.09 5.09 14.06
N ILE B 712 13.57 5.72 12.99
CA ILE B 712 14.02 5.01 11.80
C ILE B 712 15.51 5.27 11.61
N ARG B 713 16.29 4.21 11.52
CA ARG B 713 17.71 4.28 11.24
C ARG B 713 17.96 3.81 9.81
N THR B 714 18.68 4.60 9.04
CA THR B 714 18.91 4.32 7.63
C THR B 714 20.31 3.77 7.41
N VAL B 715 20.39 2.63 6.73
CA VAL B 715 21.67 2.03 6.36
C VAL B 715 21.72 1.96 4.84
N PRO B 716 22.32 2.96 4.17
CA PRO B 716 22.32 2.97 2.71
C PRO B 716 23.06 1.78 2.13
N LEU B 717 22.52 1.24 1.04
CA LEU B 717 23.13 0.13 0.33
C LEU B 717 23.57 0.48 -1.08
N TYR B 718 22.96 1.50 -1.70
CA TYR B 718 23.21 1.90 -3.07
C TYR B 718 22.91 0.78 -4.06
N GLU B 719 22.09 -0.18 -3.65
CA GLU B 719 21.62 -1.25 -4.52
C GLU B 719 20.28 -1.74 -4.00
N SER B 720 19.54 -2.41 -4.86
CA SER B 720 18.18 -2.82 -4.52
C SER B 720 18.21 -4.08 -3.68
N PRO B 721 17.66 -4.08 -2.47
CA PRO B 721 17.54 -5.29 -1.68
C PRO B 721 16.23 -6.02 -1.92
N ARG B 722 16.27 -7.34 -1.77
CA ARG B 722 15.12 -8.18 -2.06
C ARG B 722 14.58 -8.87 -0.81
N LYS B 723 15.39 -9.64 -0.10
CA LYS B 723 14.93 -10.40 1.06
C LYS B 723 15.90 -10.21 2.21
N ILE B 724 15.40 -10.39 3.43
CA ILE B 724 16.20 -10.25 4.64
C ILE B 724 15.84 -11.38 5.60
N CYS B 725 16.85 -11.94 6.26
CA CYS B 725 16.65 -12.99 7.25
C CYS B 725 17.67 -12.81 8.36
N TYR B 726 17.24 -13.06 9.60
CA TYR B 726 18.09 -12.88 10.77
C TYR B 726 18.63 -14.22 11.23
N GLN B 727 19.88 -14.22 11.71
CA GLN B 727 20.52 -15.42 12.24
C GLN B 727 21.12 -15.05 13.59
N GLU B 728 20.44 -15.50 14.66
CA GLU B 728 20.89 -15.16 16.01
C GLU B 728 22.13 -15.94 16.41
N VAL B 729 22.30 -17.14 15.84
CA VAL B 729 23.47 -17.95 16.17
C VAL B 729 24.75 -17.24 15.77
N SER B 730 24.79 -16.69 14.56
CA SER B 730 25.91 -15.89 14.10
C SER B 730 25.68 -14.40 14.26
N GLN B 731 24.51 -14.00 14.75
CA GLN B 731 24.19 -12.59 15.00
C GLN B 731 24.38 -11.73 13.75
N CYS B 732 23.79 -12.18 12.64
CA CYS B 732 24.00 -11.48 11.37
C CYS B 732 22.71 -11.51 10.55
N PHE B 733 22.60 -10.53 9.66
CA PHE B 733 21.50 -10.45 8.70
C PHE B 733 21.97 -10.88 7.33
N GLY B 734 21.24 -11.81 6.72
CA GLY B 734 21.42 -12.13 5.31
C GLY B 734 20.44 -11.32 4.49
N VAL B 735 20.98 -10.58 3.52
CA VAL B 735 20.19 -9.69 2.69
C VAL B 735 20.44 -10.03 1.23
N LEU B 736 19.36 -10.25 0.49
CA LEU B 736 19.47 -10.47 -0.95
C LEU B 736 19.47 -9.13 -1.67
N SER B 737 20.53 -8.87 -2.43
CA SER B 737 20.74 -7.57 -3.05
C SER B 737 20.96 -7.73 -4.55
N SER B 738 20.51 -6.74 -5.30
CA SER B 738 20.64 -6.72 -6.75
C SER B 738 21.38 -5.46 -7.17
N ARG B 739 22.34 -5.61 -8.08
CA ARG B 739 23.15 -4.51 -8.58
C ARG B 739 22.97 -4.39 -10.08
N ILE B 740 22.76 -3.16 -10.56
CA ILE B 740 22.65 -2.89 -11.99
C ILE B 740 24.03 -2.55 -12.51
N GLU B 741 24.50 -3.30 -13.50
CA GLU B 741 25.83 -3.14 -14.06
C GLU B 741 25.73 -2.96 -15.57
N VAL B 742 26.36 -1.89 -16.07
CA VAL B 742 26.47 -1.70 -17.51
C VAL B 742 27.62 -2.56 -18.03
N GLN B 743 27.36 -3.32 -19.08
CA GLN B 743 28.34 -4.25 -19.64
C GLN B 743 28.87 -3.69 -20.95
N ASP B 744 30.19 -3.57 -21.04
CA ASP B 744 30.86 -3.08 -22.24
C ASP B 744 31.74 -4.18 -22.81
N THR B 745 31.93 -4.16 -24.13
CA THR B 745 32.73 -5.19 -24.79
C THR B 745 34.16 -5.22 -24.28
N SER B 746 34.66 -4.10 -23.74
CA SER B 746 36.01 -4.04 -23.19
C SER B 746 35.94 -4.03 -21.67
N GLY B 747 36.67 -4.96 -21.05
CA GLY B 747 36.73 -5.02 -19.60
C GLY B 747 35.65 -5.84 -18.94
N GLY B 748 34.79 -6.51 -19.71
CA GLY B 748 33.73 -7.32 -19.13
C GLY B 748 32.52 -6.51 -18.70
N THR B 749 32.36 -6.31 -17.40
CA THR B 749 31.27 -5.53 -16.85
C THR B 749 31.80 -4.59 -15.78
N THR B 750 31.30 -3.36 -15.78
CA THR B 750 31.75 -2.32 -14.86
C THR B 750 30.57 -1.87 -14.00
N ALA B 751 30.81 -1.69 -12.71
CA ALA B 751 29.76 -1.26 -11.80
C ALA B 751 29.46 0.22 -11.99
N LEU B 752 28.18 0.57 -11.83
CA LEU B 752 27.79 1.98 -11.94
C LEU B 752 28.25 2.79 -10.73
N ARG B 753 28.07 2.25 -9.53
CA ARG B 753 28.37 2.94 -8.30
C ARG B 753 29.12 2.02 -7.36
N PRO B 754 29.92 2.56 -6.45
CA PRO B 754 30.50 1.73 -5.40
C PRO B 754 29.46 1.33 -4.36
N SER B 755 28.66 0.33 -4.68
CA SER B 755 27.52 -0.06 -3.85
C SER B 755 27.99 -0.97 -2.72
N ALA B 756 27.02 -1.45 -1.93
CA ALA B 756 27.35 -2.24 -0.75
C ALA B 756 28.01 -3.57 -1.10
N SER B 757 27.55 -4.21 -2.17
CA SER B 757 28.08 -5.52 -2.54
C SER B 757 29.57 -5.42 -2.89
N THR B 758 29.95 -4.39 -3.64
CA THR B 758 31.36 -4.20 -3.96
C THR B 758 32.16 -3.80 -2.73
N GLN B 759 31.56 -3.03 -1.83
CA GLN B 759 32.24 -2.56 -0.62
C GLN B 759 31.94 -3.52 0.54
N ALA B 760 32.66 -4.63 0.52
CA ALA B 760 32.55 -5.65 1.56
C ALA B 760 33.94 -5.98 2.11
N LEU B 761 33.97 -6.35 3.40
CA LEU B 761 35.25 -6.72 4.01
C LEU B 761 35.86 -7.94 3.33
N SER B 762 35.04 -8.96 3.08
CA SER B 762 35.47 -10.14 2.34
C SER B 762 34.38 -10.50 1.34
N SER B 763 34.81 -10.88 0.14
CA SER B 763 33.88 -11.15 -0.95
C SER B 763 34.20 -12.50 -1.59
N SER B 764 33.16 -13.15 -2.09
CA SER B 764 33.30 -14.43 -2.78
C SER B 764 32.37 -14.45 -3.98
N VAL B 765 32.69 -15.30 -4.94
CA VAL B 765 31.90 -15.46 -6.16
C VAL B 765 31.48 -16.92 -6.28
N SER B 766 30.24 -17.14 -6.70
CA SER B 766 29.74 -18.50 -6.83
C SER B 766 30.36 -19.20 -8.03
N SER B 767 30.70 -20.49 -7.85
CA SER B 767 31.29 -21.30 -8.91
C SER B 767 30.54 -22.63 -8.95
N SER B 768 29.47 -22.68 -9.73
CA SER B 768 28.67 -23.88 -9.90
C SER B 768 28.79 -24.36 -11.34
N LYS B 769 29.21 -25.61 -11.52
CA LYS B 769 29.42 -26.17 -12.85
C LYS B 769 28.22 -26.95 -13.37
N LEU B 770 27.14 -27.06 -12.58
CA LEU B 770 25.97 -27.79 -13.05
C LEU B 770 25.15 -26.95 -14.03
N PHE B 771 25.34 -25.63 -14.05
CA PHE B 771 24.57 -24.74 -14.91
C PHE B 771 25.37 -24.43 -16.17
N SER B 772 25.49 -25.45 -17.03
CA SER B 772 26.10 -25.25 -18.34
C SER B 772 25.18 -24.46 -19.27
N SER B 773 23.89 -24.40 -18.98
CA SER B 773 22.95 -23.65 -19.79
C SER B 773 22.31 -22.51 -18.99
N HIS B 778 24.79 -17.28 -24.77
CA HIS B 778 24.09 -16.01 -24.90
C HIS B 778 25.03 -14.84 -24.64
N GLU B 779 25.17 -13.97 -25.64
CA GLU B 779 26.00 -12.78 -25.54
C GLU B 779 25.14 -11.53 -25.69
N THR B 780 25.28 -10.60 -24.75
CA THR B 780 24.50 -9.38 -24.77
C THR B 780 25.18 -8.33 -25.65
N SER B 781 24.54 -7.18 -25.78
CA SER B 781 25.05 -6.08 -26.58
C SER B 781 26.19 -5.39 -25.83
N PHE B 782 26.70 -4.31 -26.40
CA PHE B 782 27.79 -3.55 -25.78
C PHE B 782 27.30 -2.51 -24.80
N GLY B 783 25.98 -2.39 -24.60
CA GLY B 783 25.44 -1.44 -23.67
C GLY B 783 24.29 -2.00 -22.86
N GLU B 784 24.12 -3.32 -22.88
CA GLU B 784 23.04 -3.95 -22.14
C GLU B 784 23.27 -3.80 -20.64
N GLU B 785 22.20 -3.54 -19.90
CA GLU B 785 22.26 -3.40 -18.45
C GLU B 785 21.91 -4.74 -17.82
N VAL B 786 22.90 -5.39 -17.23
CA VAL B 786 22.72 -6.69 -16.60
C VAL B 786 22.53 -6.48 -15.10
N GLU B 787 22.05 -7.52 -14.44
CA GLU B 787 21.83 -7.50 -13.00
C GLU B 787 22.69 -8.58 -12.35
N VAL B 788 23.45 -8.19 -11.34
CA VAL B 788 24.30 -9.09 -10.58
C VAL B 788 23.74 -9.16 -9.17
N HIS B 789 23.35 -10.36 -8.75
CA HIS B 789 22.68 -10.57 -7.47
C HIS B 789 23.67 -11.14 -6.47
N ASN B 790 23.63 -10.61 -5.24
CA ASN B 790 24.54 -11.01 -4.18
C ASN B 790 23.76 -11.27 -2.90
N LEU B 791 24.33 -12.12 -2.05
CA LEU B 791 23.87 -12.31 -0.69
C LEU B 791 24.87 -11.63 0.24
N LEU B 792 24.39 -10.69 1.05
CA LEU B 792 25.23 -9.91 1.94
C LEU B 792 25.01 -10.37 3.37
N ILE B 793 26.10 -10.72 4.06
CA ILE B 793 26.09 -10.97 5.49
C ILE B 793 26.48 -9.68 6.18
N ILE B 794 25.58 -9.17 7.02
CA ILE B 794 25.70 -7.85 7.62
C ILE B 794 25.70 -8.02 9.13
N ASP B 795 26.67 -7.38 9.80
CA ASP B 795 26.72 -7.42 11.25
C ASP B 795 25.50 -6.73 11.84
N GLN B 796 25.01 -7.25 12.96
CA GLN B 796 23.82 -6.69 13.60
C GLN B 796 24.12 -5.48 14.46
N HIS B 797 25.39 -5.23 14.79
CA HIS B 797 25.73 -4.09 15.64
C HIS B 797 26.14 -2.88 14.80
N THR B 798 27.17 -3.02 13.98
CA THR B 798 27.63 -1.91 13.16
C THR B 798 26.84 -1.78 11.87
N PHE B 799 26.05 -2.80 11.51
CA PHE B 799 25.26 -2.81 10.28
C PHE B 799 26.14 -2.56 9.05
N GLU B 800 27.31 -3.18 9.04
CA GLU B 800 28.23 -3.11 7.93
C GLU B 800 28.26 -4.46 7.22
N VAL B 801 28.60 -4.43 5.93
CA VAL B 801 28.58 -5.64 5.11
C VAL B 801 29.80 -6.49 5.45
N LEU B 802 29.60 -7.51 6.31
CA LEU B 802 30.71 -8.38 6.68
C LEU B 802 31.16 -9.24 5.50
N HIS B 803 30.21 -9.71 4.70
CA HIS B 803 30.54 -10.58 3.57
C HIS B 803 29.57 -10.32 2.43
N ALA B 804 30.03 -10.61 1.21
CA ALA B 804 29.20 -10.45 0.02
C ALA B 804 29.52 -11.58 -0.94
N HIS B 805 28.57 -12.49 -1.13
CA HIS B 805 28.72 -13.62 -2.04
C HIS B 805 27.95 -13.34 -3.32
N GLN B 806 28.65 -13.39 -4.46
CA GLN B 806 28.07 -13.08 -5.75
C GLN B 806 27.67 -14.37 -6.45
N PHE B 807 26.42 -14.41 -6.91
CA PHE B 807 25.90 -15.59 -7.57
C PHE B 807 26.36 -15.65 -9.02
N LEU B 808 25.91 -16.69 -9.74
CA LEU B 808 26.35 -16.88 -11.10
C LEU B 808 25.77 -15.81 -12.02
N GLN B 809 26.31 -15.74 -13.24
CA GLN B 809 25.83 -14.79 -14.22
C GLN B 809 24.41 -15.14 -14.66
N ASN B 810 23.60 -14.09 -14.85
CA ASN B 810 22.19 -14.25 -15.24
C ASN B 810 21.43 -15.12 -14.24
N GLU B 811 21.72 -14.94 -12.96
CA GLU B 811 21.08 -15.68 -11.88
C GLU B 811 20.51 -14.72 -10.87
N TYR B 812 19.21 -14.79 -10.64
CA TYR B 812 18.50 -13.89 -9.73
C TYR B 812 18.13 -14.68 -8.48
N ALA B 813 18.50 -14.15 -7.32
CA ALA B 813 18.15 -14.77 -6.04
C ALA B 813 16.81 -14.22 -5.58
N LEU B 814 15.79 -15.08 -5.52
CA LEU B 814 14.44 -14.65 -5.19
C LEU B 814 14.05 -14.93 -3.76
N SER B 815 14.50 -16.05 -3.19
CA SER B 815 14.09 -16.48 -1.87
C SER B 815 15.30 -16.68 -0.98
N LEU B 816 15.12 -16.41 0.32
CA LEU B 816 16.17 -16.58 1.31
C LEU B 816 15.55 -16.99 2.63
N VAL B 817 16.15 -17.99 3.28
CA VAL B 817 15.72 -18.44 4.59
C VAL B 817 16.94 -18.83 5.40
N SER B 818 16.89 -18.56 6.71
CA SER B 818 17.93 -18.97 7.64
C SER B 818 17.31 -19.89 8.67
N CYS B 819 17.74 -21.15 8.69
CA CYS B 819 17.07 -22.14 9.53
C CYS B 819 18.02 -23.31 9.77
N LYS B 820 17.64 -24.14 10.74
CA LYS B 820 18.34 -25.37 11.05
C LYS B 820 17.57 -26.55 10.44
N LEU B 821 18.26 -27.33 9.63
CA LEU B 821 17.63 -28.39 8.85
C LEU B 821 17.99 -29.76 9.43
N GLY B 822 16.97 -30.59 9.63
CA GLY B 822 17.20 -31.98 10.04
C GLY B 822 17.91 -32.07 11.37
N LYS B 823 18.84 -33.02 11.46
CA LYS B 823 19.61 -33.27 12.67
C LYS B 823 20.92 -32.49 12.72
N ASP B 824 21.20 -31.67 11.72
CA ASP B 824 22.45 -30.91 11.70
C ASP B 824 22.38 -29.77 12.71
N PRO B 825 23.29 -29.71 13.68
CA PRO B 825 23.27 -28.59 14.63
C PRO B 825 23.52 -27.23 13.99
N ASN B 826 24.21 -27.20 12.85
CA ASN B 826 24.57 -25.93 12.24
C ASN B 826 23.35 -25.21 11.69
N THR B 827 23.43 -23.88 11.66
CA THR B 827 22.40 -23.03 11.10
C THR B 827 22.85 -22.54 9.74
N TYR B 828 21.96 -22.63 8.75
CA TYR B 828 22.31 -22.41 7.35
C TYR B 828 21.55 -21.22 6.78
N PHE B 829 22.19 -20.52 5.85
CA PHE B 829 21.56 -19.53 4.99
C PHE B 829 21.21 -20.21 3.67
N ILE B 830 19.92 -20.40 3.41
CA ILE B 830 19.48 -21.13 2.23
C ILE B 830 18.83 -20.14 1.26
N VAL B 831 19.35 -20.11 0.04
CA VAL B 831 18.96 -19.13 -0.97
C VAL B 831 18.41 -19.86 -2.18
N GLY B 832 17.21 -19.49 -2.61
CA GLY B 832 16.62 -20.01 -3.83
C GLY B 832 16.79 -19.01 -4.96
N THR B 833 17.40 -19.47 -6.05
CA THR B 833 17.72 -18.61 -7.18
C THR B 833 17.23 -19.27 -8.47
N ALA B 834 17.01 -18.43 -9.47
CA ALA B 834 16.60 -18.87 -10.80
C ALA B 834 17.47 -18.23 -11.86
N MET B 835 17.85 -19.01 -12.88
CA MET B 835 18.61 -18.50 -13.99
C MET B 835 17.66 -17.91 -15.02
N VAL B 836 17.79 -16.62 -15.29
CA VAL B 836 16.88 -15.89 -16.16
C VAL B 836 17.61 -15.48 -17.42
N TYR B 837 16.89 -15.45 -18.54
CA TYR B 837 17.44 -15.05 -19.82
C TYR B 837 16.43 -14.18 -20.54
N PRO B 838 16.91 -13.30 -21.43
CA PRO B 838 16.00 -12.34 -22.08
C PRO B 838 14.91 -12.99 -22.92
N GLU B 839 15.13 -14.18 -23.46
CA GLU B 839 14.18 -14.79 -24.39
C GLU B 839 13.19 -15.73 -23.71
N GLU B 840 13.27 -15.92 -22.40
CA GLU B 840 12.44 -16.87 -21.69
C GLU B 840 11.38 -16.13 -20.88
N ALA B 841 10.11 -16.45 -21.13
CA ALA B 841 9.03 -15.88 -20.34
C ALA B 841 9.09 -16.36 -18.90
N GLU B 842 9.43 -17.63 -18.70
CA GLU B 842 9.55 -18.22 -17.38
C GLU B 842 10.92 -18.88 -17.25
N PRO B 843 11.57 -18.74 -16.09
CA PRO B 843 12.83 -19.45 -15.88
C PRO B 843 12.63 -20.96 -15.92
N LYS B 844 13.61 -21.65 -16.48
CA LYS B 844 13.58 -23.10 -16.58
C LYS B 844 14.68 -23.78 -15.78
N GLN B 845 15.52 -23.02 -15.08
CA GLN B 845 16.59 -23.57 -14.28
C GLN B 845 16.70 -22.79 -12.98
N GLY B 846 17.05 -23.50 -11.91
CA GLY B 846 17.16 -22.86 -10.61
C GLY B 846 18.03 -23.68 -9.69
N ARG B 847 18.37 -23.05 -8.56
CA ARG B 847 19.24 -23.67 -7.56
C ARG B 847 18.73 -23.33 -6.17
N ILE B 848 19.00 -24.23 -5.24
CA ILE B 848 18.70 -24.02 -3.83
C ILE B 848 20.01 -24.19 -3.05
N VAL B 849 20.74 -23.10 -2.88
CA VAL B 849 22.11 -23.17 -2.38
C VAL B 849 22.09 -23.00 -0.87
N VAL B 850 22.98 -23.72 -0.19
CA VAL B 850 23.08 -23.72 1.26
C VAL B 850 24.45 -23.17 1.64
N PHE B 851 24.46 -22.13 2.47
CA PHE B 851 25.68 -21.52 2.97
C PHE B 851 25.75 -21.67 4.49
N GLN B 852 26.97 -21.73 5.01
CA GLN B 852 27.21 -21.70 6.44
C GLN B 852 28.21 -20.59 6.74
N TYR B 853 27.74 -19.57 7.46
CA TYR B 853 28.59 -18.43 7.82
C TYR B 853 29.32 -18.77 9.11
N SER B 854 30.46 -19.44 8.98
CA SER B 854 31.23 -19.87 10.14
C SER B 854 31.96 -18.70 10.79
N ASP B 855 32.93 -18.12 10.07
CA ASP B 855 33.68 -16.96 10.56
C ASP B 855 34.15 -16.10 9.39
N GLY B 856 33.40 -15.03 9.11
CA GLY B 856 33.74 -14.09 8.07
C GLY B 856 33.71 -14.64 6.65
N LYS B 857 33.30 -15.89 6.47
CA LYS B 857 33.27 -16.52 5.16
C LYS B 857 31.94 -17.23 4.97
N LEU B 858 31.43 -17.20 3.74
CA LEU B 858 30.17 -17.83 3.39
C LEU B 858 30.48 -19.15 2.68
N GLN B 859 30.77 -20.18 3.46
CA GLN B 859 31.08 -21.48 2.90
C GLN B 859 29.83 -22.13 2.31
N THR B 860 30.00 -22.71 1.12
CA THR B 860 28.91 -23.36 0.40
C THR B 860 28.84 -24.83 0.81
N VAL B 861 27.62 -25.34 0.99
CA VAL B 861 27.41 -26.70 1.46
C VAL B 861 26.73 -27.56 0.39
N ALA B 862 25.59 -27.12 -0.13
CA ALA B 862 24.84 -27.90 -1.10
C ALA B 862 24.27 -26.99 -2.18
N GLU B 863 24.03 -27.56 -3.35
CA GLU B 863 23.59 -26.81 -4.52
C GLU B 863 22.15 -27.12 -4.89
N LYS B 864 21.82 -28.39 -5.11
CA LYS B 864 20.45 -28.81 -5.41
C LYS B 864 19.84 -28.08 -6.60
N GLU B 865 20.38 -28.31 -7.80
CA GLU B 865 19.80 -27.76 -9.01
C GLU B 865 18.36 -28.20 -9.19
N VAL B 866 17.49 -27.26 -9.53
CA VAL B 866 16.08 -27.53 -9.76
C VAL B 866 15.67 -26.95 -11.12
N LYS B 867 14.56 -27.47 -11.65
CA LYS B 867 14.09 -27.07 -12.96
C LYS B 867 12.99 -26.01 -12.87
N GLY B 868 13.32 -24.83 -12.36
CA GLY B 868 12.34 -23.77 -12.29
C GLY B 868 12.84 -22.61 -11.47
N ALA B 869 11.93 -21.70 -11.13
CA ALA B 869 12.23 -20.54 -10.32
C ALA B 869 11.77 -20.81 -8.90
N VAL B 870 12.69 -20.67 -7.94
CA VAL B 870 12.36 -20.90 -6.52
C VAL B 870 11.89 -19.57 -5.97
N TYR B 871 10.56 -19.39 -6.00
CA TYR B 871 9.99 -18.09 -5.62
C TYR B 871 10.04 -17.86 -4.12
N SER B 872 9.79 -18.90 -3.32
CA SER B 872 9.77 -18.77 -1.88
C SER B 872 10.15 -20.08 -1.22
N MET B 873 10.80 -19.98 -0.07
CA MET B 873 11.24 -21.14 0.71
C MET B 873 10.93 -20.91 2.18
N VAL B 874 10.45 -21.95 2.85
CA VAL B 874 10.13 -21.90 4.27
C VAL B 874 10.60 -23.19 4.91
N GLU B 875 11.25 -23.09 6.08
CA GLU B 875 11.57 -24.26 6.86
C GLU B 875 10.31 -24.81 7.51
N PHE B 876 10.05 -26.11 7.30
CA PHE B 876 8.76 -26.65 7.70
C PHE B 876 8.78 -27.30 9.08
N ASN B 877 9.50 -28.41 9.21
CA ASN B 877 9.58 -29.14 10.47
C ASN B 877 11.00 -29.65 10.69
N GLY B 878 11.98 -28.80 10.43
CA GLY B 878 13.33 -29.28 10.21
C GLY B 878 13.58 -29.72 8.78
N LYS B 879 12.58 -29.57 7.92
CA LYS B 879 12.71 -29.85 6.49
C LYS B 879 12.43 -28.58 5.72
N LEU B 880 13.12 -28.42 4.60
CA LEU B 880 12.95 -27.26 3.73
C LEU B 880 11.89 -27.54 2.68
N LEU B 881 10.88 -26.68 2.60
CA LEU B 881 9.88 -26.75 1.56
C LEU B 881 10.03 -25.52 0.67
N ALA B 882 10.20 -25.75 -0.62
CA ALA B 882 10.42 -24.70 -1.60
C ALA B 882 9.27 -24.66 -2.59
N SER B 883 9.28 -23.63 -3.44
CA SER B 883 8.26 -23.43 -4.46
C SER B 883 8.92 -23.20 -5.81
N ILE B 884 9.25 -24.29 -6.49
CA ILE B 884 9.55 -24.22 -7.91
C ILE B 884 8.27 -23.85 -8.64
N ASN B 885 8.40 -23.12 -9.75
CA ASN B 885 7.22 -22.59 -10.42
C ASN B 885 6.22 -23.70 -10.72
N SER B 886 4.97 -23.48 -10.31
CA SER B 886 3.89 -24.46 -10.44
C SER B 886 4.20 -25.75 -9.69
N THR B 887 4.87 -25.66 -8.55
CA THR B 887 5.20 -26.84 -7.76
C THR B 887 5.48 -26.42 -6.32
N VAL B 888 5.08 -27.27 -5.38
CA VAL B 888 5.45 -27.13 -3.98
C VAL B 888 6.17 -28.42 -3.57
N ARG B 889 7.43 -28.29 -3.18
CA ARG B 889 8.27 -29.43 -2.88
C ARG B 889 8.61 -29.48 -1.40
N LEU B 890 9.02 -30.66 -0.94
CA LEU B 890 9.52 -30.87 0.41
C LEU B 890 10.87 -31.56 0.33
N TYR B 891 11.86 -30.99 1.02
CA TYR B 891 13.22 -31.50 0.98
C TYR B 891 13.66 -31.97 2.36
N GLU B 892 14.32 -33.12 2.40
CA GLU B 892 14.89 -33.67 3.61
C GLU B 892 16.40 -33.45 3.60
N TRP B 893 16.92 -32.96 4.73
CA TRP B 893 18.36 -32.75 4.88
C TRP B 893 18.98 -34.04 5.39
N THR B 894 19.51 -34.85 4.48
CA THR B 894 20.06 -36.14 4.85
C THR B 894 21.37 -35.96 5.62
N THR B 895 21.86 -37.06 6.19
CA THR B 895 23.10 -37.03 6.96
C THR B 895 24.30 -36.68 6.10
N GLU B 896 24.20 -36.88 4.79
CA GLU B 896 25.28 -36.50 3.87
C GLU B 896 25.20 -35.04 3.45
N LYS B 897 24.38 -34.23 4.12
CA LYS B 897 24.27 -32.81 3.87
C LYS B 897 23.85 -32.50 2.44
N GLU B 898 22.94 -33.30 1.89
CA GLU B 898 22.38 -33.07 0.57
C GLU B 898 20.86 -33.14 0.65
N LEU B 899 20.19 -32.14 0.08
CA LEU B 899 18.73 -32.13 0.08
C LEU B 899 18.21 -33.25 -0.81
N ARG B 900 17.22 -33.99 -0.30
CA ARG B 900 16.60 -35.08 -1.05
C ARG B 900 15.10 -34.85 -1.11
N THR B 901 14.52 -34.99 -2.30
CA THR B 901 13.11 -34.76 -2.49
C THR B 901 12.27 -35.77 -1.72
N GLU B 902 11.19 -35.29 -1.10
CA GLU B 902 10.29 -36.15 -0.35
C GLU B 902 8.91 -36.24 -1.00
N CYS B 903 8.24 -35.12 -1.24
CA CYS B 903 6.93 -35.12 -1.84
C CYS B 903 6.73 -33.85 -2.65
N ASN B 904 5.82 -33.92 -3.60
CA ASN B 904 5.54 -32.82 -4.52
C ASN B 904 4.05 -32.51 -4.56
N HIS B 905 3.74 -31.26 -4.87
CA HIS B 905 2.36 -30.84 -5.12
C HIS B 905 2.35 -29.95 -6.35
N TYR B 906 1.51 -30.29 -7.33
CA TYR B 906 1.56 -29.65 -8.64
C TYR B 906 0.36 -28.77 -8.96
N ASN B 907 -0.77 -28.95 -8.27
CA ASN B 907 -2.01 -28.29 -8.65
C ASN B 907 -1.96 -26.81 -8.25
N ASN B 908 -1.14 -26.06 -8.98
CA ASN B 908 -1.07 -24.61 -8.81
C ASN B 908 -0.45 -24.01 -10.06
N ILE B 909 -0.69 -22.72 -10.25
CA ILE B 909 -0.14 -21.98 -11.38
C ILE B 909 1.30 -21.58 -11.07
N MET B 910 1.49 -20.87 -9.96
CA MET B 910 2.81 -20.65 -9.39
C MET B 910 2.66 -20.39 -7.90
N ALA B 911 3.44 -21.12 -7.09
CA ALA B 911 3.43 -20.95 -5.65
C ALA B 911 4.34 -19.76 -5.31
N LEU B 912 3.77 -18.55 -5.46
CA LEU B 912 4.56 -17.35 -5.22
C LEU B 912 4.87 -17.17 -3.75
N TYR B 913 3.90 -17.45 -2.87
CA TYR B 913 4.02 -17.18 -1.45
C TYR B 913 3.70 -18.43 -0.65
N LEU B 914 4.56 -18.75 0.31
CA LEU B 914 4.38 -19.91 1.18
C LEU B 914 4.44 -19.47 2.63
N LYS B 915 3.44 -19.86 3.40
CA LYS B 915 3.42 -19.64 4.84
C LYS B 915 2.95 -20.92 5.51
N THR B 916 3.49 -21.20 6.69
CA THR B 916 3.23 -22.46 7.36
C THR B 916 2.94 -22.22 8.83
N LYS B 917 2.25 -23.19 9.43
CA LYS B 917 1.98 -23.18 10.87
C LYS B 917 1.65 -24.61 11.28
N GLY B 918 2.50 -25.21 12.10
CA GLY B 918 2.30 -26.60 12.45
C GLY B 918 2.47 -27.49 11.23
N ASP B 919 1.46 -28.30 10.95
CA ASP B 919 1.46 -29.20 9.80
C ASP B 919 0.74 -28.63 8.60
N PHE B 920 0.24 -27.40 8.67
CA PHE B 920 -0.51 -26.78 7.60
C PHE B 920 0.38 -25.87 6.77
N ILE B 921 0.07 -25.76 5.48
CA ILE B 921 0.82 -24.93 4.54
C ILE B 921 -0.17 -24.06 3.78
N LEU B 922 0.14 -22.78 3.66
CA LEU B 922 -0.65 -21.84 2.87
C LEU B 922 0.14 -21.47 1.62
N VAL B 923 -0.51 -21.58 0.47
CA VAL B 923 0.12 -21.34 -0.83
C VAL B 923 -0.60 -20.23 -1.54
N GLY B 924 0.14 -19.25 -2.04
CA GLY B 924 -0.41 -18.15 -2.80
C GLY B 924 -0.13 -18.34 -4.28
N ASP B 925 -1.16 -18.09 -5.10
CA ASP B 925 -1.06 -18.28 -6.54
C ASP B 925 -1.11 -16.92 -7.24
N LEU B 926 -0.55 -16.89 -8.45
CA LEU B 926 -0.54 -15.63 -9.21
C LEU B 926 -1.96 -15.25 -9.64
N MET B 927 -2.77 -16.23 -10.03
CA MET B 927 -4.18 -15.96 -10.36
C MET B 927 -5.09 -16.40 -9.22
N ARG B 928 -4.98 -17.66 -8.83
CA ARG B 928 -5.89 -18.24 -7.84
C ARG B 928 -5.62 -17.67 -6.45
N SER B 929 -6.60 -17.82 -5.55
CA SER B 929 -6.44 -17.37 -4.18
C SER B 929 -5.61 -18.37 -3.39
N VAL B 930 -5.59 -18.23 -2.07
CA VAL B 930 -4.75 -19.06 -1.23
C VAL B 930 -5.20 -20.51 -1.30
N LEU B 931 -4.24 -21.42 -1.18
CA LEU B 931 -4.50 -22.85 -1.15
C LEU B 931 -3.90 -23.42 0.14
N LEU B 932 -4.70 -24.18 0.88
CA LEU B 932 -4.27 -24.73 2.16
C LEU B 932 -3.99 -26.21 2.00
N LEU B 933 -2.73 -26.59 2.24
CA LEU B 933 -2.30 -27.98 2.20
C LEU B 933 -2.11 -28.50 3.62
N ALA B 934 -1.68 -29.75 3.73
CA ALA B 934 -1.35 -30.34 5.01
C ALA B 934 -0.45 -31.54 4.82
N TYR B 935 0.79 -31.46 5.30
CA TYR B 935 1.69 -32.59 5.24
C TYR B 935 1.16 -33.71 6.12
N LYS B 936 1.17 -34.93 5.59
CA LYS B 936 0.69 -36.10 6.32
C LYS B 936 1.90 -36.96 6.67
N PRO B 937 2.37 -36.93 7.92
CA PRO B 937 3.61 -37.66 8.26
C PRO B 937 3.52 -39.15 8.03
N MET B 938 2.34 -39.75 8.20
CA MET B 938 2.20 -41.20 8.03
C MET B 938 2.50 -41.63 6.60
N GLU B 939 1.69 -41.18 5.64
CA GLU B 939 1.91 -41.57 4.25
C GLU B 939 3.09 -40.82 3.64
N GLY B 940 3.22 -39.53 3.95
CA GLY B 940 4.40 -38.78 3.53
C GLY B 940 4.22 -37.94 2.28
N ASN B 941 3.09 -37.28 2.14
CA ASN B 941 2.87 -36.38 1.00
C ASN B 941 1.77 -35.39 1.35
N PHE B 942 1.70 -34.32 0.58
CA PHE B 942 0.72 -33.27 0.83
C PHE B 942 -0.68 -33.74 0.47
N GLU B 943 -1.66 -33.10 1.11
CA GLU B 943 -3.07 -33.30 0.78
C GLU B 943 -3.77 -31.95 0.81
N GLU B 944 -4.52 -31.65 -0.26
CA GLU B 944 -5.23 -30.38 -0.37
C GLU B 944 -6.41 -30.41 0.60
N ILE B 945 -6.25 -29.77 1.75
CA ILE B 945 -7.33 -29.71 2.73
C ILE B 945 -8.49 -28.86 2.19
N ALA B 946 -8.17 -27.67 1.67
CA ALA B 946 -9.18 -26.77 1.15
C ALA B 946 -8.49 -25.78 0.21
N ARG B 947 -9.30 -25.10 -0.59
CA ARG B 947 -8.77 -24.14 -1.55
C ARG B 947 -9.83 -23.07 -1.83
N ASP B 948 -9.44 -21.81 -1.71
CA ASP B 948 -10.34 -20.72 -2.06
C ASP B 948 -10.55 -20.69 -3.58
N PHE B 949 -11.79 -20.46 -3.98
CA PHE B 949 -12.18 -20.54 -5.39
C PHE B 949 -12.52 -19.18 -5.99
N ASN B 950 -12.03 -18.10 -5.40
CA ASN B 950 -12.22 -16.77 -5.96
C ASN B 950 -10.90 -16.27 -6.53
N PRO B 951 -10.80 -15.97 -7.82
CA PRO B 951 -9.54 -15.46 -8.37
C PRO B 951 -9.22 -14.09 -7.80
N ASN B 952 -8.00 -13.95 -7.27
CA ASN B 952 -7.68 -12.75 -6.51
C ASN B 952 -6.32 -12.13 -6.83
N TRP B 953 -5.45 -12.77 -7.61
CA TRP B 953 -4.16 -12.15 -7.97
C TRP B 953 -3.35 -11.80 -6.73
N MET B 954 -2.88 -12.82 -6.01
CA MET B 954 -2.21 -12.64 -4.73
C MET B 954 -1.04 -11.67 -4.83
N SER B 955 -0.77 -10.98 -3.71
CA SER B 955 0.44 -10.21 -3.53
C SER B 955 1.20 -10.58 -2.26
N ALA B 956 0.50 -10.98 -1.21
CA ALA B 956 1.12 -11.52 0.00
C ALA B 956 0.07 -12.32 0.75
N VAL B 957 0.54 -13.29 1.55
CA VAL B 957 -0.34 -14.14 2.32
C VAL B 957 0.20 -14.24 3.75
N GLU B 958 -0.69 -14.62 4.66
CA GLU B 958 -0.34 -14.83 6.05
C GLU B 958 -1.40 -15.72 6.69
N ILE B 959 -0.97 -16.58 7.59
CA ILE B 959 -1.86 -17.49 8.31
C ILE B 959 -2.00 -16.96 9.73
N LEU B 960 -3.23 -16.63 10.12
CA LEU B 960 -3.48 -15.99 11.40
C LEU B 960 -3.67 -17.01 12.52
N ASP B 961 -4.71 -17.84 12.39
CA ASP B 961 -5.05 -18.91 13.32
C ASP B 961 -4.95 -20.23 12.56
N ASP B 962 -5.36 -21.32 13.20
CA ASP B 962 -5.50 -22.59 12.51
C ASP B 962 -6.68 -22.61 11.56
N ASP B 963 -7.56 -21.62 11.62
CA ASP B 963 -8.72 -21.54 10.74
C ASP B 963 -8.63 -20.34 9.80
N ASN B 964 -8.43 -19.14 10.32
CA ASN B 964 -8.41 -17.95 9.48
C ASN B 964 -7.09 -17.84 8.72
N PHE B 965 -7.17 -17.41 7.47
CA PHE B 965 -6.00 -17.18 6.62
C PHE B 965 -6.13 -15.80 5.98
N LEU B 966 -5.06 -15.01 6.10
CA LEU B 966 -5.04 -13.63 5.61
C LEU B 966 -4.40 -13.58 4.24
N GLY B 967 -5.02 -12.83 3.33
CA GLY B 967 -4.48 -12.66 2.00
C GLY B 967 -4.60 -11.22 1.54
N ALA B 968 -3.63 -10.82 0.72
CA ALA B 968 -3.56 -9.47 0.19
C ALA B 968 -3.73 -9.51 -1.33
N GLU B 969 -4.68 -8.74 -1.83
CA GLU B 969 -4.87 -8.60 -3.26
C GLU B 969 -3.83 -7.65 -3.85
N ASN B 970 -3.64 -7.74 -5.15
CA ASN B 970 -2.80 -6.79 -5.87
C ASN B 970 -3.56 -5.53 -6.25
N ALA B 971 -4.85 -5.47 -5.95
CA ALA B 971 -5.66 -4.27 -6.15
C ALA B 971 -5.87 -3.50 -4.86
N PHE B 972 -4.92 -3.57 -3.93
CA PHE B 972 -4.97 -2.84 -2.67
C PHE B 972 -6.18 -3.25 -1.82
N ASN B 973 -6.27 -4.55 -1.53
CA ASN B 973 -7.35 -5.09 -0.71
C ASN B 973 -6.81 -6.16 0.22
N LEU B 974 -7.53 -6.39 1.31
CA LEU B 974 -7.23 -7.44 2.26
C LEU B 974 -8.46 -8.33 2.40
N PHE B 975 -8.24 -9.64 2.58
CA PHE B 975 -9.34 -10.53 2.86
C PHE B 975 -8.89 -11.64 3.80
N VAL B 976 -9.86 -12.22 4.49
CA VAL B 976 -9.64 -13.33 5.41
C VAL B 976 -10.58 -14.45 5.01
N CYS B 977 -10.02 -15.63 4.78
CA CYS B 977 -10.79 -16.82 4.42
C CYS B 977 -10.72 -17.83 5.55
N GLN B 978 -11.85 -18.45 5.85
CA GLN B 978 -11.99 -19.31 7.02
C GLN B 978 -12.19 -20.76 6.56
N LYS B 979 -11.45 -21.67 7.19
CA LYS B 979 -11.67 -23.09 6.97
C LYS B 979 -12.97 -23.50 7.66
N ASP B 980 -13.98 -23.87 6.87
CA ASP B 980 -15.28 -24.17 7.43
C ASP B 980 -15.24 -25.43 8.29
N SER B 981 -15.83 -25.34 9.48
CA SER B 981 -15.92 -26.47 10.40
C SER B 981 -17.35 -26.93 10.63
N ALA B 982 -18.33 -26.01 10.60
CA ALA B 982 -19.72 -26.38 10.76
C ALA B 982 -20.31 -27.02 9.49
N ALA B 983 -19.58 -27.00 8.39
CA ALA B 983 -20.08 -27.58 7.15
C ALA B 983 -20.25 -29.09 7.29
N THR B 984 -21.29 -29.61 6.66
CA THR B 984 -21.55 -31.04 6.70
C THR B 984 -20.48 -31.80 5.91
N THR B 985 -20.36 -33.09 6.16
CA THR B 985 -19.33 -33.91 5.54
C THR B 985 -19.58 -34.03 4.04
N ASP B 986 -18.84 -33.26 3.25
CA ASP B 986 -18.99 -33.25 1.80
C ASP B 986 -17.82 -32.53 1.16
N GLU B 987 -17.92 -32.25 -0.15
CA GLU B 987 -16.93 -31.41 -0.81
C GLU B 987 -16.95 -29.98 -0.27
N GLU B 988 -17.99 -29.59 0.47
CA GLU B 988 -18.08 -28.25 1.02
C GLU B 988 -17.05 -27.99 2.13
N ARG B 989 -16.37 -29.02 2.62
CA ARG B 989 -15.23 -28.81 3.51
C ARG B 989 -13.98 -28.42 2.75
N GLN B 990 -13.99 -28.53 1.42
CA GLN B 990 -12.84 -28.22 0.59
C GLN B 990 -12.90 -26.80 0.05
N HIS B 991 -13.79 -25.96 0.57
CA HIS B 991 -13.94 -24.59 0.15
C HIS B 991 -13.52 -23.65 1.27
N LEU B 992 -12.63 -22.71 0.94
CA LEU B 992 -12.27 -21.64 1.86
C LEU B 992 -13.19 -20.45 1.59
N GLN B 993 -14.02 -20.12 2.58
CA GLN B 993 -15.03 -19.09 2.43
C GLN B 993 -14.43 -17.73 2.77
N GLU B 994 -14.46 -16.81 1.82
CA GLU B 994 -13.99 -15.45 2.07
C GLU B 994 -14.95 -14.76 3.02
N VAL B 995 -14.56 -14.69 4.30
CA VAL B 995 -15.43 -14.18 5.35
C VAL B 995 -15.13 -12.74 5.71
N GLY B 996 -13.90 -12.26 5.53
CA GLY B 996 -13.61 -10.87 5.80
C GLY B 996 -13.07 -10.14 4.58
N LEU B 997 -13.59 -8.95 4.29
CA LEU B 997 -13.17 -8.16 3.15
C LEU B 997 -12.87 -6.74 3.60
N PHE B 998 -11.83 -6.13 3.00
CA PHE B 998 -11.42 -4.80 3.39
C PHE B 998 -10.65 -4.17 2.24
N HIS B 999 -10.77 -2.86 2.09
CA HIS B 999 -10.01 -2.12 1.09
C HIS B 999 -8.96 -1.28 1.81
N LEU B 1000 -7.76 -1.85 1.94
CA LEU B 1000 -6.68 -1.14 2.62
C LEU B 1000 -6.27 0.10 1.86
N GLY B 1001 -6.23 0.03 0.53
CA GLY B 1001 -5.74 1.12 -0.27
C GLY B 1001 -4.24 1.14 -0.46
N GLU B 1002 -3.53 0.12 0.03
CA GLU B 1002 -2.08 0.03 -0.11
C GLU B 1002 -1.72 -1.36 -0.62
N PHE B 1003 -0.68 -1.41 -1.46
CA PHE B 1003 -0.21 -2.66 -2.04
C PHE B 1003 0.68 -3.37 -1.03
N VAL B 1004 0.13 -4.33 -0.31
CA VAL B 1004 0.88 -5.04 0.73
C VAL B 1004 1.95 -5.90 0.06
N ASN B 1005 3.19 -5.76 0.54
CA ASN B 1005 4.32 -6.50 -0.01
C ASN B 1005 4.79 -7.62 0.90
N VAL B 1006 4.77 -7.42 2.22
CA VAL B 1006 5.28 -8.42 3.14
C VAL B 1006 4.37 -8.51 4.35
N PHE B 1007 4.09 -9.74 4.79
CA PHE B 1007 3.39 -10.03 6.03
C PHE B 1007 4.37 -10.68 7.00
N CYS B 1008 4.29 -10.31 8.28
CA CYS B 1008 5.18 -10.87 9.29
C CYS B 1008 4.45 -10.94 10.62
N HIS B 1009 4.94 -11.81 11.49
CA HIS B 1009 4.36 -12.01 12.81
C HIS B 1009 5.25 -11.33 13.85
N GLY B 1010 4.66 -10.46 14.66
CA GLY B 1010 5.41 -9.79 15.70
C GLY B 1010 4.71 -8.52 16.14
N SER B 1011 5.40 -7.80 17.02
CA SER B 1011 4.89 -6.53 17.53
C SER B 1011 6.07 -5.62 17.84
N LEU B 1012 5.79 -4.31 17.83
CA LEU B 1012 6.80 -3.30 18.12
C LEU B 1012 6.72 -2.79 19.56
N VAL B 1013 5.84 -3.35 20.38
CA VAL B 1013 5.66 -2.91 21.76
C VAL B 1013 6.20 -4.00 22.68
N MET B 1014 6.23 -3.66 23.97
CA MET B 1014 6.68 -4.62 24.97
C MET B 1014 5.77 -5.84 25.01
N GLN B 1015 6.38 -7.02 25.02
CA GLN B 1015 5.64 -8.28 25.08
C GLN B 1015 5.61 -8.79 26.51
N ASN B 1016 4.83 -8.08 27.33
CA ASN B 1016 4.66 -8.45 28.73
C ASN B 1016 3.23 -8.16 29.15
N LEU B 1017 2.75 -8.97 30.10
CA LEU B 1017 1.39 -8.83 30.65
C LEU B 1017 0.34 -8.86 29.56
N GLY B 1018 0.58 -9.68 28.53
CA GLY B 1018 -0.36 -9.80 27.43
C GLY B 1018 -1.51 -10.75 27.67
N GLU B 1019 -1.52 -11.45 28.79
CA GLU B 1019 -2.58 -12.39 29.12
C GLU B 1019 -3.69 -11.78 29.97
N THR B 1020 -3.61 -10.49 30.28
CA THR B 1020 -4.59 -9.85 31.13
C THR B 1020 -5.85 -9.48 30.36
N SER B 1021 -6.46 -10.47 29.70
CA SER B 1021 -7.71 -10.28 28.96
C SER B 1021 -7.61 -9.14 27.96
N THR B 1022 -6.53 -9.13 27.19
CA THR B 1022 -6.36 -8.09 26.17
C THR B 1022 -7.44 -8.25 25.10
N PRO B 1023 -7.99 -7.15 24.59
CA PRO B 1023 -9.05 -7.26 23.58
C PRO B 1023 -8.60 -7.91 22.29
N THR B 1024 -7.34 -7.75 21.90
CA THR B 1024 -6.84 -8.23 20.62
C THR B 1024 -5.92 -9.43 20.81
N GLN B 1025 -6.13 -10.45 19.98
CA GLN B 1025 -5.32 -11.67 20.02
C GLN B 1025 -4.39 -11.68 18.81
N GLY B 1026 -3.10 -11.90 19.07
CA GLY B 1026 -2.12 -11.95 18.00
C GLY B 1026 -1.74 -10.57 17.51
N SER B 1027 -0.79 -10.56 16.58
CA SER B 1027 -0.30 -9.32 16.00
C SER B 1027 0.44 -9.60 14.70
N VAL B 1028 0.00 -8.99 13.61
CA VAL B 1028 0.62 -9.18 12.29
C VAL B 1028 0.99 -7.82 11.73
N LEU B 1029 2.27 -7.66 11.36
CA LEU B 1029 2.77 -6.44 10.76
C LEU B 1029 2.88 -6.64 9.26
N PHE B 1030 2.25 -5.75 8.49
CA PHE B 1030 2.36 -5.80 7.03
C PHE B 1030 3.02 -4.53 6.52
N GLY B 1031 3.96 -4.70 5.61
CA GLY B 1031 4.66 -3.60 4.96
C GLY B 1031 4.28 -3.53 3.49
N THR B 1032 3.98 -2.32 3.04
CA THR B 1032 3.43 -2.07 1.72
C THR B 1032 4.45 -1.35 0.85
N VAL B 1033 4.06 -1.12 -0.41
CA VAL B 1033 4.98 -0.53 -1.39
C VAL B 1033 5.10 0.98 -1.17
N ASN B 1034 4.10 1.59 -0.51
CA ASN B 1034 4.14 3.03 -0.29
C ASN B 1034 4.96 3.41 0.93
N GLY B 1035 5.50 2.45 1.66
CA GLY B 1035 6.29 2.73 2.83
C GLY B 1035 5.54 2.80 4.13
N MET B 1036 4.31 2.28 4.20
CA MET B 1036 3.53 2.28 5.41
C MET B 1036 3.53 0.89 6.03
N ILE B 1037 3.43 0.85 7.36
CA ILE B 1037 3.41 -0.38 8.13
C ILE B 1037 2.10 -0.44 8.89
N GLY B 1038 1.43 -1.59 8.84
CA GLY B 1038 0.13 -1.74 9.47
C GLY B 1038 0.09 -2.95 10.37
N LEU B 1039 -0.87 -2.93 11.30
CA LEU B 1039 -1.09 -3.96 12.28
C LEU B 1039 -2.46 -4.58 12.05
N VAL B 1040 -2.51 -5.91 11.99
CA VAL B 1040 -3.74 -6.68 11.95
C VAL B 1040 -3.77 -7.55 13.20
N THR B 1041 -4.81 -7.39 14.01
CA THR B 1041 -5.01 -8.17 15.22
C THR B 1041 -6.44 -8.65 15.28
N SER B 1042 -6.62 -9.91 15.64
CA SER B 1042 -7.96 -10.49 15.71
C SER B 1042 -8.72 -9.98 16.94
N LEU B 1043 -10.02 -9.82 16.78
CA LEU B 1043 -10.90 -9.36 17.85
C LEU B 1043 -11.95 -10.42 18.15
N SER B 1044 -12.45 -10.42 19.38
CA SER B 1044 -13.56 -11.27 19.74
C SER B 1044 -14.85 -10.75 19.12
N GLU B 1045 -15.87 -11.61 19.08
CA GLU B 1045 -17.11 -11.26 18.39
C GLU B 1045 -17.80 -10.08 19.05
N SER B 1046 -17.89 -10.08 20.38
CA SER B 1046 -18.54 -8.97 21.07
C SER B 1046 -17.79 -7.67 20.89
N TRP B 1047 -16.46 -7.73 21.00
CA TRP B 1047 -15.65 -6.53 20.77
C TRP B 1047 -15.77 -6.06 19.33
N TYR B 1048 -15.84 -7.00 18.38
CA TYR B 1048 -16.02 -6.63 16.99
C TYR B 1048 -17.36 -5.92 16.78
N ASN B 1049 -18.43 -6.43 17.38
CA ASN B 1049 -19.73 -5.78 17.24
C ASN B 1049 -19.72 -4.39 17.85
N LEU B 1050 -19.12 -4.24 19.03
CA LEU B 1050 -19.03 -2.92 19.65
C LEU B 1050 -18.22 -1.97 18.78
N LEU B 1051 -17.11 -2.45 18.21
CA LEU B 1051 -16.28 -1.59 17.37
C LEU B 1051 -17.00 -1.23 16.08
N LEU B 1052 -17.79 -2.15 15.53
CA LEU B 1052 -18.55 -1.83 14.32
C LEU B 1052 -19.62 -0.77 14.60
N ASP B 1053 -20.31 -0.89 15.74
CA ASP B 1053 -21.25 0.16 16.13
C ASP B 1053 -20.54 1.49 16.31
N MET B 1054 -19.37 1.48 16.96
CA MET B 1054 -18.58 2.69 17.13
C MET B 1054 -18.19 3.28 15.79
N GLN B 1055 -17.81 2.43 14.84
CA GLN B 1055 -17.44 2.90 13.51
C GLN B 1055 -18.61 3.56 12.80
N ASN B 1056 -19.80 2.94 12.87
CA ASN B 1056 -20.97 3.55 12.24
C ASN B 1056 -21.32 4.88 12.88
N ARG B 1057 -21.28 4.96 14.21
CA ARG B 1057 -21.63 6.21 14.87
C ARG B 1057 -20.59 7.30 14.56
N LEU B 1058 -19.31 6.94 14.54
CA LEU B 1058 -18.29 7.93 14.19
C LEU B 1058 -18.46 8.41 12.75
N ASN B 1059 -18.77 7.50 11.83
CA ASN B 1059 -19.00 7.91 10.46
C ASN B 1059 -20.20 8.85 10.36
N LYS B 1060 -21.23 8.60 11.17
CA LYS B 1060 -22.35 9.53 11.21
C LYS B 1060 -21.93 10.90 11.75
N VAL B 1061 -21.04 10.92 12.75
CA VAL B 1061 -20.76 12.16 13.46
C VAL B 1061 -19.65 12.95 12.75
N ILE B 1062 -18.49 12.32 12.51
CA ILE B 1062 -17.36 13.05 11.95
C ILE B 1062 -17.57 13.26 10.46
N LYS B 1063 -16.91 14.28 9.92
CA LYS B 1063 -17.04 14.66 8.52
C LYS B 1063 -15.72 14.43 7.79
N SER B 1064 -15.77 13.74 6.66
CA SER B 1064 -14.59 13.51 5.87
C SER B 1064 -14.12 14.80 5.21
N VAL B 1065 -12.83 14.85 4.90
CA VAL B 1065 -12.26 16.08 4.32
C VAL B 1065 -12.77 16.28 2.90
N GLY B 1066 -12.96 15.21 2.14
CA GLY B 1066 -13.52 15.29 0.82
C GLY B 1066 -14.99 14.92 0.73
N LYS B 1067 -15.67 14.82 1.86
CA LYS B 1067 -17.06 14.37 1.92
C LYS B 1067 -17.23 13.02 1.24
N ILE B 1068 -16.25 12.14 1.45
CA ILE B 1068 -16.28 10.79 0.89
C ILE B 1068 -16.82 9.85 1.96
N GLU B 1069 -17.79 9.01 1.59
CA GLU B 1069 -18.31 8.03 2.53
C GLU B 1069 -17.22 7.04 2.90
N HIS B 1070 -17.07 6.78 4.21
CA HIS B 1070 -16.06 5.85 4.66
C HIS B 1070 -16.36 4.43 4.20
N SER B 1071 -17.63 4.04 4.20
CA SER B 1071 -18.00 2.72 3.74
C SER B 1071 -17.66 2.53 2.26
N PHE B 1072 -17.84 3.56 1.45
CA PHE B 1072 -17.42 3.48 0.05
C PHE B 1072 -15.91 3.35 -0.07
N TRP B 1073 -15.17 4.11 0.74
CA TRP B 1073 -13.70 4.05 0.67
C TRP B 1073 -13.19 2.69 1.09
N ARG B 1074 -13.73 2.13 2.17
CA ARG B 1074 -13.24 0.87 2.70
C ARG B 1074 -13.85 -0.35 2.03
N SER B 1075 -14.86 -0.18 1.18
CA SER B 1075 -15.50 -1.31 0.53
C SER B 1075 -14.55 -2.03 -0.39
N PHE B 1076 -14.59 -3.36 -0.36
CA PHE B 1076 -13.74 -4.17 -1.21
C PHE B 1076 -13.97 -3.80 -2.67
N HIS B 1077 -12.90 -3.48 -3.39
CA HIS B 1077 -12.99 -2.98 -4.75
C HIS B 1077 -12.08 -3.77 -5.67
N THR B 1078 -12.62 -4.12 -6.84
CA THR B 1078 -11.88 -4.79 -7.89
C THR B 1078 -12.57 -4.45 -9.20
N GLU B 1079 -11.87 -4.71 -10.32
CA GLU B 1079 -12.45 -4.42 -11.62
C GLU B 1079 -13.76 -5.17 -11.85
N ARG B 1080 -13.97 -6.28 -11.14
CA ARG B 1080 -15.18 -7.08 -11.33
C ARG B 1080 -16.22 -6.87 -10.23
N LYS B 1081 -15.80 -6.84 -8.97
CA LYS B 1081 -16.74 -6.81 -7.86
C LYS B 1081 -16.41 -5.64 -6.94
N THR B 1082 -17.45 -5.13 -6.28
CA THR B 1082 -17.33 -4.00 -5.36
C THR B 1082 -18.12 -4.30 -4.07
N GLU B 1083 -17.89 -5.48 -3.52
CA GLU B 1083 -18.61 -5.90 -2.33
C GLU B 1083 -18.24 -5.02 -1.13
N PRO B 1084 -19.20 -4.64 -0.29
CA PRO B 1084 -18.87 -3.84 0.90
C PRO B 1084 -17.99 -4.61 1.87
N ALA B 1085 -17.18 -3.86 2.62
CA ALA B 1085 -16.24 -4.48 3.56
C ALA B 1085 -16.98 -5.09 4.74
N THR B 1086 -16.61 -6.33 5.07
CA THR B 1086 -17.15 -7.03 6.23
C THR B 1086 -16.00 -7.69 6.99
N GLY B 1087 -16.23 -7.91 8.29
CA GLY B 1087 -15.25 -8.60 9.11
C GLY B 1087 -13.93 -7.88 9.25
N PHE B 1088 -13.94 -6.55 9.26
CA PHE B 1088 -12.73 -5.77 9.43
C PHE B 1088 -13.09 -4.45 10.10
N ILE B 1089 -12.23 -4.00 11.01
CA ILE B 1089 -12.43 -2.77 11.76
C ILE B 1089 -11.30 -1.82 11.41
N ASP B 1090 -11.66 -0.60 10.99
CA ASP B 1090 -10.68 0.41 10.64
C ASP B 1090 -10.08 0.98 11.92
N GLY B 1091 -8.82 0.65 12.18
CA GLY B 1091 -8.18 1.12 13.40
C GLY B 1091 -8.00 2.63 13.42
N ASP B 1092 -7.74 3.22 12.26
CA ASP B 1092 -7.57 4.68 12.19
C ASP B 1092 -8.86 5.40 12.57
N LEU B 1093 -10.00 4.94 12.06
CA LEU B 1093 -11.27 5.57 12.40
C LEU B 1093 -11.59 5.37 13.88
N ILE B 1094 -11.32 4.18 14.41
CA ILE B 1094 -11.57 3.92 15.83
C ILE B 1094 -10.71 4.83 16.70
N GLU B 1095 -9.43 4.98 16.34
CA GLU B 1095 -8.54 5.83 17.11
C GLU B 1095 -8.86 7.30 16.95
N SER B 1096 -9.50 7.70 15.84
CA SER B 1096 -9.89 9.09 15.65
C SER B 1096 -10.97 9.53 16.63
N PHE B 1097 -11.57 8.59 17.37
CA PHE B 1097 -12.56 8.96 18.37
C PHE B 1097 -11.96 9.84 19.46
N LEU B 1098 -10.65 9.71 19.70
CA LEU B 1098 -10.00 10.51 20.73
C LEU B 1098 -9.73 11.95 20.30
N ASP B 1099 -9.82 12.26 19.02
CA ASP B 1099 -9.51 13.60 18.51
C ASP B 1099 -10.74 14.48 18.36
N ILE B 1100 -11.93 13.98 18.64
CA ILE B 1100 -13.16 14.75 18.50
C ILE B 1100 -13.46 15.41 19.83
N SER B 1101 -14.13 16.56 19.78
CA SER B 1101 -14.38 17.34 20.98
C SER B 1101 -15.36 16.62 21.90
N ARG B 1102 -15.38 17.02 23.16
CA ARG B 1102 -16.24 16.38 24.15
C ARG B 1102 -17.72 16.43 23.80
N PRO B 1103 -18.30 17.55 23.34
CA PRO B 1103 -19.68 17.50 22.85
C PRO B 1103 -19.86 16.52 21.70
N LYS B 1104 -18.88 16.44 20.79
CA LYS B 1104 -18.96 15.46 19.72
C LYS B 1104 -18.80 14.04 20.25
N MET B 1105 -17.99 13.88 21.30
CA MET B 1105 -17.86 12.57 21.94
C MET B 1105 -19.19 12.13 22.54
N GLN B 1106 -19.91 13.06 23.17
CA GLN B 1106 -21.21 12.74 23.73
C GLN B 1106 -22.26 12.54 22.63
N GLU B 1107 -22.05 13.16 21.47
CA GLU B 1107 -22.93 12.90 20.33
C GLU B 1107 -22.82 11.44 19.90
N VAL B 1108 -21.60 10.91 19.84
CA VAL B 1108 -21.39 9.48 19.68
C VAL B 1108 -21.78 8.82 20.99
N VAL B 1109 -21.95 7.50 20.98
CA VAL B 1109 -22.26 6.68 22.16
C VAL B 1109 -23.46 7.24 22.94
N ALA B 1110 -24.30 8.02 22.25
CA ALA B 1110 -25.47 8.61 22.90
C ALA B 1110 -26.42 7.54 23.41
N ASN B 1111 -26.67 6.52 22.61
CA ASN B 1111 -27.60 5.44 22.95
C ASN B 1111 -26.96 4.09 22.72
N LEU B 1112 -25.72 3.92 23.18
CA LEU B 1112 -24.97 2.69 23.02
C LEU B 1112 -24.92 1.94 24.36
N GLN B 1113 -25.15 0.64 24.31
CA GLN B 1113 -25.14 -0.21 25.49
C GLN B 1113 -23.80 -0.92 25.61
N TYR B 1114 -23.17 -0.79 26.78
CA TYR B 1114 -21.87 -1.38 27.04
C TYR B 1114 -21.97 -2.31 28.24
N ASP B 1115 -21.50 -3.54 28.08
CA ASP B 1115 -21.48 -4.54 29.15
C ASP B 1115 -20.05 -4.66 29.66
N ASP B 1116 -19.70 -3.81 30.64
CA ASP B 1116 -18.34 -3.78 31.18
C ASP B 1116 -18.21 -4.66 32.41
N GLY B 1117 -18.93 -4.33 33.48
CA GLY B 1117 -18.81 -5.10 34.71
C GLY B 1117 -19.33 -6.52 34.58
N SER B 1118 -20.49 -6.68 33.93
CA SER B 1118 -21.12 -7.98 33.79
C SER B 1118 -22.07 -8.00 32.61
N GLY B 1119 -22.93 -9.03 32.54
CA GLY B 1119 -23.81 -9.19 31.39
C GLY B 1119 -24.75 -8.02 31.18
N MET B 1120 -25.07 -7.30 32.25
CA MET B 1120 -25.92 -6.11 32.13
C MET B 1120 -25.21 -5.05 31.28
N LYS B 1121 -25.96 -4.44 30.38
CA LYS B 1121 -25.43 -3.43 29.46
C LYS B 1121 -25.96 -2.07 29.88
N ARG B 1122 -25.14 -1.31 30.60
CA ARG B 1122 -25.51 0.03 31.00
C ARG B 1122 -25.40 0.99 29.81
N GLU B 1123 -26.03 2.16 29.97
CA GLU B 1123 -25.89 3.21 28.98
C GLU B 1123 -24.45 3.72 28.96
N ALA B 1124 -23.71 3.39 27.91
CA ALA B 1124 -22.28 3.67 27.88
C ALA B 1124 -22.01 5.17 27.93
N THR B 1125 -21.07 5.57 28.78
CA THR B 1125 -20.63 6.94 28.85
C THR B 1125 -19.41 7.15 27.95
N ALA B 1126 -18.98 8.40 27.86
CA ALA B 1126 -17.80 8.71 27.05
C ALA B 1126 -16.53 8.14 27.68
N ASP B 1127 -16.48 8.09 29.01
CA ASP B 1127 -15.26 7.66 29.70
C ASP B 1127 -14.94 6.19 29.41
N ASP B 1128 -15.96 5.33 29.43
CA ASP B 1128 -15.74 3.92 29.09
C ASP B 1128 -15.23 3.78 27.66
N LEU B 1129 -15.80 4.57 26.74
CA LEU B 1129 -15.41 4.49 25.34
C LEU B 1129 -13.97 4.97 25.15
N ILE B 1130 -13.58 6.03 25.86
CA ILE B 1130 -12.20 6.48 25.82
C ILE B 1130 -11.29 5.38 26.35
N LYS B 1131 -11.70 4.72 27.43
CA LYS B 1131 -10.90 3.63 27.97
C LYS B 1131 -10.70 2.54 26.93
N VAL B 1132 -11.77 2.15 26.24
CA VAL B 1132 -11.69 1.10 25.24
C VAL B 1132 -10.76 1.52 24.11
N VAL B 1133 -10.89 2.77 23.63
CA VAL B 1133 -10.11 3.22 22.50
C VAL B 1133 -8.63 3.31 22.86
N GLU B 1134 -8.33 3.80 24.07
CA GLU B 1134 -6.93 3.87 24.51
C GLU B 1134 -6.33 2.49 24.68
N GLU B 1135 -7.09 1.55 25.25
CA GLU B 1135 -6.60 0.18 25.37
C GLU B 1135 -6.33 -0.42 24.00
N LEU B 1136 -7.17 -0.09 23.02
CA LEU B 1136 -6.93 -0.55 21.65
C LEU B 1136 -5.67 0.07 21.08
N THR B 1137 -5.45 1.36 21.33
CA THR B 1137 -4.30 2.05 20.76
C THR B 1137 -3.00 1.75 21.46
N ARG B 1138 -3.04 1.10 22.63
CA ARG B 1138 -1.80 0.68 23.28
C ARG B 1138 -1.01 -0.28 22.41
N ILE B 1139 -1.70 -1.23 21.77
CA ILE B 1139 -1.01 -2.23 20.96
C ILE B 1139 -0.40 -1.60 19.71
N HIS B 1140 -0.95 -0.47 19.28
CA HIS B 1140 -0.52 0.17 18.04
C HIS B 1140 0.86 0.79 18.17
N MET C 1 28.77 31.80 -14.22
CA MET C 1 28.28 33.15 -14.02
C MET C 1 27.51 33.63 -15.25
N ALA C 2 27.29 32.72 -16.20
CA ALA C 2 26.52 33.04 -17.39
C ALA C 2 25.03 32.99 -17.06
N ASP C 3 24.22 33.33 -18.07
CA ASP C 3 22.77 33.36 -17.91
C ASP C 3 22.17 31.95 -17.92
N PHE C 4 23.04 30.93 -17.88
CA PHE C 4 22.57 29.56 -17.85
C PHE C 4 21.81 29.24 -16.57
N LEU C 5 22.29 29.77 -15.43
CA LEU C 5 21.67 29.49 -14.14
C LEU C 5 21.46 30.72 -13.26
N LYS C 6 22.15 31.83 -13.53
CA LYS C 6 21.99 33.00 -12.69
C LYS C 6 20.61 33.63 -12.91
N GLY C 7 20.13 34.32 -11.88
CA GLY C 7 18.84 34.97 -11.95
C GLY C 7 17.65 34.08 -11.71
N LEU C 8 17.78 33.07 -10.85
CA LEU C 8 16.66 32.20 -10.55
C LEU C 8 15.57 33.00 -9.83
N PRO C 9 14.29 32.68 -10.08
CA PRO C 9 13.20 33.47 -9.51
C PRO C 9 13.22 33.44 -7.99
N VAL C 10 12.90 34.59 -7.39
CA VAL C 10 12.81 34.74 -5.95
C VAL C 10 11.48 35.41 -5.63
N TYR C 11 10.81 34.94 -4.57
CA TYR C 11 9.60 35.60 -4.10
C TYR C 11 10.00 36.76 -3.18
N ASN C 12 10.71 36.44 -2.11
CA ASN C 12 11.34 37.44 -1.26
C ASN C 12 12.72 36.95 -0.86
N LYS C 13 13.63 37.90 -0.62
CA LYS C 13 15.02 37.57 -0.37
C LYS C 13 15.22 36.82 0.94
N SER C 14 14.23 36.83 1.82
CA SER C 14 14.39 36.30 3.17
C SER C 14 13.76 34.91 3.35
N ASN C 15 13.38 34.24 2.27
CA ASN C 15 12.67 32.97 2.41
C ASN C 15 13.58 31.82 2.81
N PHE C 16 14.90 31.90 2.57
CA PHE C 16 15.79 30.84 3.01
C PHE C 16 17.12 31.38 3.55
N SER C 17 17.18 32.64 3.99
CA SER C 17 18.43 33.24 4.41
C SER C 17 18.95 32.66 5.72
N ARG C 18 18.10 31.99 6.48
CA ARG C 18 18.48 31.45 7.79
C ARG C 18 17.96 30.03 7.96
N PHE C 19 17.94 29.27 6.85
CA PHE C 19 17.65 27.84 6.87
C PHE C 19 18.48 27.09 7.90
#